data_2XM1
#
_entry.id   2XM1
#
_cell.length_a   51.398
_cell.length_b   94.081
_cell.length_c   99.462
_cell.angle_alpha   104.70
_cell.angle_beta   94.02
_cell.angle_gamma   102.92
#
_symmetry.space_group_name_H-M   'P 1'
#
loop_
_entity.id
_entity.type
_entity.pdbx_description
1 polymer 'O-GLCNACASE BT_4395'
2 non-polymer GLYCEROL
3 non-polymer 'N-ACETYL GLUCONOLACTAM'
4 water water
#
_entity_poly.entity_id   1
_entity_poly.type   'polypeptide(L)'
_entity_poly.pdbx_seq_one_letter_code
;QNVSLQPPPQQLIVQNKTIDLPAVYQLNGGEEANPHAVKVLKELLSGKQSSKKGMLISIGEKGDKSVRKYSRQIPDHKEG
YYLSVNEKEIVLAGNDERGTYYALQTFAQLLKDGKLPEVEIKDYPSVRYRGVVEGFYGTPWSHQARLSQLKFYGKNKMNT
YIYGPKDDPYHSAPNWRLPYPDKEAAQLQELVAVANENEVDFVWAIHPGQDIKWNKEDRDLLLAKFEKMYQLGVRSFAVF
FDDISGEGTNPQKQAELLNYIDEKFAQVKPDINQLVMCPTEYNKSWSNPNGNYLTTLGDKLNPSIQIMWTGDRVISDITR
DGISWINERIKRPAYIWWNFPVSDYVRDHLLLGPVYGNDTTIAKEMSGFVTNPMEHAESSKIAIYSVASYAWNPAKYDTW
QTWKDAIRTILPSAAEELECFAMHNSDLGPNGHGYRREESMDIQPAAERFLKAFKEGKNYDKADFETLQYTFERMKESAD
ILLMNTENKPLIVEITPWVHQFKLTAEMGEEVLKMVEGRNESYFLRKYNHVKALQQQMFYIDQTSNQNPYQPGVKTATRV
IKPLIDRTFATVVKFFNQKFNAHLDATTDYMPHKMISNVEQIKNLPLQVKANRVLISPANEVVKWAAGNSVEIELDAIYP
GENIQINFGKDAPCTWGRLEISTDGKEWKTVDLKQKESRLSAGLQKAPVKFVRFTNVSDEEQQVYLRQFVLTIEKK
;
_entity_poly.pdbx_strand_id   A,B
#
loop_
_chem_comp.id
_chem_comp.type
_chem_comp.name
_chem_comp.formula
GOL non-polymer GLYCEROL 'C3 H8 O3'
LTM saccharide 'N-ACETYL GLUCONOLACTAM' 'C8 H14 N2 O5'
#
# COMPACT_ATOMS: atom_id res chain seq x y z
N SER A 4 15.82 -2.67 39.63
CA SER A 4 15.59 -2.43 38.22
C SER A 4 15.17 -0.98 37.99
N LEU A 5 16.12 -0.14 37.60
CA LEU A 5 15.84 1.28 37.32
C LEU A 5 14.96 1.45 36.08
N GLN A 6 13.92 2.25 36.22
CA GLN A 6 13.00 2.52 35.12
C GLN A 6 12.71 4.01 35.03
N PRO A 7 12.91 4.60 33.86
CA PRO A 7 13.58 4.00 32.71
C PRO A 7 15.04 3.65 33.05
N PRO A 8 15.61 2.64 32.38
CA PRO A 8 17.04 2.41 32.61
C PRO A 8 17.90 3.58 32.10
N PRO A 9 18.90 3.99 32.89
CA PRO A 9 19.78 5.07 32.40
C PRO A 9 20.62 4.72 31.15
N GLN A 10 21.04 5.75 30.45
CA GLN A 10 21.86 5.60 29.25
C GLN A 10 23.18 4.92 29.60
N GLN A 11 23.76 5.32 30.71
CA GLN A 11 25.00 4.74 31.17
C GLN A 11 24.99 4.58 32.67
N LEU A 12 25.50 3.44 33.12
CA LEU A 12 25.49 3.08 34.51
C LEU A 12 26.70 2.23 34.87
N ILE A 13 27.42 2.64 35.90
CA ILE A 13 28.52 1.86 36.45
C ILE A 13 28.24 1.62 37.92
N VAL A 14 28.12 0.36 38.30
CA VAL A 14 27.83 -0.02 39.68
C VAL A 14 29.07 -0.64 40.33
N GLN A 15 29.17 -0.52 41.64
CA GLN A 15 30.32 -1.05 42.36
C GLN A 15 30.00 -2.34 43.15
N ASN A 16 28.73 -2.72 43.19
CA ASN A 16 28.33 -3.87 44.00
C ASN A 16 28.77 -3.72 45.48
N LYS A 17 28.80 -2.45 45.92
CA LYS A 17 28.91 -2.08 47.32
C LYS A 17 27.69 -1.23 47.64
N THR A 18 27.32 -1.13 48.91
CA THR A 18 26.29 -0.18 49.34
C THR A 18 26.82 0.72 50.44
N ILE A 19 26.22 1.89 50.58
CA ILE A 19 26.45 2.77 51.73
C ILE A 19 25.12 3.06 52.39
N ASP A 20 25.15 3.62 53.60
CA ASP A 20 23.97 4.11 54.27
C ASP A 20 23.68 5.51 53.77
N LEU A 21 22.41 5.82 53.51
CA LEU A 21 21.96 7.19 53.36
C LEU A 21 22.42 7.95 54.61
N PRO A 22 23.16 9.07 54.42
CA PRO A 22 23.83 9.78 55.51
C PRO A 22 22.88 10.35 56.57
N ALA A 23 23.06 9.92 57.81
CA ALA A 23 22.31 10.41 58.94
C ALA A 23 22.62 11.87 59.21
N VAL A 24 23.83 12.28 58.86
CA VAL A 24 24.23 13.67 58.93
C VAL A 24 24.89 14.00 57.62
N TYR A 25 24.53 15.14 57.03
CA TYR A 25 24.95 15.46 55.69
C TYR A 25 25.10 16.96 55.51
N GLN A 26 25.97 17.37 54.60
CA GLN A 26 26.02 18.77 54.23
C GLN A 26 25.44 18.94 52.84
N LEU A 27 24.44 19.80 52.74
CA LEU A 27 23.77 20.04 51.47
C LEU A 27 24.31 21.29 50.82
N ASN A 28 24.73 21.13 49.58
CA ASN A 28 25.30 22.21 48.78
C ASN A 28 24.48 22.44 47.53
N GLY A 29 23.94 23.64 47.39
CA GLY A 29 23.19 24.05 46.21
C GLY A 29 21.67 24.03 46.36
N GLY A 30 21.21 23.84 47.59
CA GLY A 30 19.77 23.73 47.88
C GLY A 30 19.01 24.98 47.55
N GLU A 31 19.69 26.12 47.61
CA GLU A 31 19.05 27.38 47.33
C GLU A 31 19.03 27.74 45.84
N GLU A 32 19.96 27.19 45.07
CA GLU A 32 20.13 27.51 43.65
C GLU A 32 19.53 26.48 42.68
N ALA A 33 19.30 25.26 43.14
CA ALA A 33 18.77 24.19 42.31
C ALA A 33 17.24 24.17 42.13
N ASN A 34 16.78 23.48 41.09
CA ASN A 34 15.37 23.28 40.84
C ASN A 34 14.65 23.00 42.14
N PRO A 35 13.79 23.91 42.55
CA PRO A 35 13.00 23.75 43.76
C PRO A 35 12.20 22.44 43.74
N HIS A 36 11.70 22.03 42.58
CA HIS A 36 10.97 20.74 42.51
C HIS A 36 11.88 19.58 42.89
N ALA A 37 13.14 19.65 42.47
CA ALA A 37 14.12 18.60 42.79
C ALA A 37 14.53 18.62 44.27
N VAL A 38 14.75 19.83 44.82
CA VAL A 38 15.17 20.01 46.22
C VAL A 38 14.08 19.52 47.21
N LYS A 39 12.83 19.77 46.85
CA LYS A 39 11.71 19.24 47.64
C LYS A 39 11.73 17.69 47.78
N VAL A 40 11.97 17.01 46.68
CA VAL A 40 12.07 15.55 46.71
C VAL A 40 13.26 15.08 47.53
N LEU A 41 14.39 15.72 47.34
CA LEU A 41 15.57 15.41 48.12
C LEU A 41 15.30 15.59 49.59
N LYS A 42 14.64 16.68 49.94
CA LYS A 42 14.39 16.96 51.34
C LYS A 42 13.42 15.98 51.99
N GLU A 43 12.49 15.42 51.21
CA GLU A 43 11.54 14.42 51.68
C GLU A 43 12.24 13.08 51.93
N LEU A 44 13.23 12.78 51.11
CA LEU A 44 14.04 11.58 51.26
C LEU A 44 14.93 11.64 52.51
N LEU A 45 15.46 12.83 52.80
CA LEU A 45 16.33 13.03 53.94
C LEU A 45 15.56 13.39 55.22
N SER A 46 14.26 13.19 55.23
CA SER A 46 13.51 13.55 56.42
C SER A 46 13.99 12.68 57.57
N GLY A 47 13.90 13.25 58.76
CA GLY A 47 14.35 12.58 59.96
C GLY A 47 15.81 12.82 60.16
N LYS A 48 16.57 12.78 59.08
CA LYS A 48 17.98 13.10 59.11
C LYS A 48 18.09 14.59 59.31
N GLN A 49 19.31 15.11 59.38
CA GLN A 49 19.44 16.56 59.50
C GLN A 49 20.79 17.13 59.06
N SER A 50 20.72 18.33 58.51
CA SER A 50 21.87 18.93 57.84
C SER A 50 22.77 19.70 58.79
N SER A 51 24.06 19.65 58.51
CA SER A 51 25.07 20.44 59.23
C SER A 51 26.21 20.80 58.27
N LYS A 52 27.30 21.34 58.82
CA LYS A 52 28.51 21.59 58.04
C LYS A 52 29.46 20.37 58.05
N LYS A 53 29.17 19.41 58.93
CA LYS A 53 29.91 18.13 58.99
C LYS A 53 29.29 17.12 58.03
N GLY A 54 29.68 15.85 58.15
CA GLY A 54 29.02 14.75 57.45
C GLY A 54 29.07 14.77 55.93
N MET A 55 28.59 13.69 55.32
CA MET A 55 28.65 13.50 53.86
C MET A 55 28.20 14.72 53.07
N LEU A 56 28.95 15.08 52.03
CA LEU A 56 28.51 16.13 51.13
C LEU A 56 27.48 15.58 50.15
N ILE A 57 26.40 16.33 49.98
CA ILE A 57 25.41 16.08 48.93
C ILE A 57 25.30 17.35 48.11
N SER A 58 25.67 17.24 46.84
CA SER A 58 25.70 18.39 45.96
C SER A 58 24.57 18.30 44.94
N ILE A 59 23.76 19.34 44.86
CA ILE A 59 22.63 19.39 43.92
C ILE A 59 22.64 20.69 43.15
N GLY A 60 22.34 20.63 41.85
CA GLY A 60 22.32 21.85 41.04
C GLY A 60 22.24 21.57 39.56
N GLU A 61 22.07 22.63 38.79
CA GLU A 61 22.13 22.60 37.35
C GLU A 61 23.53 23.02 36.90
N LYS A 62 23.99 22.49 35.77
CA LYS A 62 25.18 22.98 35.09
C LYS A 62 25.21 24.51 35.12
N GLY A 63 26.30 25.07 35.63
CA GLY A 63 26.40 26.52 35.79
C GLY A 63 26.27 26.99 37.23
N ASP A 64 25.59 26.22 38.08
CA ASP A 64 25.51 26.52 39.51
C ASP A 64 26.89 26.28 40.15
N LYS A 65 27.18 27.01 41.24
CA LYS A 65 28.42 26.87 42.01
C LYS A 65 28.56 25.48 42.62
N SER A 66 27.44 24.96 43.12
CA SER A 66 27.40 23.64 43.77
C SER A 66 27.95 22.48 42.91
N VAL A 67 27.85 22.58 41.60
CA VAL A 67 28.19 21.43 40.75
C VAL A 67 29.35 21.69 39.78
N ARG A 68 30.13 22.73 40.05
CA ARG A 68 31.26 23.11 39.18
C ARG A 68 32.26 21.98 38.93
N LYS A 69 32.53 21.21 39.98
CA LYS A 69 33.47 20.08 39.94
C LYS A 69 33.05 19.00 38.92
N TYR A 70 31.74 18.91 38.64
CA TYR A 70 31.19 17.82 37.84
C TYR A 70 30.77 18.23 36.45
N SER A 71 31.02 19.48 36.08
CA SER A 71 30.56 20.07 34.82
C SER A 71 30.88 19.22 33.58
N ARG A 72 32.00 18.50 33.61
CA ARG A 72 32.42 17.64 32.50
C ARG A 72 31.65 16.32 32.47
N GLN A 73 31.15 15.89 33.63
CA GLN A 73 30.39 14.64 33.68
C GLN A 73 28.91 14.77 33.35
N ILE A 74 28.37 15.99 33.40
CA ILE A 74 26.97 16.24 33.10
C ILE A 74 26.68 16.10 31.61
N PRO A 75 25.82 15.18 31.22
CA PRO A 75 25.55 15.03 29.78
C PRO A 75 25.09 16.32 29.12
N ASP A 76 25.53 16.52 27.89
CA ASP A 76 25.17 17.70 27.12
C ASP A 76 23.89 17.45 26.34
N HIS A 77 22.83 17.10 27.05
CA HIS A 77 21.53 16.86 26.46
C HIS A 77 20.45 17.53 27.30
N LYS A 78 19.43 18.03 26.63
CA LYS A 78 18.22 18.50 27.34
C LYS A 78 17.71 17.41 28.28
N GLU A 79 17.42 17.78 29.53
CA GLU A 79 16.89 16.87 30.55
C GLU A 79 17.92 15.81 31.00
N GLY A 80 19.18 16.00 30.61
CA GLY A 80 20.25 15.10 30.99
C GLY A 80 20.69 15.36 32.41
N TYR A 81 21.35 14.38 33.02
CA TYR A 81 21.89 14.57 34.39
C TYR A 81 23.06 13.63 34.66
N TYR A 82 23.85 14.01 35.66
CA TYR A 82 24.91 13.17 36.22
C TYR A 82 24.55 12.86 37.65
N LEU A 83 24.58 11.57 38.00
CA LEU A 83 24.33 11.15 39.37
C LEU A 83 25.50 10.29 39.83
N SER A 84 25.92 10.49 41.07
CA SER A 84 26.99 9.67 41.64
C SER A 84 26.76 9.49 43.12
N VAL A 85 27.02 8.27 43.58
CA VAL A 85 27.02 7.91 44.99
C VAL A 85 28.27 7.08 45.26
N ASN A 86 29.07 7.56 46.20
CA ASN A 86 30.19 6.78 46.70
C ASN A 86 30.34 7.01 48.20
N GLU A 87 31.36 6.40 48.79
CA GLU A 87 31.62 6.55 50.23
C GLU A 87 31.67 8.01 50.70
N LYS A 88 32.27 8.89 49.89
CA LYS A 88 32.54 10.28 50.32
C LYS A 88 31.49 11.33 49.99
N GLU A 89 30.77 11.18 48.88
CA GLU A 89 29.74 12.16 48.54
C GLU A 89 28.66 11.69 47.55
N ILE A 90 27.57 12.47 47.48
CA ILE A 90 26.45 12.20 46.59
C ILE A 90 26.28 13.37 45.63
N VAL A 91 26.23 13.08 44.33
CA VAL A 91 26.08 14.13 43.34
C VAL A 91 24.78 13.95 42.54
N LEU A 92 24.07 15.08 42.38
CA LEU A 92 22.79 15.14 41.68
C LEU A 92 22.79 16.42 40.83
N ALA A 93 23.28 16.30 39.60
CA ALA A 93 23.59 17.46 38.78
C ALA A 93 22.91 17.35 37.44
N GLY A 94 21.99 18.26 37.17
CA GLY A 94 21.28 18.24 35.89
C GLY A 94 21.94 19.13 34.86
N ASN A 95 21.78 18.79 33.58
CA ASN A 95 22.17 19.71 32.53
C ASN A 95 21.25 20.92 32.52
N ASP A 96 20.04 20.73 33.03
CA ASP A 96 19.03 21.81 33.17
C ASP A 96 18.13 21.47 34.35
N GLU A 97 17.20 22.38 34.69
CA GLU A 97 16.32 22.17 35.82
C GLU A 97 15.54 20.84 35.77
N ARG A 98 15.05 20.47 34.59
CA ARG A 98 14.36 19.18 34.50
C ARG A 98 15.31 18.01 34.73
N GLY A 99 16.52 18.10 34.17
CA GLY A 99 17.52 17.07 34.48
C GLY A 99 17.76 16.86 35.95
N THR A 100 17.81 17.94 36.74
CA THR A 100 18.06 17.82 38.18
C THR A 100 16.93 17.04 38.86
N TYR A 101 15.71 17.33 38.44
CA TYR A 101 14.53 16.62 38.94
C TYR A 101 14.61 15.15 38.54
N TYR A 102 14.96 14.88 37.29
CA TYR A 102 15.11 13.49 36.85
C TYR A 102 16.21 12.70 37.59
N ALA A 103 17.28 13.40 37.95
CA ALA A 103 18.33 12.84 38.77
C ALA A 103 17.70 12.34 40.05
N LEU A 104 16.88 13.19 40.66
CA LEU A 104 16.18 12.84 41.88
C LEU A 104 15.24 11.64 41.76
N GLN A 105 14.55 11.52 40.62
CA GLN A 105 13.64 10.42 40.44
C GLN A 105 14.41 9.11 40.33
N THR A 106 15.61 9.16 39.78
CA THR A 106 16.47 7.99 39.76
C THR A 106 17.00 7.67 41.16
N PHE A 107 17.41 8.71 41.87
CA PHE A 107 17.96 8.60 43.22
C PHE A 107 16.96 7.96 44.17
N ALA A 108 15.70 8.39 44.08
CA ALA A 108 14.60 7.81 44.87
C ALA A 108 14.45 6.30 44.66
N GLN A 109 14.70 5.85 43.44
CA GLN A 109 14.67 4.40 43.12
C GLN A 109 15.88 3.61 43.67
N LEU A 110 17.01 4.28 43.85
CA LEU A 110 18.22 3.64 44.36
C LEU A 110 18.11 3.41 45.86
N LEU A 111 17.42 4.31 46.54
CA LEU A 111 17.28 4.28 47.98
C LEU A 111 16.29 3.21 48.45
N LYS A 112 16.81 2.17 49.09
CA LYS A 112 15.98 1.13 49.70
C LYS A 112 16.48 0.75 51.08
N ASP A 113 15.57 0.80 52.06
CA ASP A 113 15.88 0.47 53.48
C ASP A 113 17.06 1.28 54.04
N GLY A 114 17.04 2.58 53.77
CA GLY A 114 18.07 3.51 54.26
C GLY A 114 19.44 3.28 53.66
N LYS A 115 19.52 2.50 52.58
CA LYS A 115 20.80 2.25 51.91
C LYS A 115 20.83 2.63 50.43
N LEU A 116 22.02 2.98 49.95
CA LEU A 116 22.24 3.39 48.58
C LEU A 116 23.36 2.58 47.96
N PRO A 117 23.17 2.12 46.71
CA PRO A 117 24.29 1.46 46.04
C PRO A 117 25.30 2.49 45.56
N GLU A 118 26.56 2.09 45.48
CA GLU A 118 27.59 2.96 44.94
C GLU A 118 27.52 2.86 43.43
N VAL A 119 27.23 4.00 42.80
CA VAL A 119 26.90 4.03 41.38
C VAL A 119 27.33 5.35 40.77
N GLU A 120 27.51 5.32 39.45
CA GLU A 120 27.70 6.51 38.66
C GLU A 120 26.82 6.38 37.41
N ILE A 121 26.01 7.41 37.19
CA ILE A 121 25.03 7.40 36.10
C ILE A 121 25.15 8.65 35.28
N LYS A 122 25.20 8.47 33.97
CA LYS A 122 25.06 9.55 33.03
C LYS A 122 23.84 9.20 32.18
N ASP A 123 22.86 10.09 32.18
CA ASP A 123 21.54 9.73 31.69
C ASP A 123 20.89 10.93 31.02
N TYR A 124 20.00 10.61 30.08
CA TYR A 124 19.28 11.59 29.28
C TYR A 124 18.27 10.82 28.43
N PRO A 125 17.20 11.49 28.00
CA PRO A 125 16.21 10.78 27.19
C PRO A 125 16.62 10.70 25.72
N SER A 126 16.25 9.63 25.04
CA SER A 126 16.49 9.53 23.58
C SER A 126 15.42 10.20 22.74
N VAL A 127 14.23 10.40 23.34
CA VAL A 127 13.13 11.08 22.65
C VAL A 127 12.77 12.34 23.45
N ARG A 128 12.62 13.47 22.76
CA ARG A 128 12.47 14.76 23.40
C ARG A 128 11.16 14.90 24.22
N TYR A 129 10.03 14.52 23.62
CA TYR A 129 8.73 14.61 24.30
C TYR A 129 8.18 13.20 24.57
N ARG A 130 7.86 12.91 25.84
CA ARG A 130 7.43 11.57 26.27
C ARG A 130 6.26 11.71 27.20
N GLY A 131 5.18 10.98 26.92
CA GLY A 131 4.05 11.01 27.86
C GLY A 131 2.73 10.44 27.40
N VAL A 132 1.65 11.13 27.75
CA VAL A 132 0.30 10.58 27.59
C VAL A 132 -0.59 11.58 26.86
N VAL A 133 -1.37 11.10 25.89
CA VAL A 133 -2.45 11.92 25.37
C VAL A 133 -3.76 11.32 25.91
N GLU A 134 -4.45 12.06 26.78
CA GLU A 134 -5.80 11.61 27.18
C GLU A 134 -6.68 12.00 26.02
N GLY A 135 -6.74 11.13 25.01
CA GLY A 135 -7.39 11.50 23.74
C GLY A 135 -8.42 10.48 23.21
N PHE A 136 -8.96 9.68 24.12
CA PHE A 136 -9.91 8.59 23.76
C PHE A 136 -11.34 9.06 23.80
N TYR A 137 -12.22 8.25 23.22
CA TYR A 137 -13.70 8.37 23.36
C TYR A 137 -14.13 7.61 24.61
N GLY A 138 -15.16 8.11 25.29
CA GLY A 138 -15.62 7.46 26.54
C GLY A 138 -15.56 8.44 27.69
N THR A 139 -15.83 7.95 28.90
CA THR A 139 -15.84 8.80 30.09
C THR A 139 -14.45 9.38 30.37
N PRO A 140 -14.32 10.71 30.32
CA PRO A 140 -12.99 11.30 30.55
C PRO A 140 -12.52 10.98 31.98
N TRP A 141 -11.20 10.88 32.16
CA TRP A 141 -10.61 10.61 33.47
C TRP A 141 -11.14 11.58 34.54
N SER A 142 -11.42 11.07 35.72
CA SER A 142 -11.83 11.93 36.82
C SER A 142 -10.70 12.89 37.21
N HIS A 143 -11.05 13.96 37.91
CA HIS A 143 -10.06 14.91 38.45
C HIS A 143 -9.06 14.19 39.34
N GLN A 144 -9.55 13.31 40.22
CA GLN A 144 -8.63 12.61 41.11
C GLN A 144 -7.69 11.67 40.34
N ALA A 145 -8.20 11.01 39.30
CA ALA A 145 -7.35 10.14 38.47
C ALA A 145 -6.23 10.96 37.82
N ARG A 146 -6.57 12.13 37.27
CA ARG A 146 -5.60 13.01 36.61
C ARG A 146 -4.52 13.51 37.54
N LEU A 147 -4.88 13.83 38.80
CA LEU A 147 -3.89 14.24 39.80
C LEU A 147 -2.90 13.10 40.06
N SER A 148 -3.43 11.88 40.21
CA SER A 148 -2.58 10.70 40.37
C SER A 148 -1.69 10.43 39.15
N GLN A 149 -2.23 10.61 37.94
CA GLN A 149 -1.47 10.45 36.69
C GLN A 149 -0.28 11.38 36.62
N LEU A 150 -0.49 12.65 36.96
CA LEU A 150 0.59 13.65 36.87
C LEU A 150 1.75 13.34 37.76
N LYS A 151 1.49 12.86 38.95
CA LYS A 151 2.54 12.46 39.88
C LYS A 151 3.31 11.23 39.37
N PHE A 152 2.57 10.29 38.80
CA PHE A 152 3.14 9.10 38.18
C PHE A 152 4.06 9.46 37.02
N TYR A 153 3.69 10.45 36.21
CA TYR A 153 4.51 10.85 35.07
C TYR A 153 5.84 11.47 35.55
N GLY A 154 5.78 12.35 36.54
CA GLY A 154 7.00 12.90 37.13
C GLY A 154 7.97 11.79 37.55
N LYS A 155 7.44 10.76 38.21
CA LYS A 155 8.26 9.65 38.72
C LYS A 155 8.89 8.85 37.60
N ASN A 156 8.23 8.82 36.45
CA ASN A 156 8.75 8.04 35.33
C ASN A 156 9.35 8.82 34.18
N LYS A 157 9.60 10.10 34.43
CA LYS A 157 10.32 11.01 33.52
C LYS A 157 9.50 11.28 32.28
N MET A 158 8.18 11.21 32.39
CA MET A 158 7.34 11.64 31.27
C MET A 158 7.13 13.15 31.41
N ASN A 159 7.43 13.90 30.36
CA ASN A 159 7.37 15.38 30.46
C ASN A 159 6.15 16.00 29.75
N THR A 160 5.22 15.16 29.29
CA THR A 160 4.11 15.61 28.43
C THR A 160 2.79 14.96 28.79
N TYR A 161 1.78 15.79 29.05
CA TYR A 161 0.40 15.35 29.22
C TYR A 161 -0.45 16.17 28.27
N ILE A 162 -1.01 15.52 27.24
CA ILE A 162 -1.87 16.22 26.32
C ILE A 162 -3.31 15.95 26.70
N TYR A 163 -4.00 17.01 27.10
CA TYR A 163 -5.39 16.92 27.48
C TYR A 163 -6.27 17.07 26.23
N GLY A 164 -6.98 15.99 25.86
CA GLY A 164 -7.93 16.07 24.75
C GLY A 164 -9.00 14.98 24.69
N PRO A 165 -9.78 14.82 25.78
CA PRO A 165 -10.82 13.77 25.79
C PRO A 165 -11.89 14.08 24.78
N LYS A 166 -12.12 13.14 23.87
CA LYS A 166 -13.08 13.37 22.76
C LYS A 166 -14.47 13.82 23.23
N ASP A 167 -14.88 13.32 24.38
CA ASP A 167 -16.24 13.61 24.88
C ASP A 167 -16.29 14.76 25.90
N ASP A 168 -15.20 15.51 26.02
CA ASP A 168 -15.25 16.78 26.77
C ASP A 168 -15.83 17.86 25.85
N PRO A 169 -17.06 18.37 26.17
CA PRO A 169 -17.67 19.32 25.26
C PRO A 169 -16.92 20.64 25.10
N TYR A 170 -16.09 21.04 26.07
CA TYR A 170 -15.27 22.25 25.91
C TYR A 170 -13.97 22.01 25.11
N HIS A 171 -13.73 20.76 24.78
CA HIS A 171 -12.62 20.37 23.92
C HIS A 171 -13.05 20.22 22.45
N SER A 172 -14.19 19.58 22.23
CA SER A 172 -14.67 19.32 20.89
C SER A 172 -15.92 20.13 20.49
N ALA A 173 -16.60 19.74 19.43
CA ALA A 173 -17.69 20.56 18.92
C ALA A 173 -19.01 20.28 19.59
N PRO A 174 -19.79 21.33 19.86
CA PRO A 174 -19.47 22.69 19.42
C PRO A 174 -18.99 23.62 20.53
N ASN A 175 -18.93 23.16 21.77
CA ASN A 175 -18.56 24.07 22.85
C ASN A 175 -17.07 24.36 22.99
N TRP A 176 -16.30 23.97 21.98
CA TRP A 176 -14.89 24.34 21.93
C TRP A 176 -14.74 25.85 21.99
N ARG A 177 -15.75 26.56 21.50
CA ARG A 177 -15.76 28.03 21.52
C ARG A 177 -15.95 28.67 22.93
N LEU A 178 -16.47 27.89 23.85
CA LEU A 178 -16.86 28.38 25.19
C LEU A 178 -15.76 28.17 26.23
N PRO A 179 -15.51 29.18 27.09
CA PRO A 179 -14.59 28.93 28.20
C PRO A 179 -15.19 27.86 29.10
N TYR A 180 -14.34 27.08 29.79
CA TYR A 180 -14.80 26.14 30.82
C TYR A 180 -15.62 26.88 31.88
N PRO A 181 -16.67 26.24 32.42
CA PRO A 181 -17.32 26.77 33.62
C PRO A 181 -16.34 26.86 34.82
N ASP A 182 -16.68 27.68 35.79
CA ASP A 182 -15.78 27.96 36.93
C ASP A 182 -15.24 26.72 37.63
N LYS A 183 -16.12 25.74 37.87
CA LYS A 183 -15.70 24.53 38.58
C LYS A 183 -14.59 23.78 37.82
N GLU A 184 -14.87 23.45 36.56
CA GLU A 184 -13.91 22.78 35.68
C GLU A 184 -12.65 23.62 35.45
N ALA A 185 -12.82 24.93 35.33
CA ALA A 185 -11.66 25.82 35.22
C ALA A 185 -10.75 25.80 36.44
N ALA A 186 -11.30 25.77 37.65
CA ALA A 186 -10.50 25.68 38.87
C ALA A 186 -9.79 24.31 38.95
N GLN A 187 -10.47 23.28 38.47
CA GLN A 187 -9.84 21.95 38.40
C GLN A 187 -8.69 21.97 37.42
N LEU A 188 -8.91 22.55 36.23
CA LEU A 188 -7.83 22.61 35.23
C LEU A 188 -6.65 23.37 35.74
N GLN A 189 -6.91 24.46 36.42
CA GLN A 189 -5.90 25.30 37.05
C GLN A 189 -5.06 24.48 38.03
N GLU A 190 -5.70 23.67 38.87
CA GLU A 190 -4.97 22.81 39.84
C GLU A 190 -4.15 21.75 39.08
N LEU A 191 -4.74 21.13 38.05
CA LEU A 191 -3.98 20.18 37.23
C LEU A 191 -2.70 20.78 36.66
N VAL A 192 -2.79 21.99 36.12
CA VAL A 192 -1.61 22.70 35.61
C VAL A 192 -0.56 22.93 36.71
N ALA A 193 -0.99 23.40 37.90
CA ALA A 193 -0.01 23.59 38.97
C ALA A 193 0.68 22.27 39.34
N VAL A 194 -0.10 21.19 39.43
CA VAL A 194 0.43 19.89 39.79
C VAL A 194 1.36 19.37 38.67
N ALA A 195 0.97 19.57 37.41
CA ALA A 195 1.85 19.23 36.29
C ALA A 195 3.19 19.97 36.41
N ASN A 196 3.12 21.28 36.65
CA ASN A 196 4.35 22.07 36.79
C ASN A 196 5.26 21.53 37.89
N GLU A 197 4.66 21.17 39.03
CA GLU A 197 5.40 20.61 40.17
C GLU A 197 6.13 19.30 39.85
N ASN A 198 5.59 18.56 38.89
CA ASN A 198 6.12 17.26 38.50
C ASN A 198 6.92 17.31 37.19
N GLU A 199 7.22 18.52 36.74
CA GLU A 199 7.96 18.78 35.49
C GLU A 199 7.25 18.30 34.21
N VAL A 200 5.92 18.33 34.24
CA VAL A 200 5.13 17.86 33.10
C VAL A 200 4.57 19.08 32.39
N ASP A 201 4.80 19.16 31.09
CA ASP A 201 4.07 20.09 30.22
C ASP A 201 2.61 19.68 30.11
N PHE A 202 1.72 20.50 30.67
CA PHE A 202 0.29 20.33 30.44
C PHE A 202 -0.03 20.94 29.08
N VAL A 203 -0.36 20.09 28.10
CA VAL A 203 -0.67 20.55 26.75
C VAL A 203 -2.19 20.56 26.59
N TRP A 204 -2.81 21.73 26.45
CA TRP A 204 -4.26 21.71 26.24
C TRP A 204 -4.60 21.69 24.76
N ALA A 205 -5.32 20.65 24.34
CA ALA A 205 -5.73 20.45 22.93
C ALA A 205 -7.16 20.91 22.70
N ILE A 206 -7.41 21.34 21.47
CA ILE A 206 -8.75 21.73 21.03
C ILE A 206 -9.04 20.93 19.75
N HIS A 207 -10.32 20.59 19.56
CA HIS A 207 -10.76 19.70 18.46
C HIS A 207 -11.95 20.38 17.74
N PRO A 208 -11.64 21.39 16.90
CA PRO A 208 -12.66 22.28 16.36
C PRO A 208 -13.07 21.95 14.92
N GLY A 209 -12.38 21.02 14.29
CA GLY A 209 -12.46 20.85 12.84
C GLY A 209 -13.83 20.48 12.30
N GLN A 210 -14.65 19.77 13.08
CA GLN A 210 -15.95 19.27 12.59
C GLN A 210 -16.94 20.36 12.19
N ASP A 211 -16.91 21.49 12.90
CA ASP A 211 -17.83 22.59 12.62
C ASP A 211 -17.11 23.93 12.51
N ILE A 212 -15.79 23.92 12.37
CA ILE A 212 -15.08 25.19 12.24
C ILE A 212 -15.40 25.89 10.90
N LYS A 213 -15.55 27.21 10.96
CA LYS A 213 -15.69 28.02 9.77
C LYS A 213 -14.34 28.69 9.54
N TRP A 214 -13.91 28.76 8.28
CA TRP A 214 -12.65 29.41 7.97
C TRP A 214 -12.86 30.93 7.81
N ASN A 215 -13.23 31.57 8.93
CA ASN A 215 -13.52 33.01 8.96
C ASN A 215 -12.90 33.67 10.21
N LYS A 216 -13.02 35.00 10.31
CA LYS A 216 -12.46 35.76 11.44
C LYS A 216 -13.10 35.36 12.76
N GLU A 217 -14.42 35.24 12.80
CA GLU A 217 -15.14 34.95 14.04
C GLU A 217 -14.62 33.68 14.76
N ASP A 218 -14.46 32.59 14.01
CA ASP A 218 -14.06 31.30 14.61
C ASP A 218 -12.56 31.29 14.95
N ARG A 219 -11.76 31.91 14.10
CA ARG A 219 -10.33 32.09 14.38
C ARG A 219 -10.15 32.83 15.72
N ASP A 220 -10.82 33.97 15.87
CA ASP A 220 -10.75 34.73 17.11
C ASP A 220 -11.29 33.97 18.31
N LEU A 221 -12.35 33.21 18.12
CA LEU A 221 -12.91 32.45 19.20
C LEU A 221 -11.91 31.39 19.65
N LEU A 222 -11.23 30.78 18.68
CA LEU A 222 -10.21 29.81 19.01
C LEU A 222 -9.09 30.45 19.80
N LEU A 223 -8.57 31.56 19.30
CA LEU A 223 -7.55 32.32 20.01
C LEU A 223 -8.03 32.77 21.39
N ALA A 224 -9.26 33.25 21.46
CA ALA A 224 -9.82 33.65 22.74
C ALA A 224 -9.89 32.47 23.71
N LYS A 225 -10.24 31.29 23.21
CA LYS A 225 -10.23 30.10 24.07
C LYS A 225 -8.81 29.79 24.58
N PHE A 226 -7.83 29.95 23.70
CA PHE A 226 -6.43 29.63 24.05
C PHE A 226 -5.97 30.61 25.11
N GLU A 227 -6.38 31.88 24.97
CA GLU A 227 -6.08 32.91 25.95
C GLU A 227 -6.68 32.61 27.32
N LYS A 228 -7.93 32.12 27.35
CA LYS A 228 -8.56 31.72 28.61
CA LYS A 228 -8.56 31.71 28.60
C LYS A 228 -7.77 30.56 29.23
N MET A 229 -7.33 29.62 28.40
CA MET A 229 -6.52 28.52 28.95
C MET A 229 -5.17 29.04 29.50
N TYR A 230 -4.56 29.97 28.78
CA TYR A 230 -3.33 30.65 29.25
C TYR A 230 -3.52 31.29 30.64
N GLN A 231 -4.65 31.99 30.84
CA GLN A 231 -4.96 32.57 32.14
C GLN A 231 -5.06 31.54 33.25
N LEU A 232 -5.50 30.32 32.91
CA LEU A 232 -5.47 29.20 33.86
C LEU A 232 -4.08 28.53 34.09
N GLY A 233 -3.06 29.02 33.40
CA GLY A 233 -1.68 28.56 33.61
C GLY A 233 -1.15 27.68 32.48
N VAL A 234 -1.98 27.36 31.49
CA VAL A 234 -1.55 26.50 30.38
C VAL A 234 -0.48 27.16 29.54
N ARG A 235 0.61 26.42 29.26
CA ARG A 235 1.71 26.98 28.46
C ARG A 235 2.10 26.14 27.22
N SER A 236 1.37 25.07 26.96
CA SER A 236 1.54 24.33 25.70
C SER A 236 0.17 24.05 25.12
N PHE A 237 0.07 23.99 23.79
CA PHE A 237 -1.23 24.00 23.12
C PHE A 237 -1.23 23.05 21.94
N ALA A 238 -2.38 22.47 21.64
CA ALA A 238 -2.50 21.60 20.47
C ALA A 238 -3.81 21.86 19.73
N VAL A 239 -3.81 21.64 18.42
CA VAL A 239 -5.05 21.67 17.64
C VAL A 239 -5.19 20.32 16.94
N PHE A 240 -6.30 19.64 17.20
CA PHE A 240 -6.52 18.32 16.64
C PHE A 240 -7.54 18.38 15.50
N PHE A 241 -7.19 17.82 14.34
CA PHE A 241 -8.09 17.74 13.18
C PHE A 241 -8.42 16.29 12.76
N ASP A 242 -8.41 15.39 13.72
CA ASP A 242 -8.62 13.95 13.48
C ASP A 242 -10.12 13.58 13.52
N ASP A 243 -10.50 12.55 12.75
CA ASP A 243 -11.84 11.96 12.87
C ASP A 243 -12.93 12.92 12.49
N ILE A 244 -12.68 13.75 11.47
CA ILE A 244 -13.64 14.76 11.03
C ILE A 244 -13.85 14.67 9.53
N SER A 245 -14.91 15.32 9.07
CA SER A 245 -15.23 15.45 7.65
C SER A 245 -15.66 16.90 7.37
N GLY A 246 -15.53 17.31 6.12
CA GLY A 246 -16.01 18.61 5.69
C GLY A 246 -14.89 19.60 5.47
N GLU A 247 -15.24 20.89 5.53
CA GLU A 247 -14.31 21.99 5.22
C GLU A 247 -13.10 22.04 6.14
N GLY A 248 -13.29 21.58 7.38
CA GLY A 248 -12.23 21.58 8.40
C GLY A 248 -11.05 20.67 8.07
N THR A 249 -11.20 19.85 7.03
CA THR A 249 -10.12 18.95 6.58
C THR A 249 -9.16 19.64 5.60
N ASN A 250 -9.45 20.88 5.22
CA ASN A 250 -8.61 21.67 4.30
C ASN A 250 -7.19 21.95 4.87
N PRO A 251 -6.14 21.41 4.20
CA PRO A 251 -4.76 21.45 4.70
C PRO A 251 -4.11 22.83 4.66
N GLN A 252 -4.35 23.60 3.59
CA GLN A 252 -3.86 24.98 3.50
CA GLN A 252 -3.86 24.97 3.51
C GLN A 252 -4.40 25.81 4.67
N LYS A 253 -5.70 25.69 4.92
CA LYS A 253 -6.36 26.46 5.98
C LYS A 253 -5.93 26.03 7.38
N GLN A 254 -5.75 24.73 7.58
CA GLN A 254 -5.23 24.19 8.83
C GLN A 254 -3.85 24.79 9.10
N ALA A 255 -2.97 24.71 8.11
CA ALA A 255 -1.61 25.21 8.23
C ALA A 255 -1.59 26.73 8.50
N GLU A 256 -2.46 27.48 7.82
CA GLU A 256 -2.58 28.92 8.01
C GLU A 256 -3.07 29.27 9.42
N LEU A 257 -4.04 28.52 9.92
CA LEU A 257 -4.52 28.72 11.28
C LEU A 257 -3.41 28.43 12.30
N LEU A 258 -2.73 27.28 12.16
CA LEU A 258 -1.62 26.92 13.04
C LEU A 258 -0.46 27.91 12.99
N ASN A 259 -0.15 28.42 11.80
CA ASN A 259 0.91 29.43 11.69
C ASN A 259 0.51 30.75 12.31
N TYR A 260 -0.77 31.11 12.19
CA TYR A 260 -1.31 32.28 12.86
C TYR A 260 -1.23 32.16 14.38
N ILE A 261 -1.68 31.02 14.93
CA ILE A 261 -1.54 30.74 16.37
C ILE A 261 -0.06 30.85 16.78
N ASP A 262 0.82 30.26 15.97
CA ASP A 262 2.26 30.31 16.23
C ASP A 262 2.74 31.77 16.27
N GLU A 263 2.36 32.53 15.25
CA GLU A 263 2.95 33.86 15.05
C GLU A 263 2.29 34.93 15.91
N LYS A 264 1.02 34.80 16.19
CA LYS A 264 0.27 35.77 16.98
C LYS A 264 0.09 35.41 18.48
N PHE A 265 0.50 34.22 18.88
CA PHE A 265 0.25 33.69 20.21
C PHE A 265 1.49 32.98 20.76
N ALA A 266 1.88 31.87 20.17
CA ALA A 266 3.01 31.12 20.69
C ALA A 266 4.30 31.91 20.72
N GLN A 267 4.57 32.68 19.68
CA GLN A 267 5.83 33.43 19.62
CA GLN A 267 5.81 33.46 19.57
C GLN A 267 5.68 34.85 20.20
N VAL A 268 4.52 35.15 20.77
CA VAL A 268 4.25 36.47 21.33
C VAL A 268 4.19 36.46 22.87
N LYS A 269 3.75 35.34 23.46
CA LYS A 269 3.75 35.19 24.90
C LYS A 269 5.18 35.07 25.40
N PRO A 270 5.41 35.38 26.68
CA PRO A 270 6.77 35.25 27.20
C PRO A 270 7.26 33.81 27.38
N ASP A 271 6.35 32.84 27.47
CA ASP A 271 6.72 31.55 28.02
C ASP A 271 5.97 30.34 27.49
N ILE A 272 5.54 30.37 26.24
CA ILE A 272 4.91 29.21 25.64
C ILE A 272 5.94 28.15 25.22
N ASN A 273 5.59 26.89 25.42
CA ASN A 273 6.44 25.75 25.13
C ASN A 273 6.17 24.90 23.87
N GLN A 274 5.22 23.97 23.94
CA GLN A 274 4.90 23.11 22.82
C GLN A 274 3.71 23.67 22.03
N LEU A 275 3.80 23.57 20.71
CA LEU A 275 2.65 23.76 19.85
C LEU A 275 2.55 22.57 18.90
N VAL A 276 1.43 21.87 18.95
CA VAL A 276 1.29 20.56 18.30
C VAL A 276 0.01 20.51 17.52
N MET A 277 0.02 19.82 16.39
CA MET A 277 -1.21 19.53 15.69
C MET A 277 -1.32 18.04 15.31
N CYS A 278 -2.55 17.51 15.37
CA CYS A 278 -2.84 16.19 14.85
C CYS A 278 -3.57 16.37 13.53
N PRO A 279 -3.01 15.82 12.45
CA PRO A 279 -3.56 15.99 11.10
C PRO A 279 -4.83 15.16 10.85
N THR A 280 -5.59 15.53 9.81
CA THR A 280 -6.75 14.76 9.39
C THR A 280 -6.29 13.41 8.83
N GLU A 281 -5.19 13.45 8.08
CA GLU A 281 -4.52 12.23 7.62
C GLU A 281 -3.46 11.89 8.67
N TYR A 282 -3.81 11.05 9.63
CA TYR A 282 -2.96 10.83 10.78
C TYR A 282 -2.36 9.45 10.85
N ASN A 283 -2.67 8.63 9.84
CA ASN A 283 -2.00 7.34 9.69
C ASN A 283 -2.00 6.98 8.18
N LYS A 284 -1.09 6.10 7.77
CA LYS A 284 -0.89 5.81 6.34
C LYS A 284 -2.16 5.37 5.65
N SER A 285 -2.92 4.47 6.27
CA SER A 285 -4.14 3.96 5.67
C SER A 285 -5.22 5.03 5.48
N TRP A 286 -5.19 6.07 6.30
CA TRP A 286 -6.17 7.16 6.19
C TRP A 286 -5.60 8.33 5.39
N SER A 287 -4.42 8.11 4.84
CA SER A 287 -3.76 9.11 4.00
CA SER A 287 -3.77 9.11 4.01
C SER A 287 -4.06 8.82 2.53
N ASN A 288 -3.95 9.85 1.70
CA ASN A 288 -4.07 9.67 0.26
C ASN A 288 -2.70 9.93 -0.34
N PRO A 289 -1.97 8.87 -0.69
CA PRO A 289 -0.62 9.02 -1.22
C PRO A 289 -0.56 9.88 -2.49
N ASN A 290 -1.69 10.00 -3.19
CA ASN A 290 -1.80 10.79 -4.43
C ASN A 290 -2.47 12.15 -4.19
N GLY A 291 -2.77 12.44 -2.93
CA GLY A 291 -3.41 13.70 -2.58
C GLY A 291 -2.33 14.65 -2.09
N ASN A 292 -2.68 15.90 -1.90
CA ASN A 292 -1.71 16.90 -1.52
C ASN A 292 -1.73 17.24 -0.03
N TYR A 293 -2.50 16.50 0.76
CA TYR A 293 -2.73 16.87 2.16
C TYR A 293 -1.42 16.91 2.96
N LEU A 294 -0.70 15.79 3.03
CA LEU A 294 0.44 15.72 3.92
C LEU A 294 1.60 16.57 3.45
N THR A 295 1.81 16.64 2.12
CA THR A 295 2.89 17.46 1.57
C THR A 295 2.61 18.95 1.78
N THR A 296 1.35 19.36 1.66
CA THR A 296 0.98 20.73 1.96
C THR A 296 1.28 21.09 3.41
N LEU A 297 0.82 20.27 4.36
CA LEU A 297 1.18 20.45 5.77
C LEU A 297 2.69 20.53 5.95
N GLY A 298 3.41 19.58 5.36
CA GLY A 298 4.87 19.53 5.49
C GLY A 298 5.56 20.78 5.02
N ASP A 299 5.11 21.33 3.89
CA ASP A 299 5.70 22.51 3.28
C ASP A 299 5.28 23.82 3.96
N LYS A 300 3.99 23.92 4.32
CA LYS A 300 3.43 25.18 4.81
C LYS A 300 3.50 25.38 6.34
N LEU A 301 3.40 24.30 7.12
CA LEU A 301 3.47 24.44 8.58
C LEU A 301 4.82 24.93 9.08
N ASN A 302 4.80 25.96 9.92
CA ASN A 302 6.03 26.50 10.52
C ASN A 302 6.84 25.40 11.15
N PRO A 303 8.18 25.50 11.06
CA PRO A 303 8.98 24.32 11.42
C PRO A 303 9.03 24.00 12.93
N SER A 304 8.63 24.93 13.78
CA SER A 304 8.57 24.58 15.20
C SER A 304 7.29 23.83 15.59
N ILE A 305 6.34 23.73 14.66
CA ILE A 305 5.07 23.09 14.98
C ILE A 305 5.19 21.55 14.82
N GLN A 306 4.78 20.82 15.84
CA GLN A 306 4.79 19.34 15.80
C GLN A 306 3.59 18.77 15.03
N ILE A 307 3.81 17.63 14.37
CA ILE A 307 2.77 16.96 13.63
C ILE A 307 2.67 15.51 14.10
N MET A 308 1.46 15.13 14.51
CA MET A 308 1.24 13.83 15.13
C MET A 308 0.94 12.74 14.10
N TRP A 309 1.15 11.49 14.50
CA TRP A 309 1.05 10.35 13.61
C TRP A 309 0.82 9.10 14.44
N THR A 310 -0.18 8.29 14.03
CA THR A 310 -0.48 7.00 14.73
C THR A 310 0.15 5.75 14.09
N GLY A 311 0.81 5.93 12.94
CA GLY A 311 1.53 4.83 12.29
C GLY A 311 0.93 4.45 10.95
N ASP A 312 1.02 3.17 10.58
CA ASP A 312 0.52 2.73 9.26
C ASP A 312 -0.99 2.57 9.24
N ARG A 313 -1.58 2.45 10.43
CA ARG A 313 -3.02 2.29 10.58
C ARG A 313 -3.52 3.08 11.81
N VAL A 314 -4.83 3.17 11.97
CA VAL A 314 -5.41 3.85 13.14
C VAL A 314 -4.76 3.27 14.40
N ILE A 315 -4.74 1.93 14.51
CA ILE A 315 -4.04 1.26 15.59
C ILE A 315 -2.85 0.52 14.98
N SER A 316 -1.64 0.94 15.31
CA SER A 316 -0.48 0.26 14.80
C SER A 316 0.74 0.52 15.62
N ASP A 317 1.73 -0.35 15.49
CA ASP A 317 3.03 -0.16 16.09
C ASP A 317 3.99 0.58 15.12
N ILE A 318 5.01 1.23 15.65
CA ILE A 318 5.80 2.14 14.79
C ILE A 318 7.02 1.42 14.24
N THR A 319 7.16 1.43 12.91
CA THR A 319 8.31 0.81 12.25
C THR A 319 9.22 1.84 11.61
N ARG A 320 10.48 1.48 11.35
CA ARG A 320 11.41 2.35 10.59
C ARG A 320 10.82 2.77 9.23
N ASP A 321 10.40 1.81 8.42
CA ASP A 321 9.79 2.13 7.13
C ASP A 321 8.55 3.01 7.26
N GLY A 322 7.70 2.74 8.25
CA GLY A 322 6.46 3.51 8.45
C GLY A 322 6.74 4.97 8.79
N ILE A 323 7.71 5.19 9.67
CA ILE A 323 8.02 6.56 10.08
C ILE A 323 8.80 7.32 8.99
N SER A 324 9.66 6.62 8.24
CA SER A 324 10.32 7.22 7.07
C SER A 324 9.27 7.76 6.12
N TRP A 325 8.25 6.95 5.84
CA TRP A 325 7.18 7.34 4.91
C TRP A 325 6.54 8.68 5.32
N ILE A 326 6.18 8.82 6.60
CA ILE A 326 5.54 10.06 7.04
C ILE A 326 6.54 11.22 7.08
N ASN A 327 7.74 10.98 7.63
CA ASN A 327 8.74 12.03 7.79
C ASN A 327 9.17 12.69 6.47
N GLU A 328 9.20 11.90 5.40
CA GLU A 328 9.55 12.42 4.08
C GLU A 328 8.52 13.43 3.60
N ARG A 329 7.26 13.25 4.00
CA ARG A 329 6.18 14.13 3.54
C ARG A 329 6.00 15.38 4.40
N ILE A 330 6.08 15.21 5.72
CA ILE A 330 5.88 16.31 6.64
C ILE A 330 7.16 17.14 6.89
N LYS A 331 8.30 16.64 6.41
CA LYS A 331 9.59 17.37 6.44
C LYS A 331 10.14 17.63 7.85
N ARG A 332 9.77 16.77 8.80
CA ARG A 332 10.22 16.86 10.21
C ARG A 332 9.96 15.50 10.86
N PRO A 333 10.55 15.24 12.03
CA PRO A 333 10.30 13.95 12.66
C PRO A 333 8.90 13.91 13.30
N ALA A 334 8.12 12.90 12.95
CA ALA A 334 6.77 12.74 13.50
C ALA A 334 6.75 12.68 15.04
N TYR A 335 5.65 13.16 15.60
CA TYR A 335 5.42 13.16 17.05
C TYR A 335 4.40 12.05 17.20
N ILE A 336 4.83 10.89 17.69
CA ILE A 336 3.97 9.70 17.67
C ILE A 336 2.83 9.76 18.69
N TRP A 337 1.62 9.48 18.21
CA TRP A 337 0.41 9.23 19.00
C TRP A 337 0.17 7.73 18.89
N TRP A 338 0.58 6.97 19.92
CA TRP A 338 0.44 5.52 19.88
C TRP A 338 -0.88 5.08 20.49
N ASN A 339 -1.72 4.46 19.68
CA ASN A 339 -3.03 4.04 20.13
C ASN A 339 -3.08 2.71 20.88
N PHE A 340 -2.41 2.66 22.01
CA PHE A 340 -2.44 1.55 22.96
C PHE A 340 -1.99 2.15 24.30
N PRO A 341 -2.69 1.84 25.38
CA PRO A 341 -3.69 0.76 25.42
C PRO A 341 -5.17 1.16 25.22
N VAL A 342 -5.43 2.32 24.62
CA VAL A 342 -6.78 2.77 24.37
C VAL A 342 -7.70 1.61 23.95
N SER A 343 -8.83 1.51 24.63
CA SER A 343 -9.76 0.41 24.46
C SER A 343 -11.17 0.84 24.05
N ASP A 344 -11.29 2.07 23.58
CA ASP A 344 -12.57 2.70 23.29
C ASP A 344 -13.34 2.10 22.12
N TYR A 345 -12.71 1.15 21.45
CA TYR A 345 -13.37 0.42 20.34
C TYR A 345 -13.49 -1.09 20.66
N VAL A 346 -12.96 -1.49 21.83
CA VAL A 346 -13.13 -2.83 22.41
C VAL A 346 -13.40 -2.68 23.91
N ARG A 347 -14.47 -1.94 24.22
CA ARG A 347 -14.73 -1.46 25.59
C ARG A 347 -15.04 -2.56 26.59
N ASP A 348 -15.39 -3.73 26.09
CA ASP A 348 -15.64 -4.90 26.95
C ASP A 348 -14.35 -5.65 27.39
N HIS A 349 -13.20 -5.21 26.87
CA HIS A 349 -11.87 -5.75 27.21
C HIS A 349 -11.01 -4.79 28.04
N LEU A 350 -10.20 -5.34 28.93
CA LEU A 350 -9.11 -4.57 29.55
C LEU A 350 -7.84 -4.99 28.83
N LEU A 351 -6.94 -4.04 28.55
CA LEU A 351 -5.66 -4.33 27.85
C LEU A 351 -4.49 -4.06 28.79
N LEU A 352 -4.09 -5.12 29.49
CA LEU A 352 -3.19 -5.02 30.63
C LEU A 352 -1.85 -5.69 30.36
N GLY A 353 -1.62 -6.05 29.10
CA GLY A 353 -0.38 -6.75 28.73
C GLY A 353 0.79 -5.79 28.46
N PRO A 354 1.97 -6.36 28.17
CA PRO A 354 3.19 -5.61 27.89
C PRO A 354 3.05 -4.69 26.69
N VAL A 355 3.88 -3.66 26.71
CA VAL A 355 4.06 -2.74 25.61
C VAL A 355 5.20 -3.31 24.76
N TYR A 356 4.90 -3.64 23.49
CA TYR A 356 5.89 -4.18 22.54
C TYR A 356 5.47 -3.85 21.11
N GLY A 357 6.38 -4.07 20.15
CA GLY A 357 6.04 -3.95 18.72
C GLY A 357 6.65 -2.72 18.04
N ASN A 358 7.04 -1.75 18.84
CA ASN A 358 7.62 -0.52 18.29
C ASN A 358 9.12 -0.65 18.10
N ASP A 359 9.58 -0.25 16.93
CA ASP A 359 11.03 -0.30 16.65
C ASP A 359 11.83 0.44 17.73
N THR A 360 12.87 -0.19 18.24
CA THR A 360 13.65 0.37 19.33
C THR A 360 14.93 1.10 18.86
N THR A 361 15.09 1.27 17.54
CA THR A 361 16.32 1.91 16.97
C THR A 361 15.99 3.23 16.29
N ILE A 362 14.75 3.71 16.42
CA ILE A 362 14.29 4.86 15.63
C ILE A 362 14.09 6.14 16.45
N ALA A 363 14.77 6.28 17.59
CA ALA A 363 14.59 7.47 18.43
C ALA A 363 14.78 8.79 17.65
N LYS A 364 15.77 8.81 16.76
CA LYS A 364 16.13 10.03 16.01
C LYS A 364 15.06 10.41 15.03
N GLU A 365 14.22 9.46 14.63
CA GLU A 365 13.17 9.70 13.65
C GLU A 365 11.87 10.21 14.29
N MET A 366 11.88 10.41 15.59
CA MET A 366 10.64 10.92 16.23
C MET A 366 10.88 12.10 17.16
N SER A 367 9.98 13.08 17.08
CA SER A 367 10.05 14.27 17.96
C SER A 367 9.47 13.98 19.33
N GLY A 368 8.51 13.05 19.35
CA GLY A 368 7.77 12.75 20.57
C GLY A 368 7.10 11.39 20.45
N PHE A 369 6.69 10.86 21.58
CA PHE A 369 5.98 9.60 21.63
C PHE A 369 5.04 9.68 22.82
N VAL A 370 3.74 9.65 22.55
CA VAL A 370 2.77 9.59 23.61
C VAL A 370 1.77 8.46 23.43
N THR A 371 1.30 7.92 24.55
CA THR A 371 0.36 6.81 24.54
C THR A 371 -1.07 7.21 24.91
N ASN A 372 -2.00 6.90 24.01
CA ASN A 372 -3.42 7.09 24.23
C ASN A 372 -3.97 5.90 25.04
N PRO A 373 -4.36 6.15 26.28
CA PRO A 373 -4.67 5.04 27.20
C PRO A 373 -6.16 4.66 27.24
N MET A 374 -6.50 3.76 28.16
CA MET A 374 -7.89 3.37 28.40
C MET A 374 -8.58 4.45 29.23
N GLU A 375 -9.90 4.50 29.13
CA GLU A 375 -10.70 5.33 30.03
C GLU A 375 -10.50 4.88 31.49
N HIS A 376 -9.92 3.68 31.68
CA HIS A 376 -9.51 3.17 32.99
C HIS A 376 -8.10 3.67 33.34
N ALA A 377 -8.03 4.75 34.12
CA ALA A 377 -6.79 5.50 34.36
C ALA A 377 -5.74 4.69 35.10
N GLU A 378 -6.08 4.14 36.26
CA GLU A 378 -5.09 3.33 37.03
C GLU A 378 -4.61 2.10 36.25
N SER A 379 -5.54 1.39 35.62
CA SER A 379 -5.24 0.19 34.83
C SER A 379 -4.24 0.47 33.69
N SER A 380 -4.26 1.71 33.20
CA SER A 380 -3.45 2.15 32.05
C SER A 380 -2.00 2.41 32.48
N LYS A 381 -1.78 2.46 33.80
CA LYS A 381 -0.42 2.74 34.33
C LYS A 381 0.60 1.66 33.98
N ILE A 382 0.15 0.42 33.82
CA ILE A 382 1.01 -0.64 33.33
C ILE A 382 1.67 -0.24 31.98
N ALA A 383 0.83 0.12 31.01
CA ALA A 383 1.33 0.52 29.69
C ALA A 383 2.10 1.85 29.74
N ILE A 384 1.60 2.78 30.55
CA ILE A 384 2.16 4.14 30.61
C ILE A 384 3.58 4.07 31.14
N TYR A 385 3.78 3.35 32.25
CA TYR A 385 5.08 3.11 32.86
C TYR A 385 6.03 2.52 31.83
N SER A 386 5.51 1.59 31.02
CA SER A 386 6.30 0.90 30.00
C SER A 386 6.67 1.79 28.84
N VAL A 387 5.72 2.63 28.43
CA VAL A 387 5.96 3.62 27.40
C VAL A 387 7.00 4.64 27.89
N ALA A 388 6.91 5.04 29.16
CA ALA A 388 7.90 6.01 29.68
C ALA A 388 9.31 5.42 29.56
N SER A 389 9.42 4.12 29.87
CA SER A 389 10.70 3.42 29.85
C SER A 389 11.19 3.30 28.42
N TYR A 390 10.30 2.96 27.51
CA TYR A 390 10.64 2.83 26.09
C TYR A 390 11.09 4.15 25.49
N ALA A 391 10.34 5.22 25.72
CA ALA A 391 10.69 6.49 25.08
C ALA A 391 11.96 7.13 25.63
N TRP A 392 12.23 6.89 26.91
CA TRP A 392 13.43 7.46 27.53
C TRP A 392 14.68 6.71 27.04
N ASN A 393 14.60 5.39 27.03
CA ASN A 393 15.75 4.55 26.60
C ASN A 393 15.30 3.40 25.70
N PRO A 394 15.00 3.69 24.44
CA PRO A 394 14.47 2.63 23.59
C PRO A 394 15.50 1.54 23.32
N ALA A 395 16.80 1.91 23.25
CA ALA A 395 17.86 0.90 22.97
C ALA A 395 17.86 -0.20 24.03
N LYS A 396 17.67 0.16 25.29
CA LYS A 396 17.63 -0.81 26.36
C LYS A 396 16.21 -1.26 26.73
N TYR A 397 15.24 -1.06 25.85
CA TYR A 397 13.87 -1.37 26.23
C TYR A 397 13.62 -2.89 26.34
N ASP A 398 13.11 -3.32 27.49
CA ASP A 398 12.90 -4.74 27.80
C ASP A 398 11.42 -4.95 28.09
N THR A 399 10.70 -5.48 27.12
CA THR A 399 9.25 -5.61 27.18
C THR A 399 8.77 -6.23 28.50
N TRP A 400 9.17 -7.49 28.75
CA TRP A 400 8.64 -8.23 29.91
C TRP A 400 9.14 -7.74 31.25
N GLN A 401 10.40 -7.36 31.37
CA GLN A 401 10.90 -6.86 32.68
C GLN A 401 10.16 -5.59 33.08
N THR A 402 9.92 -4.72 32.10
CA THR A 402 9.26 -3.43 32.32
C THR A 402 7.80 -3.63 32.76
N TRP A 403 7.10 -4.53 32.09
CA TRP A 403 5.75 -4.96 32.50
C TRP A 403 5.70 -5.41 33.96
N LYS A 404 6.62 -6.32 34.34
CA LYS A 404 6.74 -6.79 35.72
C LYS A 404 7.06 -5.68 36.71
N ASP A 405 8.01 -4.81 36.35
CA ASP A 405 8.35 -3.62 37.14
C ASP A 405 7.15 -2.68 37.33
N ALA A 406 6.41 -2.45 36.24
CA ALA A 406 5.22 -1.60 36.31
C ALA A 406 4.25 -2.16 37.35
N ILE A 407 3.95 -3.44 37.24
CA ILE A 407 2.98 -4.09 38.10
C ILE A 407 3.40 -4.07 39.57
N ARG A 408 4.67 -4.34 39.84
CA ARG A 408 5.21 -4.30 41.19
C ARG A 408 5.17 -2.88 41.75
N THR A 409 5.38 -1.90 40.90
CA THR A 409 5.30 -0.49 41.32
C THR A 409 3.87 -0.06 41.66
N ILE A 410 2.93 -0.49 40.84
CA ILE A 410 1.55 -0.07 40.99
C ILE A 410 0.84 -0.79 42.14
N LEU A 411 1.17 -2.06 42.37
CA LEU A 411 0.49 -2.83 43.42
C LEU A 411 1.45 -3.75 44.18
N PRO A 412 2.42 -3.16 44.90
CA PRO A 412 3.44 -4.02 45.51
C PRO A 412 2.85 -5.10 46.42
N SER A 413 1.74 -4.79 47.08
CA SER A 413 1.10 -5.70 48.02
C SER A 413 0.52 -6.95 47.39
N ALA A 414 0.31 -6.93 46.09
CA ALA A 414 -0.27 -8.07 45.39
C ALA A 414 0.22 -8.14 43.95
N ALA A 415 1.52 -8.05 43.77
CA ALA A 415 2.09 -7.98 42.45
C ALA A 415 1.86 -9.27 41.66
N GLU A 416 2.07 -10.41 42.29
CA GLU A 416 1.93 -11.68 41.56
C GLU A 416 0.52 -11.94 41.09
N GLU A 417 -0.43 -11.55 41.94
CA GLU A 417 -1.86 -11.68 41.62
C GLU A 417 -2.25 -10.78 40.46
N LEU A 418 -1.72 -9.56 40.45
CA LEU A 418 -2.03 -8.64 39.37
C LEU A 418 -1.36 -9.11 38.07
N GLU A 419 -0.12 -9.62 38.15
CA GLU A 419 0.49 -10.28 36.97
C GLU A 419 -0.41 -11.36 36.41
N CYS A 420 -0.92 -12.22 37.29
CA CYS A 420 -1.80 -13.32 36.87
C CYS A 420 -3.00 -12.76 36.12
N PHE A 421 -3.66 -11.78 36.72
CA PHE A 421 -4.84 -11.18 36.10
C PHE A 421 -4.47 -10.53 34.74
N ALA A 422 -3.44 -9.67 34.75
CA ALA A 422 -3.00 -8.95 33.53
C ALA A 422 -2.56 -9.87 32.39
N MET A 423 -1.87 -10.95 32.73
CA MET A 423 -1.36 -11.86 31.70
CA MET A 423 -1.37 -11.97 31.79
C MET A 423 -2.48 -12.54 30.88
N HIS A 424 -3.68 -12.64 31.45
CA HIS A 424 -4.82 -13.26 30.77
C HIS A 424 -5.89 -12.24 30.39
N ASN A 425 -5.48 -10.98 30.37
CA ASN A 425 -6.31 -9.86 29.99
C ASN A 425 -5.53 -8.83 29.18
N SER A 426 -5.09 -9.20 27.98
CA SER A 426 -4.08 -8.64 27.09
CA SER A 426 -4.18 -8.49 27.16
C SER A 426 -4.67 -8.42 25.71
N ASP A 427 -5.40 -9.36 25.14
CA ASP A 427 -5.86 -9.27 23.78
C ASP A 427 -7.14 -8.47 23.66
N LEU A 428 -7.36 -7.94 22.48
CA LEU A 428 -8.49 -7.10 22.16
C LEU A 428 -9.69 -7.87 21.64
N GLY A 429 -9.46 -9.12 21.23
CA GLY A 429 -10.47 -9.89 20.51
C GLY A 429 -10.58 -9.32 19.11
N PRO A 430 -11.36 -9.98 18.23
CA PRO A 430 -11.59 -9.46 16.88
C PRO A 430 -12.14 -8.03 16.90
N ASN A 431 -11.63 -7.18 16.04
CA ASN A 431 -12.12 -5.81 15.92
C ASN A 431 -11.92 -5.27 14.52
N GLY A 432 -12.61 -4.18 14.21
CA GLY A 432 -12.52 -3.52 12.90
C GLY A 432 -11.17 -2.90 12.58
N HIS A 433 -10.31 -2.71 13.59
CA HIS A 433 -8.96 -2.17 13.31
C HIS A 433 -7.90 -3.25 13.08
N GLY A 434 -8.28 -4.52 13.20
CA GLY A 434 -7.37 -5.64 12.94
C GLY A 434 -6.21 -5.75 13.89
N TYR A 435 -6.29 -5.12 15.06
CA TYR A 435 -5.15 -5.06 15.99
C TYR A 435 -5.35 -6.01 17.15
N ARG A 436 -4.33 -6.84 17.38
CA ARG A 436 -4.43 -7.93 18.34
C ARG A 436 -3.17 -7.93 19.18
N ARG A 437 -3.25 -8.50 20.37
CA ARG A 437 -2.08 -8.70 21.23
C ARG A 437 -2.04 -10.16 21.68
N GLU A 438 -0.86 -10.65 22.01
CA GLU A 438 -0.68 -11.99 22.62
C GLU A 438 -1.29 -12.01 24.02
N GLU A 439 -1.65 -13.21 24.46
CA GLU A 439 -2.30 -13.43 25.77
C GLU A 439 -2.13 -14.89 26.12
N SER A 440 -1.93 -15.15 27.41
CA SER A 440 -1.89 -16.48 27.96
C SER A 440 -0.85 -17.37 27.28
N MET A 441 0.28 -16.77 26.91
CA MET A 441 1.21 -17.48 25.92
CA MET A 441 1.29 -17.40 25.96
C MET A 441 1.97 -18.53 26.66
N ASP A 442 2.13 -18.39 27.98
CA ASP A 442 2.69 -19.42 28.84
C ASP A 442 2.00 -20.80 28.70
N ILE A 443 0.68 -20.82 28.73
CA ILE A 443 -0.05 -22.08 28.71
C ILE A 443 -0.61 -22.43 27.35
N GLN A 444 -0.42 -21.57 26.37
CA GLN A 444 -1.00 -21.76 25.06
C GLN A 444 -0.67 -23.11 24.40
N PRO A 445 0.57 -23.57 24.55
CA PRO A 445 0.96 -24.85 23.95
C PRO A 445 0.30 -26.02 24.68
N ALA A 446 0.32 -25.99 26.00
CA ALA A 446 -0.34 -26.99 26.82
C ALA A 446 -1.82 -27.07 26.52
N ALA A 447 -2.43 -25.92 26.30
CA ALA A 447 -3.82 -25.83 25.91
C ALA A 447 -4.03 -26.44 24.54
N GLU A 448 -3.19 -26.07 23.58
CA GLU A 448 -3.37 -26.52 22.20
C GLU A 448 -3.22 -28.04 22.04
N ARG A 449 -2.30 -28.61 22.81
CA ARG A 449 -2.05 -30.05 22.79
C ARG A 449 -3.18 -30.82 23.44
N PHE A 450 -3.61 -30.35 24.60
CA PHE A 450 -4.71 -30.95 25.31
C PHE A 450 -5.92 -31.02 24.41
N LEU A 451 -6.32 -29.89 23.85
CA LEU A 451 -7.51 -29.86 23.03
C LEU A 451 -7.41 -30.79 21.82
N LYS A 452 -6.31 -30.68 21.08
CA LYS A 452 -6.09 -31.52 19.91
C LYS A 452 -6.24 -33.00 20.22
N ALA A 453 -5.55 -33.47 21.25
CA ALA A 453 -5.65 -34.84 21.69
C ALA A 453 -7.08 -35.22 22.03
N PHE A 454 -7.71 -34.42 22.87
CA PHE A 454 -9.02 -34.72 23.39
C PHE A 454 -10.03 -34.88 22.28
N LYS A 455 -10.07 -33.92 21.38
CA LYS A 455 -11.02 -33.93 20.26
C LYS A 455 -10.85 -35.17 19.38
N GLU A 456 -9.63 -35.68 19.30
CA GLU A 456 -9.28 -36.79 18.40
C GLU A 456 -9.49 -38.17 19.00
N GLY A 457 -9.66 -38.25 20.32
CA GLY A 457 -9.74 -39.53 21.00
C GLY A 457 -8.38 -40.16 21.25
N LYS A 458 -7.33 -39.35 21.11
CA LYS A 458 -5.98 -39.70 21.60
C LYS A 458 -5.82 -39.21 23.03
N ASN A 459 -4.95 -39.86 23.80
CA ASN A 459 -4.77 -39.47 25.21
C ASN A 459 -3.94 -38.22 25.37
N TYR A 460 -4.38 -37.33 26.26
CA TYR A 460 -3.67 -36.09 26.55
C TYR A 460 -2.58 -36.34 27.59
N ASP A 461 -1.55 -35.50 27.59
CA ASP A 461 -0.51 -35.57 28.62
C ASP A 461 -1.10 -35.12 29.95
N LYS A 462 -0.83 -35.88 31.00
CA LYS A 462 -1.28 -35.54 32.32
C LYS A 462 -0.75 -34.19 32.80
N ALA A 463 0.48 -33.86 32.40
CA ALA A 463 1.10 -32.61 32.83
C ALA A 463 0.37 -31.39 32.27
N ASP A 464 -0.17 -31.53 31.06
CA ASP A 464 -0.98 -30.49 30.43
C ASP A 464 -2.30 -30.27 31.15
N PHE A 465 -2.93 -31.37 31.58
CA PHE A 465 -4.13 -31.32 32.43
C PHE A 465 -3.85 -30.64 33.75
N GLU A 466 -2.70 -30.96 34.37
CA GLU A 466 -2.31 -30.35 35.65
C GLU A 466 -1.94 -28.86 35.56
N THR A 467 -1.40 -28.45 34.41
CA THR A 467 -1.04 -27.05 34.16
C THR A 467 -2.31 -26.22 34.04
N LEU A 468 -3.33 -26.76 33.37
CA LEU A 468 -4.63 -26.10 33.29
C LEU A 468 -5.24 -25.98 34.68
N GLN A 469 -5.22 -27.07 35.43
CA GLN A 469 -5.65 -27.10 36.83
C GLN A 469 -4.92 -26.06 37.67
N TYR A 470 -3.59 -26.02 37.56
CA TYR A 470 -2.79 -25.05 38.28
C TYR A 470 -3.22 -23.62 37.93
N THR A 471 -3.45 -23.37 36.65
CA THR A 471 -3.81 -22.05 36.14
C THR A 471 -5.14 -21.59 36.72
N PHE A 472 -6.14 -22.49 36.73
CA PHE A 472 -7.47 -22.12 37.20
C PHE A 472 -7.41 -21.80 38.69
N GLU A 473 -6.66 -22.61 39.43
CA GLU A 473 -6.44 -22.37 40.85
C GLU A 473 -5.81 -21.00 41.14
N ARG A 474 -4.78 -20.64 40.38
CA ARG A 474 -4.08 -19.39 40.64
C ARG A 474 -4.97 -18.18 40.26
N MET A 475 -5.77 -18.34 39.21
CA MET A 475 -6.73 -17.31 38.78
C MET A 475 -7.70 -16.96 39.92
N LYS A 476 -8.24 -17.98 40.59
CA LYS A 476 -9.18 -17.78 41.72
C LYS A 476 -8.54 -17.08 42.91
N GLU A 477 -7.32 -17.51 43.30
CA GLU A 477 -6.58 -16.84 44.35
C GLU A 477 -6.36 -15.39 43.98
N SER A 478 -5.94 -15.16 42.74
CA SER A 478 -5.61 -13.80 42.27
C SER A 478 -6.87 -12.90 42.25
N ALA A 479 -7.98 -13.44 41.74
CA ALA A 479 -9.25 -12.71 41.74
C ALA A 479 -9.71 -12.33 43.15
N ASP A 480 -9.79 -13.29 44.08
CA ASP A 480 -10.24 -12.96 45.45
C ASP A 480 -9.35 -11.99 46.23
N ILE A 481 -8.03 -12.11 46.04
CA ILE A 481 -7.09 -11.19 46.68
C ILE A 481 -7.17 -9.76 46.10
N LEU A 482 -7.23 -9.65 44.78
CA LEU A 482 -7.39 -8.35 44.13
C LEU A 482 -8.70 -7.66 44.53
N LEU A 483 -9.79 -8.41 44.56
CA LEU A 483 -11.09 -7.86 44.97
C LEU A 483 -11.02 -7.15 46.32
N MET A 484 -10.22 -7.69 47.21
CA MET A 484 -10.16 -7.22 48.59
C MET A 484 -9.00 -6.26 48.85
N ASN A 485 -8.21 -5.98 47.82
CA ASN A 485 -7.03 -5.14 47.99
C ASN A 485 -7.42 -3.67 48.23
N THR A 486 -6.77 -3.06 49.21
CA THR A 486 -7.09 -1.69 49.62
C THR A 486 -5.88 -0.73 49.48
N GLU A 487 -4.80 -1.22 48.90
CA GLU A 487 -3.60 -0.40 48.62
C GLU A 487 -3.83 0.59 47.47
N ASN A 488 -4.49 0.13 46.41
CA ASN A 488 -4.90 1.01 45.32
C ASN A 488 -6.40 0.78 45.03
N LYS A 489 -7.25 1.44 45.82
CA LYS A 489 -8.69 1.25 45.65
C LYS A 489 -9.19 1.68 44.28
N PRO A 490 -8.69 2.83 43.73
CA PRO A 490 -9.26 3.23 42.43
C PRO A 490 -8.99 2.18 41.35
N LEU A 491 -7.83 1.52 41.44
CA LEU A 491 -7.52 0.45 40.48
C LEU A 491 -8.52 -0.70 40.63
N ILE A 492 -8.78 -1.09 41.87
CA ILE A 492 -9.68 -2.22 42.13
C ILE A 492 -11.09 -1.92 41.67
N VAL A 493 -11.57 -0.70 41.93
CA VAL A 493 -12.86 -0.25 41.39
C VAL A 493 -12.90 -0.40 39.86
N GLU A 494 -11.85 0.05 39.16
CA GLU A 494 -11.82 -0.08 37.69
C GLU A 494 -11.99 -1.53 37.21
N ILE A 495 -11.24 -2.44 37.79
CA ILE A 495 -11.13 -3.79 37.24
C ILE A 495 -12.14 -4.78 37.81
N THR A 496 -12.80 -4.38 38.90
CA THR A 496 -13.70 -5.32 39.62
C THR A 496 -14.63 -6.20 38.79
N PRO A 497 -15.34 -5.64 37.79
CA PRO A 497 -16.25 -6.47 37.03
C PRO A 497 -15.53 -7.54 36.25
N TRP A 498 -14.39 -7.18 35.65
CA TRP A 498 -13.52 -8.15 34.98
C TRP A 498 -12.94 -9.18 35.95
N VAL A 499 -12.59 -8.76 37.16
CA VAL A 499 -12.13 -9.70 38.20
C VAL A 499 -13.20 -10.75 38.55
N HIS A 500 -14.46 -10.30 38.71
CA HIS A 500 -15.58 -11.24 38.95
C HIS A 500 -15.70 -12.24 37.78
N GLN A 501 -15.65 -11.74 36.56
CA GLN A 501 -15.77 -12.58 35.36
C GLN A 501 -14.61 -13.59 35.22
N PHE A 502 -13.41 -13.13 35.57
CA PHE A 502 -12.16 -13.90 35.58
C PHE A 502 -12.24 -15.04 36.59
N LYS A 503 -12.77 -14.77 37.79
CA LYS A 503 -13.01 -15.83 38.78
C LYS A 503 -14.01 -16.89 38.27
N LEU A 504 -15.12 -16.45 37.68
CA LEU A 504 -16.08 -17.39 37.15
C LEU A 504 -15.45 -18.26 36.05
N THR A 505 -14.62 -17.63 35.21
CA THR A 505 -13.90 -18.35 34.16
C THR A 505 -13.10 -19.50 34.74
N ALA A 506 -12.31 -19.21 35.75
CA ALA A 506 -11.48 -20.20 36.44
C ALA A 506 -12.32 -21.31 37.09
N GLU A 507 -13.43 -20.95 37.75
CA GLU A 507 -14.33 -21.98 38.32
C GLU A 507 -14.93 -22.86 37.23
N MET A 508 -15.34 -22.25 36.12
CA MET A 508 -15.88 -23.02 35.01
C MET A 508 -14.82 -23.99 34.47
N GLY A 509 -13.59 -23.50 34.32
CA GLY A 509 -12.47 -24.35 33.90
C GLY A 509 -12.25 -25.54 34.83
N GLU A 510 -12.27 -25.31 36.14
CA GLU A 510 -12.15 -26.41 37.11
C GLU A 510 -13.25 -27.47 36.94
N GLU A 511 -14.47 -27.01 36.71
CA GLU A 511 -15.61 -27.93 36.60
C GLU A 511 -15.57 -28.71 35.30
N VAL A 512 -15.17 -28.05 34.21
CA VAL A 512 -15.07 -28.71 32.91
C VAL A 512 -13.97 -29.81 32.96
N LEU A 513 -12.90 -29.53 33.71
CA LEU A 513 -11.83 -30.53 33.89
C LEU A 513 -12.30 -31.72 34.74
N LYS A 514 -13.18 -31.46 35.71
CA LYS A 514 -13.81 -32.54 36.45
C LYS A 514 -14.73 -33.37 35.54
N MET A 515 -15.37 -32.73 34.56
CA MET A 515 -16.16 -33.43 33.58
C MET A 515 -15.31 -34.35 32.71
N VAL A 516 -14.08 -33.92 32.41
CA VAL A 516 -13.17 -34.71 31.61
C VAL A 516 -12.74 -35.96 32.36
N GLU A 517 -12.42 -35.80 33.64
CA GLU A 517 -12.08 -36.93 34.50
C GLU A 517 -13.28 -37.86 34.62
N ARG A 519 -15.53 -39.80 36.18
CA ARG A 519 -15.86 -40.70 37.28
C ARG A 519 -17.07 -41.56 36.94
N ASN A 520 -18.26 -41.02 37.16
CA ASN A 520 -19.50 -41.69 36.84
C ASN A 520 -20.57 -40.75 36.28
N GLU A 521 -21.67 -41.34 35.81
CA GLU A 521 -22.74 -40.58 35.17
C GLU A 521 -23.33 -39.51 36.10
N SER A 522 -23.53 -39.87 37.35
CA SER A 522 -24.11 -38.97 38.33
C SER A 522 -23.21 -37.77 38.52
N TYR A 523 -21.92 -38.04 38.74
CA TYR A 523 -20.96 -37.00 38.98
C TYR A 523 -20.90 -36.05 37.80
N PHE A 524 -20.80 -36.61 36.61
CA PHE A 524 -20.71 -35.83 35.40
C PHE A 524 -21.87 -34.85 35.29
N LEU A 525 -23.08 -35.32 35.66
CA LEU A 525 -24.26 -34.49 35.55
C LEU A 525 -24.26 -33.35 36.56
N ARG A 526 -23.72 -33.60 37.75
CA ARG A 526 -23.58 -32.56 38.75
C ARG A 526 -22.62 -31.47 38.23
N LYS A 527 -21.53 -31.91 37.58
CA LYS A 527 -20.54 -30.99 37.04
C LYS A 527 -21.10 -30.19 35.90
N TYR A 528 -21.82 -30.88 35.01
CA TYR A 528 -22.50 -30.27 33.90
C TYR A 528 -23.49 -29.19 34.35
N ASN A 529 -24.33 -29.51 35.33
CA ASN A 529 -25.29 -28.54 35.82
C ASN A 529 -24.60 -27.33 36.48
N HIS A 530 -23.48 -27.59 37.15
CA HIS A 530 -22.71 -26.52 37.78
C HIS A 530 -22.18 -25.57 36.70
N VAL A 531 -21.61 -26.15 35.63
CA VAL A 531 -21.09 -25.37 34.50
C VAL A 531 -22.18 -24.51 33.85
N LYS A 532 -23.37 -25.08 33.64
CA LYS A 532 -24.49 -24.32 33.09
C LYS A 532 -24.80 -23.10 33.97
N ALA A 533 -24.76 -23.28 35.29
CA ALA A 533 -25.05 -22.19 36.25
C ALA A 533 -23.97 -21.12 36.14
N LEU A 534 -22.71 -21.54 36.01
CA LEU A 534 -21.59 -20.60 35.87
C LEU A 534 -21.66 -19.81 34.53
N GLN A 535 -22.10 -20.45 33.46
CA GLN A 535 -22.36 -19.77 32.18
C GLN A 535 -23.42 -18.68 32.38
N GLN A 536 -24.49 -19.04 33.11
CA GLN A 536 -25.53 -18.08 33.38
C GLN A 536 -25.01 -16.90 34.19
N GLN A 537 -24.18 -17.17 35.19
CA GLN A 537 -23.62 -16.09 36.00
C GLN A 537 -22.73 -15.17 35.16
N MET A 538 -21.96 -15.75 34.25
CA MET A 538 -21.10 -14.97 33.38
C MET A 538 -21.94 -14.07 32.47
N PHE A 539 -23.08 -14.57 32.03
CA PHE A 539 -24.10 -13.81 31.28
C PHE A 539 -24.62 -12.59 32.05
N TYR A 540 -24.98 -12.81 33.29
CA TYR A 540 -25.49 -11.79 34.18
C TYR A 540 -24.47 -10.68 34.34
N ILE A 541 -23.22 -11.03 34.53
CA ILE A 541 -22.18 -10.03 34.60
C ILE A 541 -22.06 -9.25 33.27
N ASP A 542 -22.06 -9.97 32.18
CA ASP A 542 -21.93 -9.38 30.86
C ASP A 542 -23.10 -8.44 30.55
N GLN A 543 -24.24 -8.67 31.22
CA GLN A 543 -25.44 -7.86 30.99
C GLN A 543 -25.65 -6.72 31.97
N THR A 544 -24.97 -6.77 33.12
CA THR A 544 -25.22 -5.76 34.15
C THR A 544 -24.07 -4.78 34.35
N SER A 545 -22.84 -5.22 34.07
CA SER A 545 -21.67 -4.36 34.22
C SER A 545 -21.22 -3.72 32.91
N ASN A 546 -20.64 -2.53 33.02
CA ASN A 546 -20.03 -1.85 31.88
C ASN A 546 -21.00 -1.78 30.71
N GLN A 547 -22.22 -1.35 30.97
CA GLN A 547 -23.21 -1.30 29.90
C GLN A 547 -23.12 -0.01 29.09
N ASN A 548 -22.06 0.10 28.27
CA ASN A 548 -21.86 1.26 27.38
C ASN A 548 -22.56 1.04 26.02
N PRO A 549 -22.76 2.11 25.22
CA PRO A 549 -23.52 1.96 23.98
C PRO A 549 -22.83 1.14 22.90
N TYR A 550 -21.53 0.89 23.05
CA TYR A 550 -20.72 0.46 21.91
C TYR A 550 -20.28 -1.00 21.96
N GLN A 551 -19.56 -1.39 23.01
CA GLN A 551 -19.25 -2.80 23.29
C GLN A 551 -19.55 -3.08 24.76
N PRO A 552 -20.84 -3.29 25.11
CA PRO A 552 -21.22 -3.44 26.50
C PRO A 552 -20.74 -4.77 27.06
N GLY A 553 -20.55 -4.82 28.37
CA GLY A 553 -20.26 -6.06 29.04
C GLY A 553 -18.80 -6.29 29.40
N VAL A 554 -18.48 -7.54 29.71
CA VAL A 554 -17.23 -7.85 30.35
C VAL A 554 -16.70 -9.15 29.80
N LYS A 555 -15.60 -9.06 29.05
CA LYS A 555 -14.92 -10.23 28.53
C LYS A 555 -13.53 -10.36 29.13
N THR A 556 -13.10 -11.60 29.35
CA THR A 556 -11.83 -11.85 30.01
C THR A 556 -11.25 -13.20 29.53
N ALA A 557 -9.93 -13.29 29.57
CA ALA A 557 -9.20 -14.51 29.16
C ALA A 557 -9.74 -15.07 27.85
N THR A 558 -9.91 -14.17 26.87
CA THR A 558 -10.64 -14.52 25.64
C THR A 558 -9.81 -15.22 24.57
N ARG A 559 -8.48 -15.06 24.62
CA ARG A 559 -7.65 -15.54 23.55
C ARG A 559 -7.42 -17.05 23.58
N VAL A 560 -7.06 -17.54 24.74
CA VAL A 560 -6.71 -18.93 24.95
C VAL A 560 -7.61 -19.66 25.95
N ILE A 561 -7.79 -19.09 27.13
CA ILE A 561 -8.45 -19.80 28.20
C ILE A 561 -9.94 -20.08 27.95
N LYS A 562 -10.73 -19.08 27.61
CA LYS A 562 -12.16 -19.28 27.39
C LYS A 562 -12.44 -20.23 26.20
N PRO A 563 -11.73 -20.05 25.05
CA PRO A 563 -11.98 -21.01 23.96
C PRO A 563 -11.63 -22.45 24.37
N LEU A 564 -10.55 -22.63 25.13
CA LEU A 564 -10.19 -23.94 25.63
C LEU A 564 -11.29 -24.57 26.51
N ILE A 565 -11.82 -23.77 27.43
CA ILE A 565 -12.89 -24.21 28.33
C ILE A 565 -14.14 -24.56 27.53
N ASP A 566 -14.55 -23.67 26.65
CA ASP A 566 -15.75 -23.89 25.84
C ASP A 566 -15.65 -25.12 24.95
N ARG A 567 -14.52 -25.25 24.25
CA ARG A 567 -14.35 -26.34 23.28
C ARG A 567 -14.26 -27.68 23.99
N THR A 568 -13.61 -27.69 25.16
CA THR A 568 -13.51 -28.87 25.98
C THR A 568 -14.91 -29.26 26.46
N PHE A 569 -15.67 -28.27 26.91
CA PHE A 569 -17.04 -28.53 27.34
C PHE A 569 -17.88 -29.12 26.22
N ALA A 570 -17.84 -28.53 25.02
CA ALA A 570 -18.65 -29.02 23.90
C ALA A 570 -18.29 -30.46 23.56
N THR A 571 -17.00 -30.78 23.65
CA THR A 571 -16.46 -32.10 23.31
C THR A 571 -16.90 -33.19 24.31
N VAL A 572 -16.71 -32.95 25.61
CA VAL A 572 -17.08 -33.92 26.64
C VAL A 572 -18.57 -34.18 26.71
N VAL A 573 -19.38 -33.17 26.43
CA VAL A 573 -20.82 -33.30 26.35
C VAL A 573 -21.20 -34.18 25.15
N LYS A 574 -20.54 -33.97 24.02
CA LYS A 574 -20.76 -34.84 22.86
C LYS A 574 -20.44 -36.30 23.24
N PHE A 575 -19.29 -36.51 23.87
CA PHE A 575 -18.90 -37.86 24.28
C PHE A 575 -19.93 -38.51 25.21
N PHE A 576 -20.42 -37.75 26.18
CA PHE A 576 -21.42 -38.23 27.14
C PHE A 576 -22.70 -38.60 26.41
N ASN A 577 -23.12 -37.73 25.49
CA ASN A 577 -24.30 -37.94 24.69
C ASN A 577 -24.22 -39.21 23.82
N GLN A 578 -23.00 -39.55 23.37
CA GLN A 578 -22.79 -40.78 22.61
C GLN A 578 -22.82 -41.99 23.54
N LYS A 579 -22.11 -41.87 24.66
CA LYS A 579 -21.93 -42.98 25.58
C LYS A 579 -23.24 -43.37 26.27
N PHE A 580 -24.05 -42.37 26.63
CA PHE A 580 -25.26 -42.63 27.41
C PHE A 580 -26.53 -42.39 26.63
N ASN A 581 -26.39 -42.28 25.30
CA ASN A 581 -27.51 -42.03 24.40
C ASN A 581 -28.36 -40.81 24.80
N ALA A 582 -27.68 -39.76 25.27
CA ALA A 582 -28.32 -38.58 25.83
C ALA A 582 -28.42 -37.40 24.83
N HIS A 583 -29.06 -36.32 25.27
CA HIS A 583 -29.24 -35.13 24.45
C HIS A 583 -28.94 -33.87 25.25
N LEU A 584 -27.87 -33.90 26.04
CA LEU A 584 -27.44 -32.72 26.78
C LEU A 584 -27.10 -31.60 25.81
N ASP A 585 -27.53 -30.39 26.15
CA ASP A 585 -27.18 -29.17 25.42
C ASP A 585 -25.68 -28.87 25.56
N ALA A 586 -24.99 -28.72 24.43
CA ALA A 586 -23.54 -28.47 24.45
C ALA A 586 -23.15 -27.00 24.27
N THR A 587 -24.16 -26.12 24.16
CA THR A 587 -23.90 -24.69 23.93
C THR A 587 -23.09 -24.07 25.08
N THR A 588 -22.21 -23.14 24.75
CA THR A 588 -21.22 -22.65 25.71
C THR A 588 -21.51 -21.27 26.31
N ASP A 589 -22.27 -20.44 25.62
CA ASP A 589 -22.74 -19.19 26.21
C ASP A 589 -24.20 -19.29 26.53
N TYR A 590 -24.56 -18.87 27.75
CA TYR A 590 -25.94 -18.84 28.16
C TYR A 590 -26.72 -17.81 27.35
N MET A 591 -27.89 -18.24 26.88
CA MET A 591 -28.78 -17.37 26.13
C MET A 591 -30.22 -17.68 26.55
N PRO A 592 -30.87 -16.72 27.24
CA PRO A 592 -32.23 -16.94 27.76
C PRO A 592 -33.30 -16.98 26.67
N HIS A 593 -33.01 -16.36 25.53
CA HIS A 593 -33.93 -16.34 24.38
C HIS A 593 -33.57 -17.45 23.40
N LYS A 594 -34.57 -17.92 22.66
CA LYS A 594 -34.37 -19.06 21.75
C LYS A 594 -34.52 -18.65 20.28
N MET A 595 -33.84 -19.37 19.41
CA MET A 595 -34.06 -19.27 17.98
C MET A 595 -34.10 -20.66 17.34
N LEU A 605 -26.37 -20.17 14.02
CA LEU A 605 -25.89 -18.88 14.52
C LEU A 605 -26.47 -18.62 15.93
N PRO A 606 -25.60 -18.24 16.89
CA PRO A 606 -26.14 -17.98 18.23
C PRO A 606 -26.81 -16.60 18.31
N LEU A 607 -27.88 -16.50 19.09
CA LEU A 607 -28.43 -15.18 19.43
C LEU A 607 -27.45 -14.45 20.35
N GLN A 608 -27.55 -13.12 20.35
CA GLN A 608 -26.77 -12.28 21.25
C GLN A 608 -27.69 -11.25 21.92
N VAL A 609 -27.34 -10.87 23.13
CA VAL A 609 -28.07 -9.83 23.82
C VAL A 609 -27.12 -8.68 24.06
N LYS A 610 -27.45 -7.53 23.50
CA LYS A 610 -26.68 -6.33 23.77
C LYS A 610 -27.60 -5.21 24.20
N ALA A 611 -27.51 -4.81 25.46
CA ALA A 611 -28.44 -3.87 26.05
C ALA A 611 -29.87 -4.35 25.83
N ASN A 612 -30.70 -3.48 25.28
CA ASN A 612 -32.08 -3.84 24.95
C ASN A 612 -32.25 -4.35 23.52
N ARG A 613 -31.18 -4.87 22.95
CA ARG A 613 -31.20 -5.43 21.62
C ARG A 613 -31.04 -6.93 21.70
N VAL A 614 -31.78 -7.64 20.87
CA VAL A 614 -31.69 -9.08 20.75
C VAL A 614 -31.42 -9.43 19.29
N LEU A 615 -30.22 -9.92 19.01
CA LEU A 615 -29.77 -10.07 17.64
C LEU A 615 -29.22 -11.46 17.30
N ILE A 616 -29.28 -11.80 16.02
CA ILE A 616 -28.68 -13.03 15.53
C ILE A 616 -27.30 -12.70 15.06
N SER A 617 -26.32 -13.49 15.50
CA SER A 617 -24.93 -13.28 15.05
C SER A 617 -24.91 -13.17 13.53
N PRO A 618 -24.37 -12.06 12.98
CA PRO A 618 -24.41 -11.83 11.53
C PRO A 618 -23.63 -12.86 10.71
N GLU A 632 -37.12 -18.02 13.26
CA GLU A 632 -37.99 -17.60 14.36
C GLU A 632 -37.28 -17.49 15.73
N ILE A 633 -37.44 -16.33 16.35
CA ILE A 633 -36.92 -16.03 17.68
C ILE A 633 -38.06 -16.05 18.70
N GLU A 634 -37.84 -16.75 19.81
CA GLU A 634 -38.77 -16.74 20.94
C GLU A 634 -38.08 -16.17 22.17
N LEU A 635 -38.59 -15.03 22.66
CA LEU A 635 -38.05 -14.37 23.83
C LEU A 635 -38.55 -15.03 25.11
N ASP A 636 -37.79 -14.87 26.20
CA ASP A 636 -38.10 -15.53 27.48
C ASP A 636 -39.36 -14.96 28.15
N ALA A 637 -39.90 -13.89 27.57
CA ALA A 637 -41.11 -13.24 28.08
C ALA A 637 -41.74 -12.34 27.00
N ILE A 638 -42.92 -11.77 27.31
CA ILE A 638 -43.51 -10.74 26.47
C ILE A 638 -42.88 -9.40 26.85
N TYR A 639 -42.33 -8.70 25.85
CA TYR A 639 -41.78 -7.37 26.01
C TYR A 639 -42.46 -6.39 25.05
N PRO A 640 -42.43 -5.11 25.38
CA PRO A 640 -42.86 -4.11 24.42
C PRO A 640 -41.80 -4.01 23.33
N GLY A 641 -42.21 -4.14 22.08
CA GLY A 641 -41.30 -3.99 20.97
C GLY A 641 -40.99 -2.54 20.67
N GLU A 642 -39.79 -2.29 20.20
CA GLU A 642 -39.32 -0.95 19.90
C GLU A 642 -39.16 -0.85 18.40
N ASN A 643 -38.29 -1.69 17.85
CA ASN A 643 -38.10 -1.76 16.42
C ASN A 643 -37.36 -3.02 15.99
N ILE A 644 -37.38 -3.29 14.69
CA ILE A 644 -36.64 -4.40 14.09
C ILE A 644 -35.78 -3.79 12.98
N GLN A 645 -34.54 -4.23 12.92
CA GLN A 645 -33.63 -3.81 11.88
C GLN A 645 -32.98 -5.01 11.22
N ILE A 646 -33.14 -5.10 9.91
CA ILE A 646 -32.60 -6.18 9.15
C ILE A 646 -31.78 -5.62 8.01
N ASN A 647 -30.77 -6.38 7.59
CA ASN A 647 -29.94 -5.98 6.48
C ASN A 647 -29.36 -7.21 5.78
N PHE A 648 -29.73 -7.36 4.52
CA PHE A 648 -29.34 -8.52 3.73
C PHE A 648 -28.17 -8.20 2.82
N LEU A 680 -33.26 -2.47 6.16
CA LEU A 680 -34.69 -2.58 6.41
C LEU A 680 -34.96 -2.27 7.89
N SER A 681 -36.08 -1.60 8.15
CA SER A 681 -36.46 -1.21 9.52
C SER A 681 -37.97 -1.03 9.69
N ALA A 682 -38.47 -1.37 10.88
CA ALA A 682 -39.88 -1.24 11.20
C ALA A 682 -40.13 -0.89 12.68
N GLY A 683 -40.68 0.29 12.92
CA GLY A 683 -41.10 0.70 14.25
C GLY A 683 -42.21 -0.21 14.75
N LEU A 684 -42.05 -0.71 15.97
CA LEU A 684 -43.03 -1.64 16.53
C LEU A 684 -44.06 -0.95 17.42
N GLN A 685 -43.81 0.32 17.74
CA GLN A 685 -44.75 1.18 18.48
C GLN A 685 -45.25 0.57 19.79
N LYS A 686 -44.30 0.09 20.58
CA LYS A 686 -44.55 -0.49 21.91
C LYS A 686 -45.44 -1.73 21.95
N ALA A 687 -45.67 -2.37 20.80
CA ALA A 687 -46.54 -3.56 20.74
C ALA A 687 -45.93 -4.74 21.51
N PRO A 688 -46.77 -5.50 22.26
CA PRO A 688 -46.27 -6.68 22.96
C PRO A 688 -45.67 -7.69 21.98
N VAL A 689 -44.51 -8.24 22.34
CA VAL A 689 -43.79 -9.17 21.47
C VAL A 689 -43.05 -10.24 22.29
N LYS A 690 -43.24 -11.50 21.88
CA LYS A 690 -42.50 -12.64 22.40
C LYS A 690 -41.84 -13.39 21.24
N PHE A 691 -42.57 -13.53 20.13
CA PHE A 691 -42.09 -14.20 18.92
C PHE A 691 -41.82 -13.21 17.77
N VAL A 692 -40.70 -13.42 17.08
CA VAL A 692 -40.42 -12.70 15.84
C VAL A 692 -40.09 -13.74 14.79
N ARG A 693 -40.81 -13.70 13.67
CA ARG A 693 -40.61 -14.66 12.58
C ARG A 693 -40.39 -13.95 11.25
N PHE A 694 -39.42 -14.42 10.50
CA PHE A 694 -39.15 -13.91 9.16
C PHE A 694 -39.08 -15.05 8.15
N GLN A 708 -27.46 -8.15 9.28
CA GLN A 708 -28.01 -7.84 10.60
C GLN A 708 -29.45 -8.33 10.72
N PHE A 709 -29.82 -8.66 11.94
CA PHE A 709 -31.19 -9.05 12.29
C PHE A 709 -31.34 -8.76 13.78
N VAL A 710 -31.84 -7.57 14.08
CA VAL A 710 -31.82 -7.04 15.45
C VAL A 710 -33.22 -6.60 15.89
N LEU A 711 -33.74 -7.24 16.93
CA LEU A 711 -34.95 -6.77 17.58
C LEU A 711 -34.59 -5.89 18.77
N THR A 712 -35.12 -4.67 18.78
CA THR A 712 -34.98 -3.80 19.96
C THR A 712 -36.29 -3.84 20.75
N ILE A 713 -36.16 -4.00 22.06
CA ILE A 713 -37.29 -4.06 22.99
C ILE A 713 -37.14 -3.02 24.11
N GLU A 714 -38.23 -2.75 24.83
CA GLU A 714 -38.15 -1.95 26.05
C GLU A 714 -37.76 -2.89 27.20
N LYS A 715 -36.57 -2.67 27.74
CA LYS A 715 -36.01 -3.54 28.76
C LYS A 715 -35.43 -2.72 29.89
N LEU B 5 -3.89 -20.85 -38.35
CA LEU B 5 -4.93 -19.90 -38.02
C LEU B 5 -4.64 -19.09 -36.75
N GLN B 6 -4.82 -17.80 -36.85
CA GLN B 6 -4.59 -16.89 -35.74
C GLN B 6 -5.72 -15.85 -35.65
N PRO B 7 -6.37 -15.75 -34.50
CA PRO B 7 -6.21 -16.70 -33.40
C PRO B 7 -6.60 -18.13 -33.75
N PRO B 8 -6.02 -19.13 -33.11
CA PRO B 8 -6.44 -20.51 -33.34
C PRO B 8 -7.85 -20.74 -32.81
N PRO B 9 -8.69 -21.37 -33.60
CA PRO B 9 -10.08 -21.58 -33.21
C PRO B 9 -10.26 -22.52 -32.01
N GLN B 10 -11.40 -22.37 -31.34
CA GLN B 10 -11.73 -23.21 -30.19
C GLN B 10 -11.78 -24.70 -30.62
N GLN B 11 -12.42 -24.99 -31.74
CA GLN B 11 -12.46 -26.34 -32.26
C GLN B 11 -12.24 -26.32 -33.76
N LEU B 12 -11.35 -27.22 -34.20
CA LEU B 12 -10.98 -27.36 -35.59
C LEU B 12 -10.91 -28.85 -35.94
N ILE B 13 -11.62 -29.22 -37.00
CA ILE B 13 -11.56 -30.55 -37.53
C ILE B 13 -11.26 -30.45 -39.00
N VAL B 14 -10.07 -30.93 -39.38
CA VAL B 14 -9.59 -30.87 -40.74
C VAL B 14 -9.56 -32.23 -41.41
N GLN B 15 -10.07 -32.28 -42.62
CA GLN B 15 -9.98 -33.47 -43.45
C GLN B 15 -8.85 -33.29 -44.43
N ASN B 16 -8.15 -34.36 -44.73
CA ASN B 16 -7.05 -34.28 -45.66
C ASN B 16 -7.54 -34.28 -47.10
N LYS B 17 -8.34 -33.27 -47.41
CA LYS B 17 -8.92 -33.04 -48.74
C LYS B 17 -8.97 -31.53 -48.98
N THR B 18 -8.77 -31.13 -50.22
CA THR B 18 -8.89 -29.72 -50.58
C THR B 18 -9.91 -29.56 -51.69
N ILE B 19 -10.58 -28.42 -51.71
CA ILE B 19 -11.46 -28.08 -52.81
C ILE B 19 -10.96 -26.77 -53.40
N ASP B 20 -11.34 -26.51 -54.65
CA ASP B 20 -11.10 -25.23 -55.27
C ASP B 20 -12.19 -24.27 -54.85
N LEU B 21 -11.84 -23.00 -54.70
CA LEU B 21 -12.81 -21.94 -54.47
C LEU B 21 -13.69 -21.86 -55.71
N PRO B 22 -15.02 -22.01 -55.56
CA PRO B 22 -15.91 -22.23 -56.71
C PRO B 22 -15.79 -21.17 -57.82
N ALA B 23 -15.41 -21.63 -59.02
CA ALA B 23 -15.44 -20.77 -60.21
C ALA B 23 -16.86 -20.25 -60.44
N VAL B 24 -17.86 -21.10 -60.17
CA VAL B 24 -19.26 -20.69 -60.22
C VAL B 24 -19.91 -20.99 -58.87
N TYR B 25 -20.57 -19.99 -58.29
CA TYR B 25 -21.18 -20.11 -56.97
C TYR B 25 -22.57 -19.51 -56.91
N GLN B 26 -23.35 -20.02 -55.98
CA GLN B 26 -24.65 -19.49 -55.68
C GLN B 26 -24.58 -18.95 -54.25
N LEU B 27 -24.86 -17.67 -54.08
CA LEU B 27 -24.77 -17.05 -52.77
C LEU B 27 -26.11 -16.99 -52.05
N ASN B 28 -26.13 -17.55 -50.86
CA ASN B 28 -27.30 -17.62 -50.03
C ASN B 28 -27.16 -16.79 -48.75
N GLY B 29 -27.96 -15.74 -48.62
CA GLY B 29 -27.94 -14.87 -47.45
C GLY B 29 -27.25 -13.51 -47.57
N GLY B 30 -26.73 -13.22 -48.77
CA GLY B 30 -26.07 -11.93 -49.04
C GLY B 30 -26.79 -10.66 -48.63
N GLU B 31 -28.11 -10.65 -48.76
CA GLU B 31 -28.90 -9.45 -48.47
C GLU B 31 -29.23 -9.31 -46.98
N GLU B 32 -29.06 -10.39 -46.22
CA GLU B 32 -29.46 -10.38 -44.81
C GLU B 32 -28.32 -10.48 -43.80
N ALA B 33 -27.17 -11.00 -44.22
CA ALA B 33 -26.02 -11.18 -43.33
C ALA B 33 -25.37 -9.82 -43.01
N ASN B 34 -24.56 -9.78 -41.96
CA ASN B 34 -23.70 -8.62 -41.68
C ASN B 34 -23.05 -8.13 -42.99
N PRO B 35 -23.39 -6.90 -43.44
CA PRO B 35 -22.80 -6.39 -44.69
C PRO B 35 -21.25 -6.30 -44.68
N HIS B 36 -20.68 -6.02 -43.50
CA HIS B 36 -19.22 -6.05 -43.31
C HIS B 36 -18.63 -7.42 -43.67
N ALA B 37 -19.34 -8.49 -43.31
CA ALA B 37 -18.86 -9.83 -43.64
C ALA B 37 -19.10 -10.13 -45.12
N VAL B 38 -20.26 -9.72 -45.61
CA VAL B 38 -20.57 -9.89 -47.02
C VAL B 38 -19.49 -9.26 -47.91
N LYS B 39 -19.14 -8.02 -47.61
CA LYS B 39 -18.10 -7.34 -48.35
C LYS B 39 -16.81 -8.17 -48.45
N VAL B 40 -16.30 -8.63 -47.32
CA VAL B 40 -15.12 -9.47 -47.37
C VAL B 40 -15.31 -10.65 -48.29
N LEU B 41 -16.46 -11.30 -48.20
CA LEU B 41 -16.71 -12.49 -48.96
C LEU B 41 -16.61 -12.20 -50.44
N LYS B 42 -17.26 -11.13 -50.85
CA LYS B 42 -17.31 -10.78 -52.25
C LYS B 42 -15.95 -10.40 -52.84
N GLU B 43 -15.11 -9.74 -52.07
CA GLU B 43 -13.73 -9.44 -52.47
C GLU B 43 -12.93 -10.72 -52.70
N LEU B 44 -13.10 -11.70 -51.82
CA LEU B 44 -12.50 -13.01 -52.00
C LEU B 44 -13.06 -13.75 -53.22
N LEU B 45 -14.30 -13.46 -53.58
CA LEU B 45 -14.99 -14.17 -54.65
C LEU B 45 -14.91 -13.47 -55.98
N SER B 46 -14.23 -12.33 -56.02
CA SER B 46 -14.16 -11.52 -57.22
C SER B 46 -13.37 -12.21 -58.33
N GLY B 47 -13.99 -12.32 -59.49
CA GLY B 47 -13.41 -13.03 -60.62
C GLY B 47 -14.25 -14.28 -60.81
N LYS B 48 -14.61 -14.88 -59.70
CA LYS B 48 -15.56 -16.00 -59.72
C LYS B 48 -16.95 -15.52 -60.16
N GLN B 49 -17.78 -16.46 -60.61
CA GLN B 49 -19.07 -16.12 -61.23
C GLN B 49 -20.31 -16.47 -60.41
N SER B 50 -21.13 -15.46 -60.14
CA SER B 50 -22.37 -15.59 -59.36
C SER B 50 -23.54 -16.02 -60.24
N SER B 51 -24.24 -17.06 -59.81
CA SER B 51 -25.26 -17.72 -60.63
C SER B 51 -26.26 -18.50 -59.78
N LYS B 52 -27.07 -19.32 -60.46
CA LYS B 52 -27.98 -20.26 -59.82
C LYS B 52 -27.42 -21.69 -59.82
N LYS B 53 -26.55 -21.98 -60.79
CA LYS B 53 -25.81 -23.25 -60.82
C LYS B 53 -24.65 -23.21 -59.81
N GLY B 54 -24.06 -24.37 -59.55
CA GLY B 54 -22.78 -24.45 -58.84
C GLY B 54 -22.85 -24.36 -57.33
N MET B 55 -21.68 -24.32 -56.70
CA MET B 55 -21.54 -24.46 -55.25
C MET B 55 -22.36 -23.44 -54.47
N LEU B 56 -23.11 -23.95 -53.50
CA LEU B 56 -23.81 -23.09 -52.57
C LEU B 56 -22.83 -22.54 -51.52
N ILE B 57 -22.93 -21.23 -51.28
CA ILE B 57 -22.25 -20.59 -50.16
C ILE B 57 -23.33 -19.91 -49.29
N SER B 58 -23.47 -20.38 -48.07
CA SER B 58 -24.47 -19.82 -47.17
C SER B 58 -23.80 -18.93 -46.13
N ILE B 59 -24.25 -17.68 -46.05
CA ILE B 59 -23.75 -16.70 -45.09
C ILE B 59 -24.90 -16.07 -44.32
N GLY B 60 -24.78 -16.03 -42.99
CA GLY B 60 -25.78 -15.32 -42.20
C GLY B 60 -25.55 -15.43 -40.71
N GLU B 61 -26.41 -14.75 -39.94
CA GLU B 61 -26.45 -14.90 -38.51
C GLU B 61 -27.46 -16.01 -38.20
N LYS B 62 -27.39 -16.58 -37.00
CA LYS B 62 -28.16 -17.78 -36.62
C LYS B 62 -29.68 -17.69 -36.88
N GLY B 63 -30.24 -16.50 -36.73
CA GLY B 63 -31.69 -16.31 -36.98
C GLY B 63 -32.08 -16.22 -38.46
N ASP B 64 -31.11 -16.01 -39.35
CA ASP B 64 -31.40 -15.79 -40.79
C ASP B 64 -31.82 -17.09 -41.48
N LYS B 65 -32.70 -16.97 -42.45
CA LYS B 65 -33.16 -18.18 -43.16
C LYS B 65 -32.04 -18.90 -43.91
N SER B 66 -31.03 -18.14 -44.36
CA SER B 66 -29.84 -18.71 -45.00
C SER B 66 -29.14 -19.80 -44.19
N VAL B 67 -29.05 -19.62 -42.87
CA VAL B 67 -28.24 -20.55 -42.06
C VAL B 67 -28.97 -21.12 -40.85
N ARG B 68 -30.26 -20.84 -40.73
CA ARG B 68 -31.02 -21.28 -39.56
C ARG B 68 -30.89 -22.79 -39.36
N LYS B 69 -30.87 -23.55 -40.44
CA LYS B 69 -30.78 -25.00 -40.34
C LYS B 69 -29.49 -25.50 -39.69
N TYR B 70 -28.47 -24.65 -39.61
CA TYR B 70 -27.21 -25.00 -38.96
C TYR B 70 -27.15 -24.55 -37.49
N SER B 71 -28.29 -24.20 -36.93
CA SER B 71 -28.37 -23.67 -35.58
C SER B 71 -27.64 -24.51 -34.54
N ARG B 72 -27.79 -25.82 -34.65
CA ARG B 72 -27.16 -26.74 -33.73
C ARG B 72 -25.63 -26.74 -33.81
N GLN B 73 -25.11 -26.25 -34.94
CA GLN B 73 -23.66 -26.15 -35.13
C GLN B 73 -23.04 -24.82 -34.64
N ILE B 74 -23.87 -23.79 -34.48
CA ILE B 74 -23.37 -22.44 -34.17
C ILE B 74 -23.18 -22.29 -32.66
N PRO B 75 -21.95 -21.97 -32.23
CA PRO B 75 -21.72 -21.90 -30.78
C PRO B 75 -22.62 -20.87 -30.13
N ASP B 76 -23.18 -21.21 -28.98
CA ASP B 76 -24.05 -20.28 -28.27
C ASP B 76 -23.20 -19.30 -27.43
N HIS B 77 -22.42 -18.46 -28.12
CA HIS B 77 -21.49 -17.51 -27.49
C HIS B 77 -21.47 -16.23 -28.31
N LYS B 78 -21.43 -15.09 -27.64
CA LYS B 78 -21.27 -13.80 -28.31
C LYS B 78 -20.02 -13.83 -29.18
N GLU B 79 -20.14 -13.37 -30.42
CA GLU B 79 -19.05 -13.34 -31.40
C GLU B 79 -18.62 -14.71 -31.92
N GLY B 80 -19.39 -15.75 -31.60
CA GLY B 80 -19.13 -17.11 -32.07
C GLY B 80 -19.58 -17.35 -33.51
N TYR B 81 -19.08 -18.42 -34.12
CA TYR B 81 -19.46 -18.74 -35.51
C TYR B 81 -19.20 -20.23 -35.78
N TYR B 82 -19.83 -20.74 -36.83
CA TYR B 82 -19.58 -22.06 -37.34
C TYR B 82 -19.11 -21.83 -38.75
N LEU B 83 -18.01 -22.50 -39.13
CA LEU B 83 -17.52 -22.46 -40.49
C LEU B 83 -17.34 -23.89 -40.99
N SER B 84 -17.80 -24.14 -42.21
CA SER B 84 -17.68 -25.46 -42.79
C SER B 84 -17.34 -25.34 -44.26
N VAL B 85 -16.35 -26.13 -44.67
CA VAL B 85 -16.03 -26.29 -46.08
C VAL B 85 -16.01 -27.78 -46.37
N ASN B 86 -16.79 -28.20 -47.38
CA ASN B 86 -16.67 -29.55 -47.94
C ASN B 86 -16.90 -29.50 -49.45
N GLU B 87 -16.89 -30.65 -50.10
CA GLU B 87 -17.09 -30.73 -51.57
C GLU B 87 -18.44 -30.18 -52.00
N LYS B 88 -19.42 -30.30 -51.10
CA LYS B 88 -20.82 -29.94 -51.36
C LYS B 88 -21.09 -28.44 -51.27
N GLU B 89 -20.72 -27.82 -50.13
CA GLU B 89 -21.06 -26.42 -49.90
C GLU B 89 -20.10 -25.74 -48.89
N ILE B 90 -20.26 -24.43 -48.78
CA ILE B 90 -19.53 -23.63 -47.79
C ILE B 90 -20.56 -22.96 -46.87
N VAL B 91 -20.31 -22.99 -45.56
CA VAL B 91 -21.22 -22.38 -44.59
C VAL B 91 -20.43 -21.39 -43.72
N LEU B 92 -20.95 -20.17 -43.61
CA LEU B 92 -20.35 -19.11 -42.80
C LEU B 92 -21.45 -18.51 -41.91
N ALA B 93 -21.56 -19.03 -40.68
CA ALA B 93 -22.73 -18.75 -39.84
C ALA B 93 -22.32 -18.18 -38.48
N GLY B 94 -22.64 -16.92 -38.26
CA GLY B 94 -22.29 -16.30 -36.97
C GLY B 94 -23.41 -16.51 -35.97
N ASN B 95 -23.05 -16.59 -34.69
CA ASN B 95 -24.02 -16.45 -33.62
C ASN B 95 -24.71 -15.06 -33.68
N ASP B 96 -23.97 -14.06 -34.14
CA ASP B 96 -24.43 -12.65 -34.17
C ASP B 96 -23.65 -11.99 -35.30
N GLU B 97 -23.90 -10.71 -35.58
CA GLU B 97 -23.26 -10.09 -36.73
C GLU B 97 -21.72 -10.13 -36.68
N ARG B 98 -21.17 -9.91 -35.48
CA ARG B 98 -19.74 -9.89 -35.35
C ARG B 98 -19.19 -11.29 -35.59
N GLY B 99 -19.88 -12.31 -35.07
CA GLY B 99 -19.52 -13.70 -35.32
C GLY B 99 -19.40 -14.03 -36.80
N THR B 100 -20.33 -13.51 -37.62
CA THR B 100 -20.27 -13.75 -39.06
C THR B 100 -19.00 -13.11 -39.69
N TYR B 101 -18.67 -11.91 -39.25
CA TYR B 101 -17.46 -11.24 -39.67
C TYR B 101 -16.22 -12.05 -39.28
N TYR B 102 -16.22 -12.57 -38.06
CA TYR B 102 -15.07 -13.34 -37.61
C TYR B 102 -14.92 -14.63 -38.41
N ALA B 103 -16.04 -15.23 -38.81
CA ALA B 103 -16.03 -16.39 -39.69
C ALA B 103 -15.31 -16.09 -40.98
N LEU B 104 -15.63 -14.97 -41.60
CA LEU B 104 -14.93 -14.54 -42.79
C LEU B 104 -13.42 -14.26 -42.60
N GLN B 105 -13.02 -13.76 -41.44
CA GLN B 105 -11.60 -13.53 -41.17
C GLN B 105 -10.81 -14.85 -41.07
N THR B 106 -11.45 -15.88 -40.54
CA THR B 106 -10.93 -17.22 -40.56
C THR B 106 -10.90 -17.80 -41.99
N PHE B 107 -12.01 -17.66 -42.66
CA PHE B 107 -12.11 -18.09 -44.05
C PHE B 107 -10.97 -17.53 -44.92
N ALA B 108 -10.74 -16.23 -44.82
CA ALA B 108 -9.68 -15.55 -45.56
C ALA B 108 -8.29 -16.18 -45.33
N GLN B 109 -8.03 -16.65 -44.11
CA GLN B 109 -6.78 -17.36 -43.80
C GLN B 109 -6.72 -18.80 -44.34
N LEU B 110 -7.87 -19.45 -44.49
CA LEU B 110 -7.92 -20.80 -45.04
C LEU B 110 -7.61 -20.81 -46.53
N LEU B 111 -7.99 -19.74 -47.21
CA LEU B 111 -7.91 -19.67 -48.66
C LEU B 111 -6.49 -19.41 -49.11
N LYS B 112 -5.95 -20.33 -49.90
CA LYS B 112 -4.55 -20.24 -50.36
C LYS B 112 -4.35 -20.76 -51.77
N ASP B 113 -3.82 -19.88 -52.65
CA ASP B 113 -3.64 -20.17 -54.07
C ASP B 113 -4.95 -20.74 -54.65
N GLY B 114 -6.04 -20.05 -54.37
CA GLY B 114 -7.37 -20.42 -54.86
C GLY B 114 -8.00 -21.67 -54.28
N LYS B 115 -7.33 -22.33 -53.33
CA LYS B 115 -7.84 -23.57 -52.73
C LYS B 115 -8.18 -23.50 -51.22
N LEU B 116 -9.07 -24.38 -50.77
CA LEU B 116 -9.52 -24.44 -49.38
C LEU B 116 -9.41 -25.86 -48.82
N PRO B 117 -9.02 -25.99 -47.52
CA PRO B 117 -9.13 -27.33 -46.95
C PRO B 117 -10.59 -27.65 -46.63
N GLU B 118 -10.88 -28.94 -46.55
CA GLU B 118 -12.16 -29.40 -46.06
C GLU B 118 -12.05 -29.34 -44.55
N VAL B 119 -12.84 -28.47 -43.92
CA VAL B 119 -12.67 -28.21 -42.50
C VAL B 119 -14.01 -27.99 -41.83
N GLU B 120 -14.04 -28.21 -40.52
CA GLU B 120 -15.17 -27.80 -39.75
C GLU B 120 -14.67 -27.11 -38.48
N ILE B 121 -15.20 -25.91 -38.24
CA ILE B 121 -14.69 -25.04 -37.19
C ILE B 121 -15.85 -24.51 -36.36
N LYS B 122 -15.70 -24.58 -35.04
CA LYS B 122 -16.65 -23.95 -34.12
C LYS B 122 -15.79 -23.12 -33.21
N ASP B 123 -16.09 -21.83 -33.15
CA ASP B 123 -15.14 -20.85 -32.60
C ASP B 123 -15.89 -19.71 -31.94
N TYR B 124 -15.22 -19.09 -30.98
CA TYR B 124 -15.77 -17.97 -30.21
C TYR B 124 -14.61 -17.49 -29.32
N PRO B 125 -14.69 -16.26 -28.78
CA PRO B 125 -13.59 -15.81 -27.91
C PRO B 125 -13.73 -16.22 -26.47
N SER B 126 -12.59 -16.46 -25.81
CA SER B 126 -12.61 -16.75 -24.38
C SER B 126 -12.75 -15.52 -23.51
N VAL B 127 -12.28 -14.37 -24.01
CA VAL B 127 -12.37 -13.08 -23.29
C VAL B 127 -13.27 -12.12 -24.08
N ARG B 128 -14.18 -11.42 -23.40
CA ARG B 128 -15.25 -10.68 -24.07
C ARG B 128 -14.75 -9.44 -24.84
N TYR B 129 -13.84 -8.68 -24.22
CA TYR B 129 -13.28 -7.48 -24.85
C TYR B 129 -11.78 -7.62 -25.04
N ARG B 130 -11.31 -7.41 -26.26
CA ARG B 130 -9.93 -7.74 -26.63
C ARG B 130 -9.47 -6.66 -27.57
N GLY B 131 -8.30 -6.08 -27.28
CA GLY B 131 -7.80 -5.02 -28.18
C GLY B 131 -6.65 -4.21 -27.67
N VAL B 132 -6.70 -2.91 -27.96
CA VAL B 132 -5.59 -1.99 -27.76
C VAL B 132 -6.05 -0.72 -27.07
N VAL B 133 -5.31 -0.28 -26.06
CA VAL B 133 -5.53 1.06 -25.53
C VAL B 133 -4.35 1.91 -26.02
N GLU B 134 -4.62 2.88 -26.88
CA GLU B 134 -3.58 3.84 -27.20
C GLU B 134 -3.50 4.80 -26.02
N GLY B 135 -2.71 4.42 -25.01
CA GLY B 135 -2.73 5.10 -23.72
C GLY B 135 -1.38 5.57 -23.18
N PHE B 136 -0.41 5.69 -24.06
CA PHE B 136 0.98 5.97 -23.67
C PHE B 136 1.30 7.46 -23.64
N TYR B 137 2.46 7.79 -23.06
CA TYR B 137 3.08 9.13 -23.18
C TYR B 137 3.96 9.14 -24.42
N GLY B 138 4.02 10.28 -25.11
CA GLY B 138 4.82 10.40 -26.34
C GLY B 138 3.96 10.88 -27.51
N THR B 139 4.56 10.95 -28.68
CA THR B 139 3.84 11.39 -29.89
C THR B 139 2.67 10.44 -30.15
N PRO B 140 1.42 10.94 -30.09
CA PRO B 140 0.28 10.06 -30.39
C PRO B 140 0.36 9.49 -31.83
N TRP B 141 -0.22 8.32 -32.05
CA TRP B 141 -0.26 7.70 -33.37
C TRP B 141 -0.82 8.67 -34.41
N SER B 142 -0.24 8.64 -35.60
CA SER B 142 -0.76 9.42 -36.72
C SER B 142 -2.09 8.86 -37.19
N HIS B 143 -2.85 9.71 -37.87
CA HIS B 143 -4.14 9.31 -38.40
C HIS B 143 -3.98 8.10 -39.31
N GLN B 144 -2.99 8.14 -40.20
CA GLN B 144 -2.70 6.99 -41.06
C GLN B 144 -2.32 5.73 -40.27
N ALA B 145 -1.52 5.87 -39.21
CA ALA B 145 -1.20 4.70 -38.37
C ALA B 145 -2.49 4.09 -37.78
N ARG B 146 -3.39 4.94 -37.31
CA ARG B 146 -4.65 4.48 -36.66
C ARG B 146 -5.57 3.75 -37.63
N LEU B 147 -5.67 4.27 -38.84
CA LEU B 147 -6.44 3.61 -39.89
C LEU B 147 -5.93 2.19 -40.13
N SER B 148 -4.59 2.04 -40.21
CA SER B 148 -3.94 0.74 -40.42
C SER B 148 -4.16 -0.18 -39.21
N GLN B 149 -4.07 0.36 -38.01
CA GLN B 149 -4.34 -0.40 -36.81
C GLN B 149 -5.74 -1.01 -36.83
N LEU B 150 -6.74 -0.21 -37.20
CA LEU B 150 -8.12 -0.67 -37.10
C LEU B 150 -8.39 -1.82 -38.04
N LYS B 151 -7.79 -1.78 -39.23
CA LYS B 151 -7.93 -2.87 -40.18
C LYS B 151 -7.27 -4.13 -39.64
N PHE B 152 -6.08 -3.97 -39.09
CA PHE B 152 -5.36 -5.05 -38.42
C PHE B 152 -6.16 -5.66 -37.28
N TYR B 153 -6.86 -4.84 -36.48
CA TYR B 153 -7.71 -5.40 -35.39
C TYR B 153 -8.83 -6.29 -35.93
N GLY B 154 -9.57 -5.80 -36.93
CA GLY B 154 -10.63 -6.61 -37.53
C GLY B 154 -10.11 -7.97 -37.98
N LYS B 155 -8.95 -7.97 -38.64
CA LYS B 155 -8.39 -9.22 -39.20
C LYS B 155 -8.06 -10.22 -38.12
N ASN B 156 -7.71 -9.71 -36.93
CA ASN B 156 -7.25 -10.54 -35.82
C ASN B 156 -8.27 -10.64 -34.68
N LYS B 157 -9.50 -10.21 -34.98
CA LYS B 157 -10.66 -10.36 -34.09
C LYS B 157 -10.53 -9.59 -32.78
N MET B 158 -9.80 -8.47 -32.80
CA MET B 158 -9.79 -7.56 -31.66
C MET B 158 -10.99 -6.65 -31.84
N ASN B 159 -11.86 -6.58 -30.83
CA ASN B 159 -13.11 -5.80 -30.93
C ASN B 159 -13.07 -4.44 -30.20
N THR B 160 -11.90 -4.09 -29.67
CA THR B 160 -11.80 -2.92 -28.82
C THR B 160 -10.60 -2.05 -29.17
N TYR B 161 -10.86 -0.78 -29.46
CA TYR B 161 -9.79 0.22 -29.56
C TYR B 161 -10.11 1.35 -28.60
N ILE B 162 -9.28 1.52 -27.57
CA ILE B 162 -9.48 2.61 -26.61
C ILE B 162 -8.58 3.79 -26.94
N TYR B 163 -9.19 4.89 -27.32
CA TYR B 163 -8.43 6.08 -27.70
C TYR B 163 -8.08 6.85 -26.43
N GLY B 164 -6.81 6.93 -26.07
CA GLY B 164 -6.41 7.76 -24.92
C GLY B 164 -4.95 8.21 -24.82
N PRO B 165 -4.42 8.82 -25.91
CA PRO B 165 -3.02 9.22 -25.81
C PRO B 165 -2.85 10.32 -24.79
N LYS B 166 -1.94 10.09 -23.84
CA LYS B 166 -1.72 10.99 -22.71
C LYS B 166 -1.42 12.42 -23.18
N ASP B 167 -0.73 12.53 -24.32
CA ASP B 167 -0.31 13.84 -24.81
C ASP B 167 -1.25 14.51 -25.82
N ASP B 168 -2.49 13.99 -25.95
CA ASP B 168 -3.52 14.64 -26.76
C ASP B 168 -4.20 15.65 -25.86
N PRO B 169 -4.04 16.97 -26.18
CA PRO B 169 -4.54 17.97 -25.25
C PRO B 169 -6.08 17.98 -25.10
N TYR B 170 -6.80 17.42 -26.07
CA TYR B 170 -8.24 17.27 -26.01
C TYR B 170 -8.71 15.98 -25.29
N HIS B 171 -7.77 15.10 -24.98
CA HIS B 171 -7.98 13.92 -24.15
C HIS B 171 -7.71 14.18 -22.68
N SER B 172 -6.60 14.87 -22.40
CA SER B 172 -6.17 15.16 -21.05
C SER B 172 -6.06 16.67 -20.74
N ALA B 173 -5.12 17.01 -19.87
CA ALA B 173 -4.73 18.38 -19.55
C ALA B 173 -4.16 19.05 -20.75
N PRO B 174 -4.64 20.23 -21.03
CA PRO B 174 -5.60 20.92 -20.19
C PRO B 174 -6.93 21.13 -20.87
N ASN B 175 -7.07 20.68 -22.11
CA ASN B 175 -8.24 20.96 -22.92
C ASN B 175 -9.31 19.86 -23.05
N TRP B 176 -9.35 18.93 -22.10
CA TRP B 176 -10.38 17.90 -22.12
C TRP B 176 -11.80 18.48 -22.21
N ARG B 177 -11.96 19.71 -21.73
CA ARG B 177 -13.27 20.38 -21.74
C ARG B 177 -13.70 20.86 -23.12
N LEU B 178 -12.78 20.97 -24.04
CA LEU B 178 -13.05 21.55 -25.35
C LEU B 178 -13.33 20.51 -26.43
N PRO B 179 -14.29 20.77 -27.31
CA PRO B 179 -14.45 19.90 -28.51
C PRO B 179 -13.18 19.92 -29.36
N TYR B 180 -12.89 18.79 -30.00
CA TYR B 180 -11.83 18.75 -31.02
C TYR B 180 -12.07 19.83 -32.08
N PRO B 181 -10.99 20.47 -32.57
CA PRO B 181 -11.13 21.33 -33.74
C PRO B 181 -11.64 20.53 -34.93
N ASP B 182 -12.15 21.24 -35.94
CA ASP B 182 -12.76 20.64 -37.14
C ASP B 182 -11.94 19.55 -37.82
N LYS B 183 -10.66 19.81 -38.05
CA LYS B 183 -9.75 18.84 -38.70
C LYS B 183 -9.71 17.51 -37.93
N GLU B 184 -9.39 17.60 -36.64
CA GLU B 184 -9.29 16.43 -35.75
C GLU B 184 -10.64 15.76 -35.61
N ALA B 185 -11.70 16.55 -35.49
CA ALA B 185 -13.06 16.01 -35.41
C ALA B 185 -13.39 15.15 -36.61
N ALA B 186 -13.08 15.65 -37.81
CA ALA B 186 -13.33 14.92 -39.07
C ALA B 186 -12.49 13.62 -39.14
N GLN B 187 -11.23 13.71 -38.72
CA GLN B 187 -10.38 12.54 -38.62
C GLN B 187 -10.98 11.50 -37.68
N LEU B 188 -11.35 11.91 -36.47
CA LEU B 188 -12.00 10.99 -35.51
C LEU B 188 -13.30 10.38 -36.07
N GLN B 189 -14.10 11.19 -36.74
CA GLN B 189 -15.28 10.67 -37.40
C GLN B 189 -14.93 9.57 -38.43
N GLU B 190 -13.86 9.76 -39.20
CA GLU B 190 -13.38 8.73 -40.13
C GLU B 190 -12.88 7.48 -39.37
N LEU B 191 -12.10 7.68 -38.30
CA LEU B 191 -11.70 6.54 -37.45
C LEU B 191 -12.90 5.72 -36.97
N VAL B 192 -13.96 6.39 -36.55
CA VAL B 192 -15.13 5.67 -36.05
C VAL B 192 -15.80 4.85 -37.14
N ALA B 193 -15.93 5.43 -38.34
CA ALA B 193 -16.51 4.72 -39.47
C ALA B 193 -15.68 3.47 -39.83
N VAL B 194 -14.36 3.62 -39.89
CA VAL B 194 -13.47 2.51 -40.21
C VAL B 194 -13.51 1.44 -39.10
N ALA B 195 -13.52 1.87 -37.84
CA ALA B 195 -13.67 0.94 -36.72
C ALA B 195 -14.96 0.11 -36.88
N ASN B 196 -16.06 0.80 -37.18
CA ASN B 196 -17.35 0.16 -37.38
C ASN B 196 -17.28 -0.91 -38.47
N GLU B 197 -16.66 -0.56 -39.59
CA GLU B 197 -16.51 -1.47 -40.70
C GLU B 197 -15.66 -2.71 -40.37
N ASN B 198 -14.81 -2.60 -39.36
CA ASN B 198 -13.91 -3.67 -38.96
C ASN B 198 -14.38 -4.37 -37.69
N GLU B 199 -15.64 -4.11 -37.31
CA GLU B 199 -16.25 -4.65 -36.08
C GLU B 199 -15.48 -4.33 -34.79
N VAL B 200 -14.85 -3.17 -34.77
CA VAL B 200 -14.13 -2.70 -33.60
C VAL B 200 -14.94 -1.62 -32.88
N ASP B 201 -15.12 -1.77 -31.58
CA ASP B 201 -15.65 -0.69 -30.75
C ASP B 201 -14.60 0.39 -30.56
N PHE B 202 -14.85 1.58 -31.10
CA PHE B 202 -14.03 2.77 -30.83
C PHE B 202 -14.47 3.28 -29.49
N VAL B 203 -13.58 3.22 -28.50
CA VAL B 203 -13.91 3.70 -27.15
C VAL B 203 -13.16 4.99 -26.97
N TRP B 204 -13.86 6.13 -26.89
CA TRP B 204 -13.14 7.39 -26.62
C TRP B 204 -13.01 7.61 -25.12
N ALA B 205 -11.78 7.73 -24.64
CA ALA B 205 -11.49 7.98 -23.24
C ALA B 205 -11.21 9.45 -22.99
N ILE B 206 -11.46 9.87 -21.77
CA ILE B 206 -11.15 11.23 -21.33
C ILE B 206 -10.35 11.08 -20.02
N HIS B 207 -9.41 12.00 -19.79
CA HIS B 207 -8.43 11.93 -18.69
C HIS B 207 -8.46 13.29 -17.98
N PRO B 208 -9.54 13.56 -17.22
CA PRO B 208 -9.83 14.90 -16.72
C PRO B 208 -9.37 15.17 -15.28
N GLY B 209 -8.85 14.13 -14.60
CA GLY B 209 -8.72 14.16 -13.14
C GLY B 209 -7.67 15.11 -12.55
N GLN B 210 -6.64 15.46 -13.33
CA GLN B 210 -5.59 16.36 -12.83
C GLN B 210 -6.10 17.74 -12.37
N ASP B 211 -7.11 18.26 -13.06
CA ASP B 211 -7.64 19.59 -12.71
C ASP B 211 -9.17 19.63 -12.59
N ILE B 212 -9.82 18.47 -12.48
CA ILE B 212 -11.27 18.41 -12.42
C ILE B 212 -11.75 19.00 -11.08
N LYS B 213 -12.84 19.76 -11.14
CA LYS B 213 -13.54 20.23 -9.95
C LYS B 213 -14.78 19.37 -9.76
N TRP B 214 -15.04 19.01 -8.51
CA TRP B 214 -16.20 18.22 -8.20
C TRP B 214 -17.43 19.14 -8.06
N ASN B 215 -17.75 19.83 -9.16
CA ASN B 215 -18.90 20.74 -9.16
C ASN B 215 -19.74 20.51 -10.43
N LYS B 216 -20.88 21.20 -10.48
CA LYS B 216 -21.78 21.17 -11.63
C LYS B 216 -21.11 21.59 -12.93
N GLU B 217 -20.31 22.65 -12.90
CA GLU B 217 -19.72 23.14 -14.16
C GLU B 217 -18.88 22.07 -14.89
N ASP B 218 -17.98 21.40 -14.15
CA ASP B 218 -17.10 20.41 -14.79
C ASP B 218 -17.84 19.11 -15.15
N ARG B 219 -18.75 18.71 -14.29
CA ARG B 219 -19.61 17.59 -14.57
C ARG B 219 -20.30 17.80 -15.92
N ASP B 220 -20.99 18.93 -16.05
CA ASP B 220 -21.69 19.28 -17.29
C ASP B 220 -20.74 19.41 -18.46
N LEU B 221 -19.55 19.95 -18.24
CA LEU B 221 -18.61 20.06 -19.33
C LEU B 221 -18.18 18.69 -19.84
N LEU B 222 -17.96 17.76 -18.93
CA LEU B 222 -17.56 16.41 -19.32
C LEU B 222 -18.65 15.76 -20.16
N LEU B 223 -19.87 15.79 -19.66
CA LEU B 223 -21.00 15.23 -20.38
C LEU B 223 -21.19 15.91 -21.74
N ALA B 224 -20.99 17.22 -21.79
CA ALA B 224 -21.06 17.97 -23.03
C ALA B 224 -19.99 17.50 -24.03
N LYS B 225 -18.80 17.19 -23.52
CA LYS B 225 -17.74 16.67 -24.41
C LYS B 225 -18.12 15.27 -24.94
N PHE B 226 -18.63 14.40 -24.06
CA PHE B 226 -19.09 13.07 -24.47
C PHE B 226 -20.19 13.18 -25.55
N GLU B 227 -21.09 14.15 -25.38
CA GLU B 227 -22.12 14.39 -26.39
C GLU B 227 -21.52 14.78 -27.76
N LYS B 228 -20.48 15.63 -27.77
CA LYS B 228 -19.82 16.00 -29.00
C LYS B 228 -19.19 14.79 -29.67
N MET B 229 -18.56 13.92 -28.87
CA MET B 229 -17.98 12.68 -29.41
C MET B 229 -19.07 11.76 -29.93
N TYR B 230 -20.20 11.67 -29.22
CA TYR B 230 -21.36 10.89 -29.68
C TYR B 230 -21.80 11.38 -31.07
N GLN B 231 -21.82 12.70 -31.26
CA GLN B 231 -22.19 13.27 -32.58
C GLN B 231 -21.23 12.86 -33.69
N LEU B 232 -19.98 12.60 -33.31
CA LEU B 232 -18.97 12.14 -34.28
C LEU B 232 -19.06 10.63 -34.55
N GLY B 233 -20.02 9.96 -33.91
CA GLY B 233 -20.24 8.54 -34.09
C GLY B 233 -19.75 7.62 -32.97
N VAL B 234 -19.16 8.19 -31.91
CA VAL B 234 -18.61 7.37 -30.81
C VAL B 234 -19.74 6.73 -30.00
N ARG B 235 -19.62 5.42 -29.75
CA ARG B 235 -20.66 4.68 -28.99
C ARG B 235 -20.13 3.97 -27.73
N SER B 236 -18.82 4.05 -27.48
CA SER B 236 -18.26 3.58 -26.21
C SER B 236 -17.36 4.65 -25.62
N PHE B 237 -17.32 4.68 -24.29
CA PHE B 237 -16.70 5.81 -23.59
C PHE B 237 -15.92 5.32 -22.38
N ALA B 238 -14.89 6.08 -21.99
CA ALA B 238 -14.11 5.74 -20.82
C ALA B 238 -13.68 7.00 -20.12
N VAL B 239 -13.49 6.88 -18.80
CA VAL B 239 -12.93 7.97 -17.99
C VAL B 239 -11.72 7.39 -17.26
N PHE B 240 -10.54 8.00 -17.47
CA PHE B 240 -9.28 7.49 -16.91
C PHE B 240 -8.85 8.41 -15.78
N PHE B 241 -8.56 7.85 -14.61
CA PHE B 241 -8.06 8.62 -13.47
C PHE B 241 -6.64 8.19 -13.02
N ASP B 242 -5.84 7.71 -13.97
CA ASP B 242 -4.50 7.19 -13.68
C ASP B 242 -3.44 8.28 -13.72
N ASP B 243 -2.42 8.12 -12.88
CA ASP B 243 -1.25 8.99 -12.94
CA ASP B 243 -1.29 9.04 -13.02
C ASP B 243 -1.61 10.47 -12.73
N ILE B 244 -2.43 10.72 -11.72
CA ILE B 244 -2.82 12.09 -11.38
C ILE B 244 -2.67 12.30 -9.87
N SER B 245 -2.73 13.57 -9.44
CA SER B 245 -2.66 13.91 -8.02
C SER B 245 -3.75 14.93 -7.71
N GLY B 246 -4.14 14.98 -6.44
CA GLY B 246 -5.09 15.99 -5.97
C GLY B 246 -6.49 15.48 -5.77
N GLU B 247 -7.44 16.42 -5.88
CA GLU B 247 -8.83 16.09 -5.56
C GLU B 247 -9.46 15.09 -6.52
N GLY B 248 -8.97 15.05 -7.76
CA GLY B 248 -9.51 14.14 -8.80
C GLY B 248 -9.33 12.66 -8.46
N THR B 249 -8.57 12.36 -7.41
CA THR B 249 -8.28 10.96 -7.00
C THR B 249 -9.32 10.41 -6.01
N ASN B 250 -10.29 11.24 -5.64
CA ASN B 250 -11.32 10.86 -4.67
C ASN B 250 -12.22 9.73 -5.21
N PRO B 251 -12.12 8.51 -4.63
CA PRO B 251 -12.90 7.38 -5.19
C PRO B 251 -14.41 7.54 -5.08
N GLN B 252 -14.88 8.19 -4.02
CA GLN B 252 -16.33 8.39 -3.89
C GLN B 252 -16.85 9.29 -5.01
N LYS B 253 -16.13 10.39 -5.27
CA LYS B 253 -16.50 11.32 -6.32
C LYS B 253 -16.37 10.72 -7.72
N GLN B 254 -15.34 9.90 -7.92
CA GLN B 254 -15.14 9.24 -9.20
C GLN B 254 -16.33 8.31 -9.48
N ALA B 255 -16.71 7.52 -8.48
CA ALA B 255 -17.82 6.57 -8.65
C ALA B 255 -19.13 7.30 -8.96
N GLU B 256 -19.35 8.42 -8.25
CA GLU B 256 -20.56 9.22 -8.45
C GLU B 256 -20.61 9.80 -9.87
N LEU B 257 -19.47 10.29 -10.34
CA LEU B 257 -19.40 10.84 -11.69
C LEU B 257 -19.68 9.74 -12.71
N LEU B 258 -19.04 8.59 -12.56
CA LEU B 258 -19.25 7.50 -13.50
C LEU B 258 -20.70 7.00 -13.49
N ASN B 259 -21.29 6.91 -12.30
CA ASN B 259 -22.71 6.54 -12.18
C ASN B 259 -23.63 7.58 -12.82
N TYR B 260 -23.25 8.84 -12.72
CA TYR B 260 -24.02 9.91 -13.35
C TYR B 260 -23.95 9.84 -14.87
N ILE B 261 -22.76 9.62 -15.42
CA ILE B 261 -22.58 9.39 -16.88
C ILE B 261 -23.42 8.19 -17.31
N ASP B 262 -23.36 7.12 -16.52
CA ASP B 262 -24.18 5.92 -16.81
C ASP B 262 -25.68 6.28 -16.89
N GLU B 263 -26.18 6.88 -15.83
CA GLU B 263 -27.62 7.14 -15.69
C GLU B 263 -28.15 8.25 -16.62
N LYS B 264 -27.35 9.27 -16.89
CA LYS B 264 -27.77 10.38 -17.72
C LYS B 264 -27.36 10.33 -19.20
N PHE B 265 -26.49 9.40 -19.56
CA PHE B 265 -25.92 9.33 -20.90
C PHE B 265 -25.94 7.90 -21.44
N ALA B 266 -25.24 6.99 -20.79
CA ALA B 266 -25.20 5.61 -21.25
C ALA B 266 -26.55 4.91 -21.17
N GLN B 267 -27.42 5.38 -20.29
CA GLN B 267 -28.77 4.76 -20.17
C GLN B 267 -29.85 5.58 -20.84
N VAL B 268 -29.44 6.62 -21.56
CA VAL B 268 -30.35 7.56 -22.21
C VAL B 268 -30.23 7.49 -23.74
N LYS B 269 -29.00 7.42 -24.25
CA LYS B 269 -28.74 7.12 -25.67
C LYS B 269 -29.19 5.71 -26.02
N PRO B 270 -29.66 5.48 -27.26
CA PRO B 270 -30.21 4.17 -27.62
C PRO B 270 -29.17 3.06 -27.78
N ASP B 271 -27.91 3.45 -27.97
CA ASP B 271 -26.92 2.52 -28.53
C ASP B 271 -25.52 2.60 -27.94
N ILE B 272 -25.40 2.89 -26.66
CA ILE B 272 -24.07 2.95 -26.06
C ILE B 272 -23.60 1.56 -25.62
N ASN B 273 -22.35 1.24 -25.95
CA ASN B 273 -21.81 -0.11 -25.72
C ASN B 273 -20.95 -0.36 -24.49
N GLN B 274 -19.70 0.11 -24.49
CA GLN B 274 -18.79 -0.07 -23.33
C GLN B 274 -18.75 1.25 -22.54
N LEU B 275 -18.73 1.14 -21.22
CA LEU B 275 -18.44 2.27 -20.37
C LEU B 275 -17.42 1.75 -19.35
N VAL B 276 -16.27 2.42 -19.30
CA VAL B 276 -15.05 1.87 -18.68
C VAL B 276 -14.38 2.95 -17.89
N MET B 277 -13.80 2.59 -16.74
CA MET B 277 -13.00 3.55 -16.00
C MET B 277 -11.63 2.96 -15.65
N CYS B 278 -10.59 3.81 -15.68
CA CYS B 278 -9.29 3.42 -15.19
C CYS B 278 -9.09 4.06 -13.81
N PRO B 279 -8.88 3.24 -12.77
CA PRO B 279 -8.79 3.81 -11.42
C PRO B 279 -7.46 4.50 -11.16
N THR B 280 -7.43 5.32 -10.12
CA THR B 280 -6.19 5.95 -9.66
C THR B 280 -5.24 4.92 -9.04
N GLU B 281 -5.80 4.00 -8.26
CA GLU B 281 -5.05 2.79 -7.86
C GLU B 281 -5.28 1.74 -8.91
N TYR B 282 -4.30 1.55 -9.80
CA TYR B 282 -4.47 0.64 -10.94
C TYR B 282 -3.51 -0.53 -10.92
N ASN B 283 -2.76 -0.68 -9.82
CA ASN B 283 -1.92 -1.86 -9.62
C ASN B 283 -1.71 -2.12 -8.13
N LYS B 284 -1.43 -3.37 -7.77
CA LYS B 284 -1.39 -3.78 -6.37
C LYS B 284 -0.30 -3.03 -5.63
N SER B 285 0.89 -3.00 -6.25
CA SER B 285 2.06 -2.39 -5.65
C SER B 285 1.82 -0.96 -5.15
N TRP B 286 1.10 -0.15 -5.94
CA TRP B 286 0.80 1.22 -5.56
C TRP B 286 -0.59 1.41 -4.93
N SER B 287 -1.28 0.34 -4.61
CA SER B 287 -2.53 0.44 -3.86
CA SER B 287 -2.51 0.45 -3.86
C SER B 287 -2.16 0.66 -2.39
N ASN B 288 -2.93 1.51 -1.71
CA ASN B 288 -2.62 1.85 -0.34
C ASN B 288 -3.25 0.81 0.59
N PRO B 289 -2.39 -0.01 1.27
CA PRO B 289 -2.93 -1.11 2.07
C PRO B 289 -3.86 -0.57 3.16
N ASN B 290 -5.04 -1.20 3.27
CA ASN B 290 -6.05 -0.82 4.26
C ASN B 290 -6.70 0.53 4.02
N GLY B 291 -6.34 1.17 2.90
CA GLY B 291 -7.04 2.35 2.44
C GLY B 291 -8.33 1.81 1.85
N ASN B 292 -9.29 2.65 1.57
CA ASN B 292 -10.53 2.05 1.10
C ASN B 292 -10.82 2.35 -0.38
N TYR B 293 -9.77 2.71 -1.13
CA TYR B 293 -9.94 3.17 -2.50
C TYR B 293 -10.68 2.15 -3.37
N LEU B 294 -10.13 0.93 -3.47
CA LEU B 294 -10.64 -0.06 -4.42
C LEU B 294 -11.99 -0.63 -3.99
N THR B 295 -12.16 -0.81 -2.68
CA THR B 295 -13.41 -1.32 -2.17
C THR B 295 -14.54 -0.28 -2.32
N THR B 296 -14.22 1.00 -2.12
CA THR B 296 -15.17 2.08 -2.42
C THR B 296 -15.65 2.00 -3.89
N LEU B 297 -14.72 1.90 -4.84
CA LEU B 297 -15.12 1.73 -6.25
C LEU B 297 -15.93 0.46 -6.45
N GLY B 298 -15.45 -0.64 -5.89
CA GLY B 298 -16.09 -1.94 -6.09
C GLY B 298 -17.53 -1.95 -5.63
N ASP B 299 -17.79 -1.25 -4.53
CA ASP B 299 -19.11 -1.16 -3.91
C ASP B 299 -20.01 -0.12 -4.56
N LYS B 300 -19.49 1.07 -4.86
CA LYS B 300 -20.31 2.18 -5.37
C LYS B 300 -20.51 2.20 -6.88
N LEU B 301 -19.56 1.71 -7.68
CA LEU B 301 -19.73 1.76 -9.15
C LEU B 301 -20.81 0.82 -9.65
N ASN B 302 -21.66 1.34 -10.54
CA ASN B 302 -22.74 0.58 -11.13
C ASN B 302 -22.15 -0.70 -11.77
N PRO B 303 -22.82 -1.84 -11.59
CA PRO B 303 -22.17 -3.11 -11.96
C PRO B 303 -21.82 -3.25 -13.45
N SER B 304 -22.46 -2.47 -14.32
CA SER B 304 -22.14 -2.52 -15.76
C SER B 304 -20.84 -1.79 -16.12
N ILE B 305 -20.32 -1.00 -15.19
CA ILE B 305 -19.13 -0.20 -15.50
C ILE B 305 -17.86 -1.06 -15.34
N GLN B 306 -16.96 -0.99 -16.31
CA GLN B 306 -15.71 -1.76 -16.26
C GLN B 306 -14.63 -1.01 -15.48
N ILE B 307 -13.80 -1.79 -14.80
CA ILE B 307 -12.67 -1.24 -14.01
C ILE B 307 -11.36 -1.87 -14.49
N MET B 308 -10.43 -1.00 -14.91
CA MET B 308 -9.18 -1.42 -15.51
C MET B 308 -8.11 -1.67 -14.43
N TRP B 309 -7.08 -2.44 -14.80
CA TRP B 309 -6.09 -2.94 -13.84
C TRP B 309 -4.86 -3.37 -14.64
N THR B 310 -3.67 -2.95 -14.20
CA THR B 310 -2.41 -3.31 -14.89
C THR B 310 -1.66 -4.49 -14.23
N GLY B 311 -2.20 -5.03 -13.14
CA GLY B 311 -1.62 -6.22 -12.52
C GLY B 311 -1.03 -5.92 -11.15
N ASP B 312 -0.03 -6.70 -10.74
CA ASP B 312 0.59 -6.51 -9.41
C ASP B 312 1.47 -5.27 -9.32
N ARG B 313 1.91 -4.77 -10.48
CA ARG B 313 2.75 -3.58 -10.59
C ARG B 313 2.34 -2.78 -11.84
N VAL B 314 2.88 -1.56 -11.96
CA VAL B 314 2.68 -0.72 -13.13
C VAL B 314 2.94 -1.53 -14.39
N ILE B 315 4.10 -2.19 -14.44
CA ILE B 315 4.39 -3.08 -15.54
C ILE B 315 4.46 -4.48 -15.01
N SER B 316 3.49 -5.31 -15.37
CA SER B 316 3.49 -6.69 -14.90
C SER B 316 2.66 -7.59 -15.77
N ASP B 317 2.93 -8.88 -15.63
CA ASP B 317 2.20 -9.88 -16.35
C ASP B 317 1.08 -10.37 -15.41
N ILE B 318 -0.01 -10.84 -15.97
CA ILE B 318 -1.23 -11.10 -15.18
C ILE B 318 -1.23 -12.58 -14.67
N THR B 319 -1.34 -12.75 -13.35
CA THR B 319 -1.35 -14.08 -12.73
C THR B 319 -2.72 -14.42 -12.13
N ARG B 320 -2.93 -15.70 -11.83
CA ARG B 320 -4.18 -16.10 -11.21
C ARG B 320 -4.33 -15.46 -9.82
N ASP B 321 -3.26 -15.48 -9.03
CA ASP B 321 -3.26 -14.89 -7.71
C ASP B 321 -3.48 -13.37 -7.80
N GLY B 322 -2.85 -12.74 -8.79
CA GLY B 322 -2.89 -11.30 -8.93
C GLY B 322 -4.25 -10.73 -9.32
N ILE B 323 -5.02 -11.50 -10.06
CA ILE B 323 -6.31 -11.05 -10.56
C ILE B 323 -7.44 -11.48 -9.62
N SER B 324 -7.15 -12.50 -8.84
CA SER B 324 -8.00 -12.83 -7.73
C SER B 324 -7.99 -11.70 -6.71
N TRP B 325 -6.80 -11.17 -6.45
CA TRP B 325 -6.63 -10.09 -5.50
C TRP B 325 -7.48 -8.88 -5.86
N ILE B 326 -7.41 -8.42 -7.10
CA ILE B 326 -8.22 -7.27 -7.53
C ILE B 326 -9.70 -7.57 -7.59
N ASN B 327 -10.08 -8.72 -8.17
CA ASN B 327 -11.47 -9.07 -8.37
C ASN B 327 -12.28 -9.12 -7.06
N GLU B 328 -11.65 -9.56 -5.97
CA GLU B 328 -12.34 -9.62 -4.68
C GLU B 328 -12.68 -8.22 -4.15
N ARG B 329 -11.94 -7.22 -4.63
CA ARG B 329 -12.10 -5.86 -4.13
C ARG B 329 -13.04 -5.01 -4.99
N ILE B 330 -12.93 -5.16 -6.30
CA ILE B 330 -13.80 -4.42 -7.22
C ILE B 330 -15.14 -5.13 -7.48
N LYS B 331 -15.25 -6.38 -7.02
CA LYS B 331 -16.52 -7.14 -7.03
C LYS B 331 -17.00 -7.41 -8.46
N ARG B 332 -16.05 -7.53 -9.39
CA ARG B 332 -16.34 -7.81 -10.78
C ARG B 332 -15.01 -8.22 -11.46
N PRO B 333 -15.06 -8.88 -12.63
CA PRO B 333 -13.81 -9.26 -13.29
C PRO B 333 -13.11 -8.02 -13.82
N ALA B 334 -11.84 -7.86 -13.47
CA ALA B 334 -11.01 -6.74 -13.91
C ALA B 334 -10.93 -6.68 -15.45
N TYR B 335 -10.82 -5.48 -15.98
CA TYR B 335 -10.61 -5.27 -17.41
C TYR B 335 -9.10 -4.95 -17.56
N ILE B 336 -8.32 -5.89 -18.05
CA ILE B 336 -6.85 -5.73 -17.98
C ILE B 336 -6.30 -4.68 -18.96
N TRP B 337 -5.48 -3.77 -18.41
CA TRP B 337 -4.66 -2.83 -19.17
C TRP B 337 -3.23 -3.36 -19.02
N TRP B 338 -2.73 -4.03 -20.05
CA TRP B 338 -1.41 -4.65 -19.97
C TRP B 338 -0.35 -3.76 -20.58
N ASN B 339 0.60 -3.33 -19.75
CA ASN B 339 1.64 -2.38 -20.16
C ASN B 339 2.85 -2.99 -20.89
N PHE B 340 2.59 -3.62 -22.02
CA PHE B 340 3.58 -4.10 -22.96
C PHE B 340 2.87 -4.14 -24.30
N PRO B 341 3.52 -3.69 -25.37
CA PRO B 341 4.93 -3.32 -25.37
C PRO B 341 5.29 -1.84 -25.14
N VAL B 342 4.39 -1.07 -24.56
CA VAL B 342 4.64 0.34 -24.30
C VAL B 342 6.09 0.58 -23.86
N SER B 343 6.75 1.53 -24.51
CA SER B 343 8.15 1.82 -24.23
C SER B 343 8.38 3.25 -23.79
N ASP B 344 7.31 3.88 -23.33
CA ASP B 344 7.34 5.32 -23.05
C ASP B 344 8.26 5.71 -21.88
N TYR B 345 8.76 4.70 -21.17
CA TYR B 345 9.68 4.91 -20.05
C TYR B 345 11.09 4.34 -20.37
N VAL B 346 11.22 3.70 -21.55
CA VAL B 346 12.50 3.20 -22.07
C VAL B 346 12.56 3.56 -23.56
N ARG B 347 12.37 4.86 -23.85
CA ARG B 347 12.10 5.31 -25.23
C ARG B 347 13.23 5.09 -26.22
N ASP B 348 14.43 4.84 -25.71
CA ASP B 348 15.57 4.54 -26.57
C ASP B 348 15.63 3.07 -26.96
N HIS B 349 14.68 2.25 -26.48
CA HIS B 349 14.57 0.82 -26.91
C HIS B 349 13.29 0.58 -27.71
N LEU B 350 13.41 -0.29 -28.73
CA LEU B 350 12.25 -0.99 -29.34
C LEU B 350 12.04 -2.33 -28.61
N LEU B 351 10.77 -2.68 -28.35
CA LEU B 351 10.39 -3.92 -27.66
C LEU B 351 9.58 -4.81 -28.59
N LEU B 352 10.31 -5.65 -29.35
CA LEU B 352 9.78 -6.39 -30.48
C LEU B 352 9.73 -7.91 -30.22
N GLY B 353 10.00 -8.33 -28.97
CA GLY B 353 9.94 -9.75 -28.64
C GLY B 353 8.52 -10.26 -28.44
N PRO B 354 8.42 -11.57 -28.15
CA PRO B 354 7.14 -12.25 -27.95
C PRO B 354 6.39 -11.76 -26.73
N VAL B 355 5.10 -12.01 -26.75
CA VAL B 355 4.20 -11.70 -25.67
C VAL B 355 4.10 -12.95 -24.80
N TYR B 356 4.55 -12.84 -23.55
CA TYR B 356 4.49 -14.00 -22.64
C TYR B 356 4.32 -13.53 -21.20
N GLY B 357 4.03 -14.48 -20.31
CA GLY B 357 4.06 -14.22 -18.88
C GLY B 357 2.67 -14.22 -18.28
N ASN B 358 1.65 -14.02 -19.12
CA ASN B 358 0.28 -13.96 -18.66
C ASN B 358 -0.35 -15.34 -18.55
N ASP B 359 -0.98 -15.62 -17.41
CA ASP B 359 -1.63 -16.92 -17.15
C ASP B 359 -2.66 -17.21 -18.25
N THR B 360 -2.60 -18.42 -18.79
CA THR B 360 -3.44 -18.81 -19.90
C THR B 360 -4.74 -19.51 -19.46
N THR B 361 -5.00 -19.58 -18.15
CA THR B 361 -6.19 -20.32 -17.64
C THR B 361 -7.23 -19.41 -16.97
N ILE B 362 -7.05 -18.10 -17.08
CA ILE B 362 -7.84 -17.16 -16.28
C ILE B 362 -8.84 -16.31 -17.08
N ALA B 363 -9.16 -16.74 -18.30
CA ALA B 363 -10.12 -16.05 -19.14
C ALA B 363 -11.43 -15.69 -18.41
N LYS B 364 -11.94 -16.59 -17.58
CA LYS B 364 -13.19 -16.32 -16.85
C LYS B 364 -13.01 -15.23 -15.78
N GLU B 365 -11.77 -14.92 -15.41
CA GLU B 365 -11.51 -13.91 -14.37
C GLU B 365 -11.30 -12.47 -14.90
N MET B 366 -11.36 -12.29 -16.21
CA MET B 366 -11.16 -10.96 -16.81
C MET B 366 -12.31 -10.57 -17.73
N SER B 367 -12.73 -9.32 -17.62
CA SER B 367 -13.77 -8.79 -18.50
C SER B 367 -13.19 -8.40 -19.84
N GLY B 368 -11.90 -8.09 -19.86
CA GLY B 368 -11.26 -7.52 -21.04
C GLY B 368 -9.76 -7.62 -20.89
N PHE B 369 -9.07 -7.55 -22.01
CA PHE B 369 -7.63 -7.55 -22.01
C PHE B 369 -7.20 -6.68 -23.18
N VAL B 370 -6.55 -5.57 -22.85
CA VAL B 370 -6.02 -4.66 -23.84
C VAL B 370 -4.55 -4.37 -23.64
N THR B 371 -3.84 -4.20 -24.74
CA THR B 371 -2.43 -3.87 -24.70
C THR B 371 -2.19 -2.38 -24.93
N ASN B 372 -1.32 -1.82 -24.12
CA ASN B 372 -0.81 -0.47 -24.27
C ASN B 372 0.51 -0.55 -25.01
N PRO B 373 0.53 -0.09 -26.26
CA PRO B 373 1.65 -0.36 -27.15
C PRO B 373 2.66 0.76 -27.19
N MET B 374 3.63 0.67 -28.10
CA MET B 374 4.66 1.70 -28.24
C MET B 374 4.09 2.84 -29.07
N GLU B 375 4.74 3.99 -29.00
CA GLU B 375 4.35 5.10 -29.83
C GLU B 375 4.70 4.75 -31.28
N HIS B 376 5.49 3.68 -31.48
CA HIS B 376 5.77 3.13 -32.83
C HIS B 376 4.68 2.15 -33.19
N ALA B 377 3.74 2.61 -34.02
CA ALA B 377 2.50 1.88 -34.26
C ALA B 377 2.66 0.57 -35.04
N GLU B 378 3.34 0.60 -36.19
CA GLU B 378 3.50 -0.64 -36.94
C GLU B 378 4.35 -1.64 -36.16
N SER B 379 5.40 -1.13 -35.52
CA SER B 379 6.32 -1.99 -34.75
C SER B 379 5.60 -2.76 -33.63
N SER B 380 4.54 -2.15 -33.09
CA SER B 380 3.70 -2.72 -32.01
C SER B 380 2.80 -3.85 -32.49
N LYS B 381 2.63 -3.99 -33.82
CA LYS B 381 1.77 -5.07 -34.37
C LYS B 381 2.23 -6.50 -34.03
N ILE B 382 3.54 -6.69 -33.83
CA ILE B 382 4.06 -7.99 -33.38
C ILE B 382 3.37 -8.40 -32.07
N ALA B 383 3.41 -7.52 -31.09
CA ALA B 383 2.75 -7.80 -29.80
C ALA B 383 1.24 -7.79 -29.91
N ILE B 384 0.69 -6.89 -30.72
CA ILE B 384 -0.76 -6.74 -30.80
C ILE B 384 -1.40 -7.99 -31.38
N TYR B 385 -0.78 -8.49 -32.43
CA TYR B 385 -1.22 -9.73 -33.05
C TYR B 385 -1.17 -10.87 -32.01
N SER B 386 -0.12 -10.87 -31.20
CA SER B 386 0.09 -11.91 -30.19
C SER B 386 -0.98 -11.83 -29.07
N VAL B 387 -1.25 -10.60 -28.62
CA VAL B 387 -2.30 -10.35 -27.64
C VAL B 387 -3.69 -10.73 -28.18
N ALA B 388 -3.96 -10.42 -29.46
CA ALA B 388 -5.22 -10.83 -30.09
C ALA B 388 -5.37 -12.35 -29.99
N SER B 389 -4.28 -13.05 -30.28
CA SER B 389 -4.28 -14.50 -30.27
C SER B 389 -4.54 -15.05 -28.87
N TYR B 390 -3.82 -14.51 -27.90
CA TYR B 390 -3.90 -14.88 -26.51
C TYR B 390 -5.29 -14.64 -25.94
N ALA B 391 -5.87 -13.48 -26.24
CA ALA B 391 -7.12 -13.10 -25.60
C ALA B 391 -8.31 -13.89 -26.18
N TRP B 392 -8.22 -14.25 -27.48
CA TRP B 392 -9.25 -15.05 -28.11
C TRP B 392 -9.19 -16.52 -27.65
N ASN B 393 -8.01 -17.12 -27.67
CA ASN B 393 -7.87 -18.52 -27.27
C ASN B 393 -6.64 -18.72 -26.36
N PRO B 394 -6.76 -18.31 -25.08
CA PRO B 394 -5.60 -18.40 -24.20
C PRO B 394 -5.11 -19.84 -23.94
N ALA B 395 -6.04 -20.79 -23.85
CA ALA B 395 -5.69 -22.20 -23.59
C ALA B 395 -4.75 -22.78 -24.67
N LYS B 396 -4.91 -22.32 -25.91
CA LYS B 396 -4.06 -22.75 -27.00
C LYS B 396 -2.95 -21.72 -27.28
N TYR B 397 -2.78 -20.73 -26.42
CA TYR B 397 -1.79 -19.69 -26.72
C TYR B 397 -0.34 -20.21 -26.74
N ASP B 398 0.31 -20.01 -27.88
CA ASP B 398 1.69 -20.46 -28.13
C ASP B 398 2.57 -19.23 -28.36
N THR B 399 3.34 -18.84 -27.34
CA THR B 399 4.10 -17.58 -27.36
C THR B 399 4.96 -17.46 -28.59
N TRP B 400 5.84 -18.46 -28.77
CA TRP B 400 6.84 -18.42 -29.82
C TRP B 400 6.29 -18.58 -31.21
N GLN B 401 5.37 -19.52 -31.43
CA GLN B 401 4.81 -19.64 -32.80
C GLN B 401 4.02 -18.39 -33.20
N THR B 402 3.30 -17.80 -32.25
CA THR B 402 2.48 -16.63 -32.54
C THR B 402 3.38 -15.41 -32.87
N TRP B 403 4.48 -15.26 -32.14
CA TRP B 403 5.53 -14.26 -32.46
C TRP B 403 6.00 -14.40 -33.91
N LYS B 404 6.42 -15.61 -34.29
CA LYS B 404 6.83 -15.87 -35.68
C LYS B 404 5.69 -15.65 -36.70
N ASP B 405 4.48 -16.08 -36.34
CA ASP B 405 3.28 -15.85 -37.17
C ASP B 405 3.02 -14.36 -37.38
N ALA B 406 3.15 -13.57 -36.31
CA ALA B 406 2.97 -12.13 -36.39
C ALA B 406 3.95 -11.53 -37.40
N ILE B 407 5.22 -11.86 -37.24
CA ILE B 407 6.27 -11.34 -38.09
C ILE B 407 6.03 -11.67 -39.58
N ARG B 408 5.70 -12.92 -39.88
CA ARG B 408 5.46 -13.32 -41.26
C ARG B 408 4.21 -12.68 -41.86
N THR B 409 3.27 -12.30 -41.01
CA THR B 409 2.06 -11.60 -41.44
C THR B 409 2.37 -10.14 -41.75
N ILE B 410 3.17 -9.53 -40.89
CA ILE B 410 3.50 -8.13 -41.01
C ILE B 410 4.48 -7.86 -42.17
N LEU B 411 5.43 -8.75 -42.38
CA LEU B 411 6.44 -8.55 -43.40
C LEU B 411 6.80 -9.85 -44.10
N PRO B 412 5.85 -10.38 -44.85
CA PRO B 412 6.04 -11.67 -45.50
C PRO B 412 7.27 -11.69 -46.39
N SER B 413 7.62 -10.57 -47.00
CA SER B 413 8.76 -10.51 -47.92
C SER B 413 10.11 -10.55 -47.21
N ALA B 414 10.14 -10.20 -45.93
CA ALA B 414 11.38 -10.22 -45.21
C ALA B 414 11.24 -10.78 -43.79
N ALA B 415 10.46 -11.84 -43.66
CA ALA B 415 10.07 -12.38 -42.39
C ALA B 415 11.29 -12.83 -41.62
N GLU B 416 12.17 -13.56 -42.28
CA GLU B 416 13.39 -13.98 -41.62
C GLU B 416 14.18 -12.77 -41.11
N GLU B 417 14.36 -11.79 -41.97
CA GLU B 417 15.10 -10.58 -41.61
C GLU B 417 14.50 -9.93 -40.36
N LEU B 418 13.18 -9.73 -40.38
CA LEU B 418 12.49 -9.12 -39.24
C LEU B 418 12.71 -9.92 -37.96
N GLU B 419 12.65 -11.24 -38.08
CA GLU B 419 12.86 -12.12 -36.93
C GLU B 419 14.22 -11.88 -36.29
N CYS B 420 15.25 -11.79 -37.12
CA CYS B 420 16.61 -11.57 -36.64
C CYS B 420 16.71 -10.25 -35.87
N PHE B 421 16.13 -9.20 -36.43
CA PHE B 421 16.14 -7.88 -35.79
C PHE B 421 15.37 -7.89 -34.46
N ALA B 422 14.18 -8.49 -34.45
CA ALA B 422 13.30 -8.49 -33.26
C ALA B 422 13.90 -9.32 -32.11
N MET B 423 14.52 -10.45 -32.46
CA MET B 423 15.20 -11.37 -31.50
C MET B 423 16.21 -10.64 -30.61
N HIS B 424 16.88 -9.64 -31.16
CA HIS B 424 17.89 -8.87 -30.45
C HIS B 424 17.45 -7.46 -30.12
N ASN B 425 16.15 -7.23 -30.17
CA ASN B 425 15.54 -5.98 -29.81
C ASN B 425 14.26 -6.24 -29.04
N SER B 426 14.40 -6.77 -27.83
CA SER B 426 13.27 -7.20 -27.04
C SER B 426 13.38 -6.88 -25.54
N ASP B 427 14.59 -6.76 -25.01
CA ASP B 427 14.75 -6.39 -23.60
C ASP B 427 14.62 -4.88 -23.44
N LEU B 428 14.29 -4.45 -22.24
CA LEU B 428 14.08 -3.05 -21.95
C LEU B 428 15.32 -2.33 -21.43
N GLY B 429 16.30 -3.09 -20.96
CA GLY B 429 17.41 -2.53 -20.19
C GLY B 429 16.96 -2.12 -18.80
N PRO B 430 17.92 -1.77 -17.92
CA PRO B 430 17.56 -1.39 -16.54
C PRO B 430 16.59 -0.23 -16.58
N ASN B 431 15.58 -0.28 -15.71
CA ASN B 431 14.56 0.76 -15.68
C ASN B 431 13.91 0.80 -14.31
N GLY B 432 13.26 1.93 -14.01
CA GLY B 432 12.61 2.14 -12.72
C GLY B 432 11.43 1.23 -12.39
N HIS B 433 10.87 0.55 -13.39
CA HIS B 433 9.77 -0.39 -13.15
C HIS B 433 10.25 -1.80 -12.92
N GLY B 434 11.57 -2.02 -13.06
CA GLY B 434 12.18 -3.33 -12.88
C GLY B 434 11.69 -4.41 -13.85
N TYR B 435 11.14 -4.01 -14.99
CA TYR B 435 10.56 -4.96 -15.92
C TYR B 435 11.52 -5.26 -17.06
N ARG B 436 11.73 -6.54 -17.33
CA ARG B 436 12.71 -7.00 -18.32
C ARG B 436 12.13 -8.12 -19.16
N ARG B 437 12.71 -8.34 -20.33
CA ARG B 437 12.32 -9.44 -21.21
C ARG B 437 13.57 -10.13 -21.70
N GLU B 438 13.46 -11.42 -21.99
CA GLU B 438 14.55 -12.19 -22.59
C GLU B 438 14.95 -11.59 -23.95
N GLU B 439 16.20 -11.84 -24.35
CA GLU B 439 16.76 -11.34 -25.60
C GLU B 439 17.98 -12.12 -25.94
N SER B 440 18.14 -12.45 -27.23
CA SER B 440 19.35 -13.09 -27.81
C SER B 440 19.65 -14.42 -27.07
N MET B 441 18.59 -15.14 -26.69
CA MET B 441 18.70 -16.34 -25.84
CA MET B 441 18.76 -16.29 -25.82
C MET B 441 19.49 -17.44 -26.50
N ASP B 442 19.31 -17.60 -27.81
CA ASP B 442 19.95 -18.65 -28.58
C ASP B 442 21.49 -18.59 -28.54
N ILE B 443 22.07 -17.38 -28.63
CA ILE B 443 23.53 -17.22 -28.61
C ILE B 443 24.16 -16.98 -27.25
N GLN B 444 23.33 -16.78 -26.23
CA GLN B 444 23.80 -16.51 -24.86
C GLN B 444 24.84 -17.53 -24.32
N PRO B 445 24.62 -18.84 -24.55
CA PRO B 445 25.59 -19.80 -23.99
C PRO B 445 26.96 -19.67 -24.63
N ALA B 446 27.00 -19.61 -25.96
CA ALA B 446 28.24 -19.43 -26.70
C ALA B 446 28.92 -18.11 -26.35
N ALA B 447 28.14 -17.06 -26.13
CA ALA B 447 28.66 -15.77 -25.67
C ALA B 447 29.34 -15.91 -24.31
N GLU B 448 28.66 -16.57 -23.37
CA GLU B 448 29.15 -16.73 -22.01
C GLU B 448 30.45 -17.57 -21.95
N ARG B 449 30.49 -18.68 -22.69
CA ARG B 449 31.68 -19.54 -22.78
C ARG B 449 32.87 -18.85 -23.43
N PHE B 450 32.62 -18.16 -24.54
CA PHE B 450 33.66 -17.47 -25.28
C PHE B 450 34.34 -16.47 -24.38
N LEU B 451 33.54 -15.67 -23.68
CA LEU B 451 34.07 -14.60 -22.86
C LEU B 451 34.87 -15.13 -21.65
N LYS B 452 34.36 -16.17 -21.00
CA LYS B 452 35.06 -16.82 -19.88
C LYS B 452 36.45 -17.33 -20.30
N ALA B 453 36.50 -18.16 -21.33
CA ALA B 453 37.75 -18.70 -21.83
C ALA B 453 38.75 -17.57 -22.12
N PHE B 454 38.29 -16.61 -22.91
CA PHE B 454 39.10 -15.51 -23.39
C PHE B 454 39.76 -14.75 -22.26
N LYS B 455 38.96 -14.35 -21.26
CA LYS B 455 39.48 -13.59 -20.13
C LYS B 455 40.36 -14.41 -19.19
N GLU B 456 40.43 -15.72 -19.40
CA GLU B 456 41.23 -16.60 -18.54
C GLU B 456 42.56 -16.98 -19.15
N GLY B 457 42.74 -16.68 -20.44
CA GLY B 457 43.92 -17.12 -21.18
C GLY B 457 43.78 -18.55 -21.67
N LYS B 458 42.54 -19.05 -21.65
CA LYS B 458 42.19 -20.38 -22.13
C LYS B 458 41.66 -20.25 -23.56
N ASN B 459 42.11 -21.15 -24.44
CA ASN B 459 41.62 -21.15 -25.82
C ASN B 459 40.10 -21.34 -25.85
N TYR B 460 39.40 -20.48 -26.58
CA TYR B 460 37.96 -20.61 -26.79
C TYR B 460 37.65 -21.67 -27.85
N ASP B 461 36.41 -22.17 -27.84
CA ASP B 461 35.92 -23.13 -28.84
C ASP B 461 35.69 -22.45 -30.20
N LYS B 462 36.35 -23.00 -31.22
CA LYS B 462 36.19 -22.54 -32.59
C LYS B 462 34.70 -22.39 -32.97
N ALA B 463 33.85 -23.31 -32.51
CA ALA B 463 32.43 -23.28 -32.84
C ALA B 463 31.70 -22.05 -32.26
N ASP B 464 32.11 -21.63 -31.07
CA ASP B 464 31.53 -20.47 -30.42
C ASP B 464 31.94 -19.16 -31.11
N PHE B 465 33.22 -19.06 -31.45
CA PHE B 465 33.73 -17.95 -32.25
C PHE B 465 32.92 -17.86 -33.55
N GLU B 466 32.74 -19.00 -34.23
CA GLU B 466 31.95 -19.05 -35.45
C GLU B 466 30.46 -18.70 -35.26
N THR B 467 29.89 -19.10 -34.12
CA THR B 467 28.50 -18.77 -33.79
C THR B 467 28.34 -17.25 -33.72
N LEU B 468 29.31 -16.57 -33.09
CA LEU B 468 29.28 -15.12 -32.96
C LEU B 468 29.37 -14.49 -34.34
N GLN B 469 30.33 -14.97 -35.12
CA GLN B 469 30.59 -14.54 -36.49
C GLN B 469 29.37 -14.69 -37.39
N TYR B 470 28.73 -15.86 -37.36
CA TYR B 470 27.48 -16.10 -38.07
C TYR B 470 26.39 -15.08 -37.67
N THR B 471 26.30 -14.80 -36.37
CA THR B 471 25.29 -13.89 -35.85
C THR B 471 25.49 -12.48 -36.41
N PHE B 472 26.75 -12.01 -36.43
CA PHE B 472 27.00 -10.64 -36.86
C PHE B 472 26.73 -10.54 -38.36
N GLU B 473 27.10 -11.58 -39.10
CA GLU B 473 26.80 -11.67 -40.53
C GLU B 473 25.30 -11.60 -40.82
N ARG B 474 24.51 -12.34 -40.04
CA ARG B 474 23.06 -12.38 -40.21
C ARG B 474 22.42 -11.03 -39.89
N MET B 475 22.91 -10.39 -38.83
CA MET B 475 22.44 -9.08 -38.40
C MET B 475 22.65 -8.04 -39.50
N LYS B 476 23.83 -8.07 -40.15
CA LYS B 476 24.09 -7.14 -41.26
C LYS B 476 23.17 -7.37 -42.45
N GLU B 477 22.98 -8.64 -42.84
CA GLU B 477 22.03 -8.97 -43.91
C GLU B 477 20.62 -8.45 -43.59
N SER B 478 20.20 -8.71 -42.35
CA SER B 478 18.87 -8.33 -41.90
C SER B 478 18.69 -6.81 -41.87
N ALA B 479 19.65 -6.09 -41.29
CA ALA B 479 19.63 -4.63 -41.31
C ALA B 479 19.51 -4.06 -42.74
N ASP B 480 20.36 -4.52 -43.65
CA ASP B 480 20.40 -3.93 -45.01
C ASP B 480 19.15 -4.23 -45.82
N ILE B 481 18.60 -5.43 -45.62
CA ILE B 481 17.36 -5.84 -46.27
C ILE B 481 16.16 -5.07 -45.72
N LEU B 482 16.09 -4.94 -44.41
CA LEU B 482 15.00 -4.19 -43.80
C LEU B 482 14.99 -2.72 -44.25
N LEU B 483 16.16 -2.07 -44.23
CA LEU B 483 16.28 -0.68 -44.67
C LEU B 483 15.60 -0.44 -45.99
N MET B 484 15.73 -1.40 -46.91
CA MET B 484 15.28 -1.21 -48.26
C MET B 484 13.91 -1.81 -48.54
N ASN B 485 13.28 -2.38 -47.52
CA ASN B 485 11.98 -3.04 -47.73
C ASN B 485 10.87 -2.00 -48.01
N THR B 486 10.10 -2.24 -49.07
CA THR B 486 9.02 -1.34 -49.50
C THR B 486 7.62 -1.92 -49.28
N GLU B 487 7.52 -3.08 -48.63
CA GLU B 487 6.23 -3.74 -48.42
C GLU B 487 5.47 -3.06 -47.28
N ASN B 488 6.19 -2.69 -46.23
CA ASN B 488 5.61 -1.89 -45.14
C ASN B 488 6.53 -0.70 -44.89
N LYS B 489 6.36 0.37 -45.68
CA LYS B 489 7.20 1.55 -45.55
C LYS B 489 7.06 2.18 -44.16
N PRO B 490 5.80 2.30 -43.65
CA PRO B 490 5.69 2.97 -42.34
C PRO B 490 6.49 2.24 -41.26
N LEU B 491 6.43 0.91 -41.28
CA LEU B 491 7.21 0.11 -40.33
C LEU B 491 8.69 0.45 -40.47
N ILE B 492 9.20 0.45 -41.69
CA ILE B 492 10.64 0.67 -41.89
C ILE B 492 11.07 2.04 -41.40
N VAL B 493 10.25 3.05 -41.66
CA VAL B 493 10.48 4.40 -41.14
C VAL B 493 10.60 4.43 -39.60
N GLU B 494 9.71 3.73 -38.91
CA GLU B 494 9.76 3.67 -37.45
C GLU B 494 11.08 3.07 -36.95
N ILE B 495 11.49 1.97 -37.54
CA ILE B 495 12.64 1.22 -36.99
C ILE B 495 13.99 1.65 -37.54
N THR B 496 14.01 2.51 -38.58
CA THR B 496 15.26 2.79 -39.31
C THR B 496 16.46 3.21 -38.44
N PRO B 497 16.27 4.15 -37.49
CA PRO B 497 17.41 4.53 -36.67
C PRO B 497 18.01 3.36 -35.90
N TRP B 498 17.15 2.49 -35.36
CA TRP B 498 17.60 1.28 -34.65
C TRP B 498 18.24 0.29 -35.59
N VAL B 499 17.72 0.19 -36.81
CA VAL B 499 18.34 -0.66 -37.83
C VAL B 499 19.78 -0.23 -38.16
N HIS B 500 19.99 1.07 -38.36
CA HIS B 500 21.33 1.63 -38.55
C HIS B 500 22.24 1.28 -37.36
N GLN B 501 21.76 1.46 -36.14
CA GLN B 501 22.55 1.13 -34.93
C GLN B 501 22.86 -0.36 -34.81
N PHE B 502 21.89 -1.18 -35.19
CA PHE B 502 22.00 -2.65 -35.19
C PHE B 502 23.06 -3.09 -36.19
N LYS B 503 23.05 -2.50 -37.38
CA LYS B 503 24.11 -2.81 -38.36
C LYS B 503 25.50 -2.43 -37.84
N LEU B 504 25.62 -1.24 -37.28
CA LEU B 504 26.89 -0.79 -36.71
C LEU B 504 27.39 -1.74 -35.61
N THR B 505 26.47 -2.16 -34.74
CA THR B 505 26.75 -3.14 -33.70
C THR B 505 27.39 -4.39 -34.28
N ALA B 506 26.73 -4.95 -35.29
CA ALA B 506 27.24 -6.12 -36.02
C ALA B 506 28.63 -5.92 -36.65
N GLU B 507 28.83 -4.78 -37.33
CA GLU B 507 30.14 -4.43 -37.89
C GLU B 507 31.18 -4.36 -36.81
N MET B 508 30.84 -3.73 -35.69
CA MET B 508 31.74 -3.64 -34.54
C MET B 508 32.11 -5.03 -34.02
N GLY B 509 31.12 -5.90 -33.84
CA GLY B 509 31.36 -7.30 -33.49
C GLY B 509 32.35 -8.01 -34.41
N GLU B 510 32.16 -7.88 -35.72
CA GLU B 510 33.05 -8.48 -36.70
C GLU B 510 34.50 -8.00 -36.53
N GLU B 511 34.68 -6.69 -36.37
CA GLU B 511 36.00 -6.09 -36.23
C GLU B 511 36.67 -6.47 -34.89
N VAL B 512 35.87 -6.57 -33.84
CA VAL B 512 36.37 -6.97 -32.53
C VAL B 512 36.84 -8.44 -32.57
N LEU B 513 36.11 -9.28 -33.31
CA LEU B 513 36.55 -10.66 -33.44
C LEU B 513 37.86 -10.79 -34.25
N LYS B 514 38.04 -9.90 -35.23
CA LYS B 514 39.28 -9.88 -35.99
C LYS B 514 40.45 -9.46 -35.10
N MET B 515 40.16 -8.62 -34.10
CA MET B 515 41.18 -8.23 -33.11
C MET B 515 41.56 -9.41 -32.21
N VAL B 516 40.57 -10.23 -31.84
CA VAL B 516 40.79 -11.44 -31.06
C VAL B 516 41.71 -12.39 -31.82
N GLU B 517 41.45 -12.57 -33.11
CA GLU B 517 42.28 -13.42 -33.95
C GLU B 517 43.67 -12.80 -34.13
N ARG B 519 46.35 -11.33 -36.08
CA ARG B 519 47.48 -11.94 -36.76
C ARG B 519 48.80 -11.25 -36.39
N ASN B 520 48.81 -9.92 -36.49
CA ASN B 520 50.01 -9.15 -36.17
C ASN B 520 49.69 -7.76 -35.62
N GLU B 521 50.74 -7.02 -35.29
CA GLU B 521 50.58 -5.71 -34.67
C GLU B 521 49.84 -4.70 -35.53
N SER B 522 50.23 -4.62 -36.81
CA SER B 522 49.64 -3.60 -37.67
C SER B 522 48.20 -3.92 -38.11
N TYR B 523 47.89 -5.20 -38.33
CA TYR B 523 46.51 -5.64 -38.57
C TYR B 523 45.64 -5.30 -37.37
N PHE B 524 46.09 -5.70 -36.18
CA PHE B 524 45.37 -5.38 -34.95
C PHE B 524 45.01 -3.90 -34.87
N LEU B 525 45.98 -3.04 -35.18
CA LEU B 525 45.76 -1.60 -35.07
C LEU B 525 44.77 -1.08 -36.10
N ARG B 526 44.77 -1.69 -37.29
CA ARG B 526 43.81 -1.35 -38.32
C ARG B 526 42.40 -1.66 -37.79
N LYS B 527 42.27 -2.83 -37.16
CA LYS B 527 40.99 -3.27 -36.60
C LYS B 527 40.55 -2.36 -35.47
N TYR B 528 41.49 -2.06 -34.56
CA TYR B 528 41.25 -1.13 -33.46
C TYR B 528 40.76 0.24 -33.94
N ASN B 529 41.40 0.79 -34.97
CA ASN B 529 41.04 2.11 -35.47
C ASN B 529 39.66 2.07 -36.10
N HIS B 530 39.40 1.02 -36.87
CA HIS B 530 38.07 0.79 -37.42
C HIS B 530 37.02 0.74 -36.31
N VAL B 531 37.28 -0.05 -35.26
CA VAL B 531 36.36 -0.09 -34.12
C VAL B 531 36.12 1.28 -33.49
N LYS B 532 37.18 2.05 -33.26
CA LYS B 532 37.00 3.39 -32.69
C LYS B 532 36.06 4.27 -33.53
N ALA B 533 36.19 4.18 -34.86
CA ALA B 533 35.35 4.95 -35.79
C ALA B 533 33.88 4.49 -35.73
N LEU B 534 33.69 3.18 -35.62
CA LEU B 534 32.35 2.60 -35.42
C LEU B 534 31.70 3.04 -34.11
N GLN B 535 32.48 3.12 -33.03
CA GLN B 535 31.99 3.67 -31.78
C GLN B 535 31.54 5.13 -31.93
N GLN B 536 32.32 5.94 -32.66
CA GLN B 536 31.93 7.33 -32.87
C GLN B 536 30.66 7.41 -33.67
N GLN B 537 30.55 6.55 -34.68
CA GLN B 537 29.32 6.49 -35.49
C GLN B 537 28.07 6.15 -34.68
N MET B 538 28.23 5.22 -33.73
CA MET B 538 27.10 4.84 -32.85
C MET B 538 26.69 6.01 -31.93
N PHE B 539 27.71 6.73 -31.44
CA PHE B 539 27.48 7.95 -30.66
C PHE B 539 26.66 8.95 -31.48
N TYR B 540 27.05 9.18 -32.73
CA TYR B 540 26.35 10.14 -33.58
C TYR B 540 24.87 9.78 -33.70
N ILE B 541 24.56 8.51 -34.05
CA ILE B 541 23.16 8.08 -34.11
C ILE B 541 22.45 8.34 -32.78
N ASP B 542 23.10 7.96 -31.68
CA ASP B 542 22.54 8.09 -30.34
C ASP B 542 22.29 9.55 -29.94
N GLN B 543 23.01 10.48 -30.58
CA GLN B 543 22.85 11.90 -30.29
C GLN B 543 21.94 12.62 -31.28
N THR B 544 21.65 12.01 -32.43
CA THR B 544 20.88 12.72 -33.43
C THR B 544 19.47 12.15 -33.69
N SER B 545 19.31 10.84 -33.53
CA SER B 545 18.00 10.20 -33.65
C SER B 545 17.24 10.12 -32.34
N ASN B 546 15.91 10.10 -32.45
CA ASN B 546 15.03 9.86 -31.31
C ASN B 546 15.38 10.75 -30.09
N GLN B 547 15.56 12.04 -30.36
CA GLN B 547 15.93 12.98 -29.31
C GLN B 547 14.70 13.48 -28.54
N ASN B 548 14.27 12.71 -27.56
CA ASN B 548 13.20 13.12 -26.67
C ASN B 548 13.80 13.53 -25.32
N PRO B 549 13.00 14.19 -24.45
CA PRO B 549 13.48 14.71 -23.18
C PRO B 549 13.75 13.66 -22.11
N TYR B 550 13.33 12.42 -22.33
CA TYR B 550 13.30 11.41 -21.27
C TYR B 550 14.38 10.31 -21.38
N GLN B 551 14.39 9.56 -22.49
CA GLN B 551 15.45 8.60 -22.79
C GLN B 551 15.84 8.79 -24.23
N PRO B 552 16.68 9.83 -24.51
CA PRO B 552 17.04 10.15 -25.89
C PRO B 552 17.87 9.04 -26.50
N GLY B 553 17.81 8.90 -27.81
CA GLY B 553 18.76 8.07 -28.51
C GLY B 553 18.26 6.69 -28.91
N VAL B 554 19.21 5.82 -29.20
CA VAL B 554 18.92 4.59 -29.92
C VAL B 554 19.85 3.51 -29.39
N LYS B 555 19.28 2.58 -28.63
CA LYS B 555 20.00 1.44 -28.11
C LYS B 555 19.44 0.17 -28.73
N THR B 556 20.32 -0.80 -28.95
CA THR B 556 19.92 -2.03 -29.62
C THR B 556 20.80 -3.21 -29.20
N ALA B 557 20.25 -4.42 -29.25
CA ALA B 557 21.02 -5.64 -28.87
C ALA B 557 21.77 -5.44 -27.55
N THR B 558 21.05 -4.91 -26.57
CA THR B 558 21.66 -4.42 -25.35
C THR B 558 21.89 -5.50 -24.28
N ARG B 559 21.14 -6.59 -24.34
CA ARG B 559 21.20 -7.57 -23.24
C ARG B 559 22.43 -8.47 -23.31
N VAL B 560 22.74 -8.98 -24.50
CA VAL B 560 23.80 -9.96 -24.63
C VAL B 560 24.89 -9.44 -25.55
N ILE B 561 24.49 -8.90 -26.70
CA ILE B 561 25.43 -8.65 -27.78
C ILE B 561 26.36 -7.47 -27.52
N LYS B 562 25.79 -6.29 -27.26
CA LYS B 562 26.63 -5.13 -27.07
C LYS B 562 27.56 -5.35 -25.87
N PRO B 563 27.06 -5.89 -24.74
CA PRO B 563 28.02 -6.12 -23.64
C PRO B 563 29.13 -7.10 -23.96
N LEU B 564 28.86 -8.13 -24.77
CA LEU B 564 29.89 -9.07 -25.21
C LEU B 564 30.98 -8.40 -26.08
N ILE B 565 30.53 -7.61 -27.05
CA ILE B 565 31.44 -6.88 -27.91
C ILE B 565 32.33 -5.95 -27.09
N ASP B 566 31.70 -5.19 -26.20
CA ASP B 566 32.38 -4.18 -25.43
C ASP B 566 33.42 -4.81 -24.49
N ARG B 567 33.03 -5.90 -23.81
CA ARG B 567 33.95 -6.61 -22.92
C ARG B 567 35.09 -7.30 -23.67
N THR B 568 34.80 -7.90 -24.81
CA THR B 568 35.84 -8.52 -25.67
C THR B 568 36.83 -7.46 -26.20
N PHE B 569 36.30 -6.30 -26.59
CA PHE B 569 37.15 -5.19 -27.00
C PHE B 569 38.08 -4.75 -25.86
N ALA B 570 37.51 -4.46 -24.68
CA ALA B 570 38.30 -3.99 -23.57
C ALA B 570 39.40 -5.00 -23.20
N THR B 571 39.06 -6.29 -23.32
CA THR B 571 39.96 -7.36 -22.94
C THR B 571 41.15 -7.51 -23.90
N VAL B 572 40.90 -7.60 -25.21
CA VAL B 572 42.01 -7.68 -26.16
C VAL B 572 42.88 -6.43 -26.17
N VAL B 573 42.28 -5.25 -25.95
CA VAL B 573 43.03 -4.01 -25.87
C VAL B 573 44.02 -4.05 -24.69
N LYS B 574 43.55 -4.53 -23.54
CA LYS B 574 44.41 -4.72 -22.38
C LYS B 574 45.57 -5.68 -22.72
N PHE B 575 45.25 -6.81 -23.34
CA PHE B 575 46.26 -7.79 -23.73
C PHE B 575 47.29 -7.20 -24.69
N PHE B 576 46.82 -6.44 -25.69
CA PHE B 576 47.69 -5.78 -26.64
C PHE B 576 48.63 -4.80 -25.93
N ASN B 577 48.08 -4.03 -24.99
CA ASN B 577 48.85 -3.08 -24.22
C ASN B 577 49.93 -3.76 -23.38
N GLN B 578 49.62 -4.93 -22.82
CA GLN B 578 50.60 -5.70 -22.03
C GLN B 578 51.67 -6.32 -22.93
N LYS B 579 51.23 -6.90 -24.04
CA LYS B 579 52.12 -7.53 -25.01
C LYS B 579 53.13 -6.53 -25.60
N PHE B 580 52.64 -5.35 -25.99
CA PHE B 580 53.45 -4.37 -26.72
C PHE B 580 53.76 -3.09 -25.95
N ASN B 581 53.68 -3.16 -24.63
CA ASN B 581 53.96 -2.01 -23.80
C ASN B 581 53.30 -0.76 -24.31
N ALA B 582 52.05 -0.90 -24.75
CA ALA B 582 51.29 0.19 -25.36
C ALA B 582 50.24 0.80 -24.43
N HIS B 583 49.61 1.87 -24.88
CA HIS B 583 48.63 2.60 -24.06
C HIS B 583 47.32 2.89 -24.80
N LEU B 584 46.88 1.92 -25.62
CA LEU B 584 45.62 2.03 -26.35
C LEU B 584 44.44 2.26 -25.41
N ASP B 585 43.54 3.14 -25.81
CA ASP B 585 42.33 3.46 -25.07
C ASP B 585 41.35 2.27 -25.19
N ALA B 586 40.94 1.74 -24.04
CA ALA B 586 40.05 0.58 -23.98
C ALA B 586 38.58 0.98 -23.71
N THR B 587 38.30 2.28 -23.70
CA THR B 587 36.94 2.76 -23.46
C THR B 587 36.03 2.34 -24.63
N THR B 588 34.78 2.05 -24.33
CA THR B 588 33.86 1.43 -25.31
C THR B 588 32.76 2.36 -25.84
N ASP B 589 32.39 3.37 -25.08
CA ASP B 589 31.46 4.39 -25.58
C ASP B 589 32.22 5.64 -25.92
N TYR B 590 32.10 6.09 -27.16
CA TYR B 590 32.75 7.32 -27.59
C TYR B 590 32.21 8.52 -26.80
N MET B 591 33.15 9.35 -26.34
CA MET B 591 32.84 10.57 -25.60
C MET B 591 33.80 11.66 -26.09
N PRO B 592 33.28 12.68 -26.81
CA PRO B 592 34.12 13.74 -27.38
C PRO B 592 34.70 14.71 -26.34
N HIS B 593 34.04 14.83 -25.21
CA HIS B 593 34.52 15.69 -24.14
C HIS B 593 35.34 14.88 -23.16
N LYS B 594 36.17 15.56 -22.36
CA LYS B 594 37.06 14.89 -21.40
C LYS B 594 36.94 15.43 -19.98
N MET B 595 37.08 14.54 -18.99
CA MET B 595 37.35 14.81 -17.58
C MET B 595 38.66 14.16 -17.14
N ASN B 604 37.12 9.18 -12.89
CA ASN B 604 36.97 7.85 -13.44
C ASN B 604 35.52 7.42 -13.69
N LEU B 605 34.59 8.31 -13.38
CA LEU B 605 33.20 8.10 -13.77
C LEU B 605 33.07 8.65 -15.19
N PRO B 606 32.46 7.87 -16.08
CA PRO B 606 32.34 8.28 -17.48
C PRO B 606 31.42 9.48 -17.66
N LEU B 607 31.80 10.39 -18.54
CA LEU B 607 30.92 11.49 -18.88
C LEU B 607 29.80 10.99 -19.78
N GLN B 608 28.68 11.69 -19.74
CA GLN B 608 27.56 11.38 -20.61
C GLN B 608 27.09 12.65 -21.31
N VAL B 609 26.51 12.49 -22.47
CA VAL B 609 25.88 13.58 -23.18
C VAL B 609 24.40 13.27 -23.40
N LYS B 610 23.54 14.13 -22.91
CA LYS B 610 22.11 14.06 -23.18
C LYS B 610 21.57 15.41 -23.65
N ALA B 611 21.04 15.44 -24.85
CA ALA B 611 20.63 16.67 -25.46
C ALA B 611 21.74 17.70 -25.28
N ASN B 612 21.42 18.83 -24.67
CA ASN B 612 22.39 19.89 -24.51
C ASN B 612 23.06 19.88 -23.15
N ARG B 613 23.12 18.72 -22.54
CA ARG B 613 23.72 18.56 -21.23
C ARG B 613 24.98 17.69 -21.29
N VAL B 614 25.96 18.06 -20.48
CA VAL B 614 27.15 17.25 -20.30
C VAL B 614 27.28 17.01 -18.81
N LEU B 615 27.30 15.71 -18.40
CA LEU B 615 27.23 15.25 -17.03
C LEU B 615 28.15 14.09 -16.69
N ILE B 616 28.54 14.14 -15.40
CA ILE B 616 29.30 13.02 -14.87
C ILE B 616 28.33 11.99 -14.33
N SER B 617 28.57 10.73 -14.63
CA SER B 617 27.70 9.66 -14.14
C SER B 617 27.68 9.70 -12.62
N PRO B 618 26.48 9.75 -12.04
CA PRO B 618 26.34 9.76 -10.58
C PRO B 618 26.62 8.39 -9.95
N VAL B 631 36.88 16.60 -10.95
CA VAL B 631 37.59 17.84 -10.65
C VAL B 631 37.51 18.80 -11.84
N GLU B 632 37.79 18.31 -13.05
CA GLU B 632 37.82 19.16 -14.24
C GLU B 632 37.26 18.53 -15.55
N ILE B 633 36.32 19.25 -16.18
CA ILE B 633 35.73 18.85 -17.46
C ILE B 633 36.28 19.73 -18.59
N GLU B 634 36.69 19.10 -19.70
CA GLU B 634 37.06 19.81 -20.91
C GLU B 634 36.15 19.41 -22.07
N LEU B 635 35.29 20.35 -22.49
CA LEU B 635 34.46 20.17 -23.68
C LEU B 635 35.31 20.19 -24.94
N ASP B 636 34.79 19.60 -26.01
CA ASP B 636 35.52 19.49 -27.27
C ASP B 636 35.58 20.83 -28.04
N ALA B 637 34.94 21.86 -27.50
CA ALA B 637 34.96 23.23 -28.06
C ALA B 637 34.44 24.26 -27.06
N ILE B 638 34.46 25.54 -27.44
CA ILE B 638 33.87 26.63 -26.64
C ILE B 638 32.36 26.77 -26.98
N TYR B 639 31.52 26.60 -25.97
CA TYR B 639 30.07 26.75 -26.12
C TYR B 639 29.56 27.83 -25.16
N PRO B 640 28.45 28.53 -25.52
CA PRO B 640 27.81 29.41 -24.55
C PRO B 640 27.15 28.60 -23.43
N GLY B 641 27.49 28.93 -22.18
CA GLY B 641 27.02 28.18 -21.03
C GLY B 641 25.64 28.59 -20.58
N GLU B 642 24.85 27.63 -20.12
CA GLU B 642 23.47 27.89 -19.71
C GLU B 642 23.35 27.89 -18.19
N ASN B 643 23.66 26.75 -17.57
CA ASN B 643 23.66 26.58 -16.11
C ASN B 643 24.38 25.30 -15.62
N ILE B 644 24.68 25.25 -14.32
CA ILE B 644 25.32 24.09 -13.71
C ILE B 644 24.53 23.64 -12.49
N GLN B 645 24.18 22.35 -12.45
CA GLN B 645 23.47 21.81 -11.30
C GLN B 645 24.30 20.70 -10.67
N ILE B 646 24.58 20.87 -9.38
CA ILE B 646 25.38 19.92 -8.62
C ILE B 646 24.64 19.52 -7.38
N LEU B 680 22.13 22.33 -5.78
CA LEU B 680 22.87 23.58 -5.97
C LEU B 680 22.91 23.91 -7.46
N SER B 681 22.72 25.19 -7.79
CA SER B 681 22.66 25.63 -9.19
C SER B 681 23.14 27.06 -9.39
N ALA B 682 23.53 27.38 -10.63
CA ALA B 682 23.98 28.72 -11.00
C ALA B 682 23.79 28.97 -12.50
N GLY B 683 23.00 29.99 -12.83
CA GLY B 683 22.85 30.43 -14.21
C GLY B 683 24.17 30.96 -14.73
N LEU B 684 24.52 30.56 -15.95
CA LEU B 684 25.81 30.94 -16.53
C LEU B 684 25.72 32.14 -17.49
N GLN B 685 24.49 32.59 -17.76
CA GLN B 685 24.22 33.80 -18.57
C GLN B 685 24.95 33.83 -19.93
N LYS B 686 24.88 32.72 -20.65
CA LYS B 686 25.47 32.58 -22.00
C LYS B 686 27.00 32.74 -22.10
N ALA B 687 27.70 32.67 -20.97
CA ALA B 687 29.15 32.90 -20.93
C ALA B 687 29.94 31.77 -21.60
N PRO B 688 30.84 32.11 -22.54
CA PRO B 688 31.65 31.11 -23.24
C PRO B 688 32.38 30.20 -22.25
N VAL B 689 32.35 28.90 -22.51
CA VAL B 689 32.98 27.91 -21.63
C VAL B 689 33.53 26.72 -22.41
N LYS B 690 34.78 26.37 -22.12
CA LYS B 690 35.40 25.14 -22.61
C LYS B 690 35.78 24.24 -21.43
N PHE B 691 36.35 24.84 -20.39
CA PHE B 691 36.74 24.11 -19.17
C PHE B 691 35.79 24.41 -18.01
N VAL B 692 35.54 23.41 -17.18
CA VAL B 692 34.72 23.55 -16.00
C VAL B 692 35.43 22.88 -14.82
N ARG B 693 35.82 23.67 -13.82
CA ARG B 693 36.59 23.14 -12.68
C ARG B 693 35.95 23.36 -11.31
N PHE B 694 36.10 22.36 -10.45
CA PHE B 694 35.56 22.42 -9.11
C PHE B 694 36.49 21.72 -8.13
N PHE B 709 25.88 16.47 -10.87
CA PHE B 709 26.86 17.25 -11.63
C PHE B 709 26.57 17.31 -13.14
N VAL B 710 25.80 18.32 -13.55
CA VAL B 710 25.34 18.49 -14.94
C VAL B 710 25.59 19.92 -15.40
N LEU B 711 26.27 20.04 -16.54
CA LEU B 711 26.45 21.33 -17.20
C LEU B 711 25.51 21.39 -18.40
N THR B 712 24.72 22.46 -18.47
CA THR B 712 23.85 22.72 -19.63
C THR B 712 24.49 23.81 -20.50
N ILE B 713 24.56 23.55 -21.80
CA ILE B 713 25.15 24.47 -22.76
C ILE B 713 24.14 24.81 -23.87
N GLU B 714 24.48 25.75 -24.75
CA GLU B 714 23.68 26.05 -25.92
C GLU B 714 24.16 25.18 -27.08
N LYS B 715 23.32 24.23 -27.49
CA LYS B 715 23.68 23.27 -28.55
C LYS B 715 22.46 22.65 -29.26
C1 GOL C . -16.76 3.36 18.99
O1 GOL C . -16.44 2.21 19.75
C2 GOL C . -17.04 4.54 19.92
O2 GOL C . -15.81 5.04 20.41
C3 GOL C . -17.86 5.60 19.20
O3 GOL C . -17.32 6.89 19.40
O7 LTM D . -6.12 8.26 17.07
C7 LTM D . -6.52 9.39 16.82
C8 LTM D . -5.55 10.43 16.34
N2 LTM D . -7.85 9.78 16.95
C2 LTM D . -8.83 8.78 17.47
C3 LTM D . -8.65 8.56 18.98
O3 LTM D . -9.37 9.66 19.59
C4 LTM D . -9.25 7.21 19.37
O4 LTM D . -9.21 7.05 20.79
C5 LTM D . -8.42 6.14 18.67
C6 LTM D . -8.76 4.72 19.08
O6 LTM D . -10.18 4.55 18.82
N5 LTM D . -8.75 6.23 17.22
C1 LTM D . -8.80 7.50 16.67
O1 LTM D . -8.85 7.56 15.44
C1 GOL E . -18.77 -13.33 27.91
O1 GOL E . -17.89 -13.08 29.01
C2 GOL E . -19.69 -14.50 28.22
O2 GOL E . -19.78 -15.26 27.03
C3 GOL E . -21.07 -13.97 28.57
O3 GOL E . -22.02 -15.02 28.56
O7 LTM F . -0.64 2.31 -17.08
C7 LTM F . -1.43 3.21 -16.84
C8 LTM F . -2.85 2.88 -16.45
N2 LTM F . -1.09 4.56 -16.88
C2 LTM F . 0.26 4.95 -17.36
C3 LTM F . 0.35 4.71 -18.86
O3 LTM F . -0.23 5.87 -19.51
C4 LTM F . 1.81 4.56 -19.27
O4 LTM F . 1.87 4.43 -20.70
C5 LTM F . 2.36 3.32 -18.53
C6 LTM F . 3.79 2.95 -18.91
O6 LTM F . 4.63 4.08 -18.66
N5 LTM F . 2.36 3.54 -17.06
C1 LTM F . 1.31 4.23 -16.53
O1 LTM F . 1.21 4.23 -15.31
C1 GOL G . 24.85 2.90 -27.69
O1 GOL G . 23.98 3.31 -28.72
C2 GOL G . 26.22 3.57 -27.81
O2 GOL G . 26.83 3.50 -26.54
C3 GOL G . 26.13 5.05 -28.17
O3 GOL G . 27.40 5.65 -28.01
C1 GOL H . 0.93 13.84 -12.28
O1 GOL H . 1.80 13.32 -13.26
C2 GOL H . 1.73 14.19 -11.04
O2 GOL H . 1.10 15.28 -10.40
C3 GOL H . 1.83 13.00 -10.08
O3 GOL H . 1.10 11.88 -10.53
#